data_1MT8
# 
_entry.id   1MT8 
# 
_audit_conform.dict_name       mmcif_pdbx.dic 
_audit_conform.dict_version    5.386 
_audit_conform.dict_location   http://mmcif.pdb.org/dictionaries/ascii/mmcif_pdbx.dic 
# 
loop_
_database_2.database_id 
_database_2.database_code 
_database_2.pdbx_database_accession 
_database_2.pdbx_DOI 
PDB   1MT8         pdb_00001mt8 10.2210/pdb1mt8/pdb 
RCSB  RCSB017166   ?            ?                   
WWPDB D_1000017166 ?            ?                   
# 
loop_
_pdbx_audit_revision_history.ordinal 
_pdbx_audit_revision_history.data_content_type 
_pdbx_audit_revision_history.major_revision 
_pdbx_audit_revision_history.minor_revision 
_pdbx_audit_revision_history.revision_date 
1 'Structure model' 1 0 2003-01-07 
2 'Structure model' 1 1 2008-04-28 
3 'Structure model' 1 2 2011-07-13 
4 'Structure model' 1 3 2017-10-11 
5 'Structure model' 1 4 2024-02-14 
# 
_pdbx_audit_revision_details.ordinal             1 
_pdbx_audit_revision_details.revision_ordinal    1 
_pdbx_audit_revision_details.data_content_type   'Structure model' 
_pdbx_audit_revision_details.provider            repository 
_pdbx_audit_revision_details.type                'Initial release' 
_pdbx_audit_revision_details.description         ? 
_pdbx_audit_revision_details.details             ? 
# 
loop_
_pdbx_audit_revision_group.ordinal 
_pdbx_audit_revision_group.revision_ordinal 
_pdbx_audit_revision_group.data_content_type 
_pdbx_audit_revision_group.group 
1 2 'Structure model' 'Version format compliance' 
2 3 'Structure model' 'Version format compliance' 
3 4 'Structure model' 'Refinement description'    
4 5 'Structure model' 'Data collection'           
5 5 'Structure model' 'Database references'       
6 5 'Structure model' 'Derived calculations'      
7 5 'Structure model' 'Refinement description'    
# 
loop_
_pdbx_audit_revision_category.ordinal 
_pdbx_audit_revision_category.revision_ordinal 
_pdbx_audit_revision_category.data_content_type 
_pdbx_audit_revision_category.category 
1 4 'Structure model' software                      
2 5 'Structure model' chem_comp_atom                
3 5 'Structure model' chem_comp_bond                
4 5 'Structure model' database_2                    
5 5 'Structure model' pdbx_initial_refinement_model 
6 5 'Structure model' struct_ref_seq_dif            
7 5 'Structure model' struct_site                   
# 
loop_
_pdbx_audit_revision_item.ordinal 
_pdbx_audit_revision_item.revision_ordinal 
_pdbx_audit_revision_item.data_content_type 
_pdbx_audit_revision_item.item 
1 5 'Structure model' '_database_2.pdbx_DOI'                
2 5 'Structure model' '_database_2.pdbx_database_accession' 
3 5 'Structure model' '_struct_ref_seq_dif.details'         
4 5 'Structure model' '_struct_site.pdbx_auth_asym_id'      
5 5 'Structure model' '_struct_site.pdbx_auth_comp_id'      
6 5 'Structure model' '_struct_site.pdbx_auth_seq_id'       
# 
_pdbx_database_status.status_code                     REL 
_pdbx_database_status.entry_id                        1MT8 
_pdbx_database_status.process_site                    RCSB 
_pdbx_database_status.recvd_initial_deposition_date   2002-09-20 
_pdbx_database_status.deposit_site                    RCSB 
_pdbx_database_status.SG_entry                        . 
_pdbx_database_status.status_code_sf                  ? 
_pdbx_database_status.status_code_mr                  ? 
_pdbx_database_status.status_code_cs                  ? 
_pdbx_database_status.pdb_format_compatible           Y 
_pdbx_database_status.methods_development_category    ? 
_pdbx_database_status.status_code_nmr_data            ? 
# 
loop_
_pdbx_database_related.db_name 
_pdbx_database_related.db_id 
_pdbx_database_related.details 
_pdbx_database_related.content_type 
PDB 1KJ4 'Inactive wild-type HIV-1 protease (D25N) complexed with its Gag substrate peptide MA-CA.' unspecified 
PDB 1MTR 'HIV-1 PROTEASE COMPLEXED WITH A CYCLIC PHE-ILE-VAL PEPTIDOMIMETIC INHIBITOR'              unspecified 
PDB 1MT7 .                                                                                          unspecified 
PDB 1MT9 .                                                                                          unspecified 
PDB 1MTB .                                                                                          unspecified 
# 
loop_
_audit_author.name 
_audit_author.pdbx_ordinal 
'Prabu-Jeyabalan, M.' 1 
'Nalivaika, E.A.'     2 
'King, N.M.'          3 
'Schiffer, C.A.'      4 
# 
loop_
_citation.id 
_citation.title 
_citation.journal_abbrev 
_citation.journal_volume 
_citation.page_first 
_citation.page_last 
_citation.year 
_citation.journal_id_ASTM 
_citation.country 
_citation.journal_id_ISSN 
_citation.journal_id_CSD 
_citation.book_publisher 
_citation.pdbx_database_id_PubMed 
_citation.pdbx_database_id_DOI 
primary 
'Viability of drug-resistant human immunodeficiency virus type 1 protease variant: structural insights for better antiviral therapy' 
J.Virol.       77  1305 1315 2003 JOVIAM US 0022-538X 0825 ? 12502847 10.1128/JVI.77.2.1306-1315.2003 
1       
;How does a symmetric dimer recognize an asymmetric substrate? A substrate 
complex of HIV-1 protease
;
J.Mol.Biol.    301 1207 1220 2000 JMOBAK UK 0022-2836 0070 ? ?        10.1006/jmbi.2000.4018          
2       
;Substrate shape determines specificity of recognition for HIV-1 protease: 
Analysis of crystal structures of six substrate complexes
;
Structure      10  369  381  2002 STRUE6 UK 0969-2126 2005 ? ?        '10.1016/S0969-2126(02)00720-7' 
3       'Lack of synergy for inhibitors targeting a multi-drug resistant HIV-1 protease' 'Protein Sci.' 11  418  429  2002 PRCIEI 
US 0961-8368 0795 ? ?        10.1110/ps.2520102              
# 
loop_
_citation_author.citation_id 
_citation_author.name 
_citation_author.ordinal 
_citation_author.identifier_ORCID 
primary 'Prabu-Jeyabalan, M.' 1  ? 
primary 'Nalivaika, E.A.'     2  ? 
primary 'King, N.M.'          3  ? 
primary 'Schiffer, C.A.'      4  ? 
1       'Prabu-Jeyabalan, M.' 5  ? 
1       'Nalivaika, E.A.'     6  ? 
1       'Schiffer, C.A.'      7  ? 
2       'Prabu-Jeyabalan, M.' 8  ? 
2       'Nalivaika, E.A.'     9  ? 
2       'Schiffer, C.A.'      10 ? 
3       'King, N.M.'          11 ? 
3       'Melnick, L.'         12 ? 
3       'Prabu-Jeyabalan, M.' 13 ? 
3       'Nalivaika, E.A.'     14 ? 
3       'Yang, S.-S.'         15 ? 
3       'Gao, Y.'             16 ? 
3       'Nie, X.'             17 ? 
3       'Zepp, C.'            18 ? 
3       'Heefner, D.L.'       19 ? 
3       'Schiffer, C.A.'      20 ? 
# 
loop_
_entity.id 
_entity.type 
_entity.src_method 
_entity.pdbx_description 
_entity.formula_weight 
_entity.pdbx_number_of_molecules 
_entity.pdbx_ec 
_entity.pdbx_mutation 
_entity.pdbx_fragment 
_entity.details 
1 polymer     man 'PROTEASE RETROPEPSIN'                                 10772.724 2  3.4.23.16 'Q7K, D25N, L63P, V82A' ? ? 
2 polymer     syn 'Capsid-p2 substrate peptide of HIV-1 Gag polyprotein' 1077.298  1  ?         ?                       ? ? 
3 non-polymer syn 'ACETATE ION'                                          59.044    3  ?         ?                       ? ? 
4 water       nat water                                                  18.015    58 ?         ?                       ? ? 
# 
_entity_name_com.entity_id   1 
_entity_name_com.name        'HIV-1 PROTEASE' 
# 
_entity_name_sys.entity_id   1 
_entity_name_sys.name        E.C.3.4.23.16 
# 
loop_
_entity_poly.entity_id 
_entity_poly.type 
_entity_poly.nstd_linkage 
_entity_poly.nstd_monomer 
_entity_poly.pdbx_seq_one_letter_code 
_entity_poly.pdbx_seq_one_letter_code_can 
_entity_poly.pdbx_strand_id 
_entity_poly.pdbx_target_identifier 
1 'polypeptide(L)' no no 
;PQITLWKRPLVTIRIGGQLKEALLNTGADDTVLEEMNLPGKWKPKMIGGIGGFIKVRQYDQIPVEICGHKAIGTVLVGPT
PANIIGRNLLTQIGCTLNF
;
;PQITLWKRPLVTIRIGGQLKEALLNTGADDTVLEEMNLPGKWKPKMIGGIGGFIKVRQYDQIPVEICGHKAIGTVLVGPT
PANIIGRNLLTQIGCTLNF
;
A,B ? 
2 'polypeptide(L)' no no KARVLAEAMS                                                                                             
KARVLAEAMS                                                                                             P   ? 
# 
loop_
_pdbx_entity_nonpoly.entity_id 
_pdbx_entity_nonpoly.name 
_pdbx_entity_nonpoly.comp_id 
3 'ACETATE ION' ACT 
4 water         HOH 
# 
loop_
_entity_poly_seq.entity_id 
_entity_poly_seq.num 
_entity_poly_seq.mon_id 
_entity_poly_seq.hetero 
1 1  PRO n 
1 2  GLN n 
1 3  ILE n 
1 4  THR n 
1 5  LEU n 
1 6  TRP n 
1 7  LYS n 
1 8  ARG n 
1 9  PRO n 
1 10 LEU n 
1 11 VAL n 
1 12 THR n 
1 13 ILE n 
1 14 ARG n 
1 15 ILE n 
1 16 GLY n 
1 17 GLY n 
1 18 GLN n 
1 19 LEU n 
1 20 LYS n 
1 21 GLU n 
1 22 ALA n 
1 23 LEU n 
1 24 LEU n 
1 25 ASN n 
1 26 THR n 
1 27 GLY n 
1 28 ALA n 
1 29 ASP n 
1 30 ASP n 
1 31 THR n 
1 32 VAL n 
1 33 LEU n 
1 34 GLU n 
1 35 GLU n 
1 36 MET n 
1 37 ASN n 
1 38 LEU n 
1 39 PRO n 
1 40 GLY n 
1 41 LYS n 
1 42 TRP n 
1 43 LYS n 
1 44 PRO n 
1 45 LYS n 
1 46 MET n 
1 47 ILE n 
1 48 GLY n 
1 49 GLY n 
1 50 ILE n 
1 51 GLY n 
1 52 GLY n 
1 53 PHE n 
1 54 ILE n 
1 55 LYS n 
1 56 VAL n 
1 57 ARG n 
1 58 GLN n 
1 59 TYR n 
1 60 ASP n 
1 61 GLN n 
1 62 ILE n 
1 63 PRO n 
1 64 VAL n 
1 65 GLU n 
1 66 ILE n 
1 67 CYS n 
1 68 GLY n 
1 69 HIS n 
1 70 LYS n 
1 71 ALA n 
1 72 ILE n 
1 73 GLY n 
1 74 THR n 
1 75 VAL n 
1 76 LEU n 
1 77 VAL n 
1 78 GLY n 
1 79 PRO n 
1 80 THR n 
1 81 PRO n 
1 82 ALA n 
1 83 ASN n 
1 84 ILE n 
1 85 ILE n 
1 86 GLY n 
1 87 ARG n 
1 88 ASN n 
1 89 LEU n 
1 90 LEU n 
1 91 THR n 
1 92 GLN n 
1 93 ILE n 
1 94 GLY n 
1 95 CYS n 
1 96 THR n 
1 97 LEU n 
1 98 ASN n 
1 99 PHE n 
2 1  LYS n 
2 2  ALA n 
2 3  ARG n 
2 4  VAL n 
2 5  LEU n 
2 6  ALA n 
2 7  GLU n 
2 8  ALA n 
2 9  MET n 
2 10 SER n 
# 
_entity_src_gen.entity_id                          1 
_entity_src_gen.pdbx_src_id                        1 
_entity_src_gen.pdbx_alt_source_flag               sample 
_entity_src_gen.pdbx_seq_type                      ? 
_entity_src_gen.pdbx_beg_seq_num                   ? 
_entity_src_gen.pdbx_end_seq_num                   ? 
_entity_src_gen.gene_src_common_name               ? 
_entity_src_gen.gene_src_genus                     Lentivirus 
_entity_src_gen.pdbx_gene_src_gene                 ? 
_entity_src_gen.gene_src_species                   ? 
_entity_src_gen.gene_src_strain                    ? 
_entity_src_gen.gene_src_tissue                    ? 
_entity_src_gen.gene_src_tissue_fraction           ? 
_entity_src_gen.gene_src_details                   ? 
_entity_src_gen.pdbx_gene_src_fragment             ? 
_entity_src_gen.pdbx_gene_src_scientific_name      'Human immunodeficiency virus 1' 
_entity_src_gen.pdbx_gene_src_ncbi_taxonomy_id     11676 
_entity_src_gen.pdbx_gene_src_variant              ? 
_entity_src_gen.pdbx_gene_src_cell_line            ? 
_entity_src_gen.pdbx_gene_src_atcc                 ? 
_entity_src_gen.pdbx_gene_src_organ                ? 
_entity_src_gen.pdbx_gene_src_organelle            ? 
_entity_src_gen.pdbx_gene_src_cell                 ? 
_entity_src_gen.pdbx_gene_src_cellular_location    ? 
_entity_src_gen.host_org_common_name               ? 
_entity_src_gen.pdbx_host_org_scientific_name      'Escherichia coli' 
_entity_src_gen.pdbx_host_org_ncbi_taxonomy_id     562 
_entity_src_gen.host_org_genus                     Escherichia 
_entity_src_gen.pdbx_host_org_gene                 ? 
_entity_src_gen.pdbx_host_org_organ                ? 
_entity_src_gen.host_org_species                   ? 
_entity_src_gen.pdbx_host_org_tissue               ? 
_entity_src_gen.pdbx_host_org_tissue_fraction      ? 
_entity_src_gen.pdbx_host_org_strain               TAP106 
_entity_src_gen.pdbx_host_org_variant              ? 
_entity_src_gen.pdbx_host_org_cell_line            ? 
_entity_src_gen.pdbx_host_org_atcc                 ? 
_entity_src_gen.pdbx_host_org_culture_collection   ? 
_entity_src_gen.pdbx_host_org_cell                 ? 
_entity_src_gen.pdbx_host_org_organelle            ? 
_entity_src_gen.pdbx_host_org_cellular_location    ? 
_entity_src_gen.pdbx_host_org_vector_type          PLASMID 
_entity_src_gen.pdbx_host_org_vector               ? 
_entity_src_gen.host_org_details                   ? 
_entity_src_gen.expression_system_id               ? 
_entity_src_gen.plasmid_name                       pXC35-pEN18 
_entity_src_gen.plasmid_details                    ? 
_entity_src_gen.pdbx_description                   ? 
# 
_pdbx_entity_src_syn.entity_id              2 
_pdbx_entity_src_syn.pdbx_src_id            1 
_pdbx_entity_src_syn.pdbx_alt_source_flag   sample 
_pdbx_entity_src_syn.pdbx_beg_seq_num       ? 
_pdbx_entity_src_syn.pdbx_end_seq_num       ? 
_pdbx_entity_src_syn.organism_scientific    ? 
_pdbx_entity_src_syn.organism_common_name   ? 
_pdbx_entity_src_syn.ncbi_taxonomy_id       ? 
_pdbx_entity_src_syn.details                'This peptide sequence occurs naturally in Gag of HIV-1' 
# 
loop_
_chem_comp.id 
_chem_comp.type 
_chem_comp.mon_nstd_flag 
_chem_comp.name 
_chem_comp.pdbx_synonyms 
_chem_comp.formula 
_chem_comp.formula_weight 
ACT non-polymer         . 'ACETATE ION'   ? 'C2 H3 O2 -1'    59.044  
ALA 'L-peptide linking' y ALANINE         ? 'C3 H7 N O2'     89.093  
ARG 'L-peptide linking' y ARGININE        ? 'C6 H15 N4 O2 1' 175.209 
ASN 'L-peptide linking' y ASPARAGINE      ? 'C4 H8 N2 O3'    132.118 
ASP 'L-peptide linking' y 'ASPARTIC ACID' ? 'C4 H7 N O4'     133.103 
CYS 'L-peptide linking' y CYSTEINE        ? 'C3 H7 N O2 S'   121.158 
GLN 'L-peptide linking' y GLUTAMINE       ? 'C5 H10 N2 O3'   146.144 
GLU 'L-peptide linking' y 'GLUTAMIC ACID' ? 'C5 H9 N O4'     147.129 
GLY 'peptide linking'   y GLYCINE         ? 'C2 H5 N O2'     75.067  
HIS 'L-peptide linking' y HISTIDINE       ? 'C6 H10 N3 O2 1' 156.162 
HOH non-polymer         . WATER           ? 'H2 O'           18.015  
ILE 'L-peptide linking' y ISOLEUCINE      ? 'C6 H13 N O2'    131.173 
LEU 'L-peptide linking' y LEUCINE         ? 'C6 H13 N O2'    131.173 
LYS 'L-peptide linking' y LYSINE          ? 'C6 H15 N2 O2 1' 147.195 
MET 'L-peptide linking' y METHIONINE      ? 'C5 H11 N O2 S'  149.211 
PHE 'L-peptide linking' y PHENYLALANINE   ? 'C9 H11 N O2'    165.189 
PRO 'L-peptide linking' y PROLINE         ? 'C5 H9 N O2'     115.130 
SER 'L-peptide linking' y SERINE          ? 'C3 H7 N O3'     105.093 
THR 'L-peptide linking' y THREONINE       ? 'C4 H9 N O3'     119.119 
TRP 'L-peptide linking' y TRYPTOPHAN      ? 'C11 H12 N2 O2'  204.225 
TYR 'L-peptide linking' y TYROSINE        ? 'C9 H11 N O3'    181.189 
VAL 'L-peptide linking' y VALINE          ? 'C5 H11 N O2'    117.146 
# 
loop_
_pdbx_poly_seq_scheme.asym_id 
_pdbx_poly_seq_scheme.entity_id 
_pdbx_poly_seq_scheme.seq_id 
_pdbx_poly_seq_scheme.mon_id 
_pdbx_poly_seq_scheme.ndb_seq_num 
_pdbx_poly_seq_scheme.pdb_seq_num 
_pdbx_poly_seq_scheme.auth_seq_num 
_pdbx_poly_seq_scheme.pdb_mon_id 
_pdbx_poly_seq_scheme.auth_mon_id 
_pdbx_poly_seq_scheme.pdb_strand_id 
_pdbx_poly_seq_scheme.pdb_ins_code 
_pdbx_poly_seq_scheme.hetero 
A 1 1  PRO 1  1  1  PRO PRO A . n 
A 1 2  GLN 2  2  2  GLN GLN A . n 
A 1 3  ILE 3  3  3  ILE ILE A . n 
A 1 4  THR 4  4  4  THR THR A . n 
A 1 5  LEU 5  5  5  LEU LEU A . n 
A 1 6  TRP 6  6  6  TRP TRP A . n 
A 1 7  LYS 7  7  7  LYS LYS A . n 
A 1 8  ARG 8  8  8  ARG ARG A . n 
A 1 9  PRO 9  9  9  PRO PRO A . n 
A 1 10 LEU 10 10 10 LEU LEU A . n 
A 1 11 VAL 11 11 11 VAL VAL A . n 
A 1 12 THR 12 12 12 THR THR A . n 
A 1 13 ILE 13 13 13 ILE ILE A . n 
A 1 14 ARG 14 14 14 ARG ARG A . n 
A 1 15 ILE 15 15 15 ILE ILE A . n 
A 1 16 GLY 16 16 16 GLY GLY A . n 
A 1 17 GLY 17 17 17 GLY GLY A . n 
A 1 18 GLN 18 18 18 GLN GLN A . n 
A 1 19 LEU 19 19 19 LEU LEU A . n 
A 1 20 LYS 20 20 20 LYS LYS A . n 
A 1 21 GLU 21 21 21 GLU GLU A . n 
A 1 22 ALA 22 22 22 ALA ALA A . n 
A 1 23 LEU 23 23 23 LEU LEU A . n 
A 1 24 LEU 24 24 24 LEU LEU A . n 
A 1 25 ASN 25 25 25 ASN ASN A . n 
A 1 26 THR 26 26 26 THR THR A . n 
A 1 27 GLY 27 27 27 GLY GLY A . n 
A 1 28 ALA 28 28 28 ALA ALA A . n 
A 1 29 ASP 29 29 29 ASP ASP A . n 
A 1 30 ASP 30 30 30 ASP ASP A . n 
A 1 31 THR 31 31 31 THR THR A . n 
A 1 32 VAL 32 32 32 VAL VAL A . n 
A 1 33 LEU 33 33 33 LEU LEU A . n 
A 1 34 GLU 34 34 34 GLU GLU A . n 
A 1 35 GLU 35 35 35 GLU GLU A . n 
A 1 36 MET 36 36 36 MET MET A . n 
A 1 37 ASN 37 37 37 ASN ASN A . n 
A 1 38 LEU 38 38 38 LEU LEU A . n 
A 1 39 PRO 39 39 39 PRO PRO A . n 
A 1 40 GLY 40 40 40 GLY GLY A . n 
A 1 41 LYS 41 41 41 LYS LYS A . n 
A 1 42 TRP 42 42 42 TRP TRP A . n 
A 1 43 LYS 43 43 43 LYS LYS A . n 
A 1 44 PRO 44 44 44 PRO PRO A . n 
A 1 45 LYS 45 45 45 LYS LYS A . n 
A 1 46 MET 46 46 46 MET MET A . n 
A 1 47 ILE 47 47 47 ILE ILE A . n 
A 1 48 GLY 48 48 48 GLY GLY A . n 
A 1 49 GLY 49 49 49 GLY GLY A . n 
A 1 50 ILE 50 50 50 ILE ILE A . n 
A 1 51 GLY 51 51 51 GLY GLY A . n 
A 1 52 GLY 52 52 52 GLY GLY A . n 
A 1 53 PHE 53 53 53 PHE PHE A . n 
A 1 54 ILE 54 54 54 ILE ILE A . n 
A 1 55 LYS 55 55 55 LYS LYS A . n 
A 1 56 VAL 56 56 56 VAL VAL A . n 
A 1 57 ARG 57 57 57 ARG ARG A . n 
A 1 58 GLN 58 58 58 GLN GLN A . n 
A 1 59 TYR 59 59 59 TYR TYR A . n 
A 1 60 ASP 60 60 60 ASP ASP A . n 
A 1 61 GLN 61 61 61 GLN GLN A . n 
A 1 62 ILE 62 62 62 ILE ILE A . n 
A 1 63 PRO 63 63 63 PRO PRO A . n 
A 1 64 VAL 64 64 64 VAL VAL A . n 
A 1 65 GLU 65 65 65 GLU GLU A . n 
A 1 66 ILE 66 66 66 ILE ILE A . n 
A 1 67 CYS 67 67 67 CYS CYS A . n 
A 1 68 GLY 68 68 68 GLY GLY A . n 
A 1 69 HIS 69 69 69 HIS HIS A . n 
A 1 70 LYS 70 70 70 LYS LYS A . n 
A 1 71 ALA 71 71 71 ALA ALA A . n 
A 1 72 ILE 72 72 72 ILE ILE A . n 
A 1 73 GLY 73 73 73 GLY GLY A . n 
A 1 74 THR 74 74 74 THR THR A . n 
A 1 75 VAL 75 75 75 VAL VAL A . n 
A 1 76 LEU 76 76 76 LEU LEU A . n 
A 1 77 VAL 77 77 77 VAL VAL A . n 
A 1 78 GLY 78 78 78 GLY GLY A . n 
A 1 79 PRO 79 79 79 PRO PRO A . n 
A 1 80 THR 80 80 80 THR THR A . n 
A 1 81 PRO 81 81 81 PRO PRO A . n 
A 1 82 ALA 82 82 82 ALA ALA A . n 
A 1 83 ASN 83 83 83 ASN ASN A . n 
A 1 84 ILE 84 84 84 ILE ILE A . n 
A 1 85 ILE 85 85 85 ILE ILE A . n 
A 1 86 GLY 86 86 86 GLY GLY A . n 
A 1 87 ARG 87 87 87 ARG ARG A . n 
A 1 88 ASN 88 88 88 ASN ASN A . n 
A 1 89 LEU 89 89 89 LEU LEU A . n 
A 1 90 LEU 90 90 90 LEU LEU A . n 
A 1 91 THR 91 91 91 THR THR A . n 
A 1 92 GLN 92 92 92 GLN GLN A . n 
A 1 93 ILE 93 93 93 ILE ILE A . n 
A 1 94 GLY 94 94 94 GLY GLY A . n 
A 1 95 CYS 95 95 95 CYS CYS A . n 
A 1 96 THR 96 96 96 THR THR A . n 
A 1 97 LEU 97 97 97 LEU LEU A . n 
A 1 98 ASN 98 98 98 ASN ASN A . n 
A 1 99 PHE 99 99 99 PHE PHE A . n 
B 1 1  PRO 1  1  1  PRO PRO B . n 
B 1 2  GLN 2  2  2  GLN GLN B . n 
B 1 3  ILE 3  3  3  ILE ILE B . n 
B 1 4  THR 4  4  4  THR THR B . n 
B 1 5  LEU 5  5  5  LEU LEU B . n 
B 1 6  TRP 6  6  6  TRP TRP B . n 
B 1 7  LYS 7  7  7  LYS LYS B . n 
B 1 8  ARG 8  8  8  ARG ARG B . n 
B 1 9  PRO 9  9  9  PRO PRO B . n 
B 1 10 LEU 10 10 10 LEU LEU B . n 
B 1 11 VAL 11 11 11 VAL VAL B . n 
B 1 12 THR 12 12 12 THR THR B . n 
B 1 13 ILE 13 13 13 ILE ILE B . n 
B 1 14 ARG 14 14 14 ARG ARG B . n 
B 1 15 ILE 15 15 15 ILE ILE B . n 
B 1 16 GLY 16 16 16 GLY GLY B . n 
B 1 17 GLY 17 17 17 GLY GLY B . n 
B 1 18 GLN 18 18 18 GLN GLN B . n 
B 1 19 LEU 19 19 19 LEU LEU B . n 
B 1 20 LYS 20 20 20 LYS LYS B . n 
B 1 21 GLU 21 21 21 GLU GLU B . n 
B 1 22 ALA 22 22 22 ALA ALA B . n 
B 1 23 LEU 23 23 23 LEU LEU B . n 
B 1 24 LEU 24 24 24 LEU LEU B . n 
B 1 25 ASN 25 25 25 ASN ASN B . n 
B 1 26 THR 26 26 26 THR THR B . n 
B 1 27 GLY 27 27 27 GLY GLY B . n 
B 1 28 ALA 28 28 28 ALA ALA B . n 
B 1 29 ASP 29 29 29 ASP ASP B . n 
B 1 30 ASP 30 30 30 ASP ASP B . n 
B 1 31 THR 31 31 31 THR THR B . n 
B 1 32 VAL 32 32 32 VAL VAL B . n 
B 1 33 LEU 33 33 33 LEU LEU B . n 
B 1 34 GLU 34 34 34 GLU GLU B . n 
B 1 35 GLU 35 35 35 GLU GLU B . n 
B 1 36 MET 36 36 36 MET MET B . n 
B 1 37 ASN 37 37 37 ASN ASN B . n 
B 1 38 LEU 38 38 38 LEU LEU B . n 
B 1 39 PRO 39 39 39 PRO PRO B . n 
B 1 40 GLY 40 40 40 GLY GLY B . n 
B 1 41 LYS 41 41 41 LYS LYS B . n 
B 1 42 TRP 42 42 42 TRP TRP B . n 
B 1 43 LYS 43 43 43 LYS LYS B . n 
B 1 44 PRO 44 44 44 PRO PRO B . n 
B 1 45 LYS 45 45 45 LYS LYS B . n 
B 1 46 MET 46 46 46 MET MET B . n 
B 1 47 ILE 47 47 47 ILE ILE B . n 
B 1 48 GLY 48 48 48 GLY GLY B . n 
B 1 49 GLY 49 49 49 GLY GLY B . n 
B 1 50 ILE 50 50 50 ILE ILE B . n 
B 1 51 GLY 51 51 51 GLY GLY B . n 
B 1 52 GLY 52 52 52 GLY GLY B . n 
B 1 53 PHE 53 53 53 PHE PHE B . n 
B 1 54 ILE 54 54 54 ILE ILE B . n 
B 1 55 LYS 55 55 55 LYS LYS B . n 
B 1 56 VAL 56 56 56 VAL VAL B . n 
B 1 57 ARG 57 57 57 ARG ARG B . n 
B 1 58 GLN 58 58 58 GLN GLN B . n 
B 1 59 TYR 59 59 59 TYR TYR B . n 
B 1 60 ASP 60 60 60 ASP ASP B . n 
B 1 61 GLN 61 61 61 GLN GLN B . n 
B 1 62 ILE 62 62 62 ILE ILE B . n 
B 1 63 PRO 63 63 63 PRO PRO B . n 
B 1 64 VAL 64 64 64 VAL VAL B . n 
B 1 65 GLU 65 65 65 GLU GLU B . n 
B 1 66 ILE 66 66 66 ILE ILE B . n 
B 1 67 CYS 67 67 67 CYS CYS B . n 
B 1 68 GLY 68 68 68 GLY GLY B . n 
B 1 69 HIS 69 69 69 HIS HIS B . n 
B 1 70 LYS 70 70 70 LYS LYS B . n 
B 1 71 ALA 71 71 71 ALA ALA B . n 
B 1 72 ILE 72 72 72 ILE ILE B . n 
B 1 73 GLY 73 73 73 GLY GLY B . n 
B 1 74 THR 74 74 74 THR THR B . n 
B 1 75 VAL 75 75 75 VAL VAL B . n 
B 1 76 LEU 76 76 76 LEU LEU B . n 
B 1 77 VAL 77 77 77 VAL VAL B . n 
B 1 78 GLY 78 78 78 GLY GLY B . n 
B 1 79 PRO 79 79 79 PRO PRO B . n 
B 1 80 THR 80 80 80 THR THR B . n 
B 1 81 PRO 81 81 81 PRO PRO B . n 
B 1 82 ALA 82 82 82 ALA ALA B . n 
B 1 83 ASN 83 83 83 ASN ASN B . n 
B 1 84 ILE 84 84 84 ILE ILE B . n 
B 1 85 ILE 85 85 85 ILE ILE B . n 
B 1 86 GLY 86 86 86 GLY GLY B . n 
B 1 87 ARG 87 87 87 ARG ARG B . n 
B 1 88 ASN 88 88 88 ASN ASN B . n 
B 1 89 LEU 89 89 89 LEU LEU B . n 
B 1 90 LEU 90 90 90 LEU LEU B . n 
B 1 91 THR 91 91 91 THR THR B . n 
B 1 92 GLN 92 92 92 GLN GLN B . n 
B 1 93 ILE 93 93 93 ILE ILE B . n 
B 1 94 GLY 94 94 94 GLY GLY B . n 
B 1 95 CYS 95 95 95 CYS CYS B . n 
B 1 96 THR 96 96 96 THR THR B . n 
B 1 97 LEU 97 97 97 LEU LEU B . n 
B 1 98 ASN 98 98 98 ASN ASN B . n 
B 1 99 PHE 99 99 99 PHE PHE B . n 
C 2 1  LYS 1  1  ?  ?   ?   P . n 
C 2 2  ALA 2  2  2  ALA ALA P . n 
C 2 3  ARG 3  3  3  ARG ARG P . n 
C 2 4  VAL 4  4  4  VAL VAL P . n 
C 2 5  LEU 5  5  5  LEU LEU P . n 
C 2 6  ALA 6  6  6  ALA ALA P . n 
C 2 7  GLU 7  7  7  GLU GLU P . n 
C 2 8  ALA 8  8  8  ALA ALA P . n 
C 2 9  MET 9  9  9  MET MET P . n 
C 2 10 SER 10 10 ?  ?   ?   P . n 
# 
loop_
_pdbx_nonpoly_scheme.asym_id 
_pdbx_nonpoly_scheme.entity_id 
_pdbx_nonpoly_scheme.mon_id 
_pdbx_nonpoly_scheme.ndb_seq_num 
_pdbx_nonpoly_scheme.pdb_seq_num 
_pdbx_nonpoly_scheme.auth_seq_num 
_pdbx_nonpoly_scheme.pdb_mon_id 
_pdbx_nonpoly_scheme.auth_mon_id 
_pdbx_nonpoly_scheme.pdb_strand_id 
_pdbx_nonpoly_scheme.pdb_ins_code 
D 3 ACT 1  501 501 ACT ACT B . 
E 3 ACT 1  503 503 ACT ACT B . 
F 3 ACT 1  508 508 ACT ACT P . 
G 4 HOH 1  100 7   HOH HOH A . 
G 4 HOH 2  101 9   HOH HOH A . 
G 4 HOH 3  102 14  HOH HOH A . 
G 4 HOH 4  103 15  HOH HOH A . 
G 4 HOH 5  104 16  HOH HOH A . 
G 4 HOH 6  105 19  HOH HOH A . 
G 4 HOH 7  106 28  HOH HOH A . 
G 4 HOH 8  107 29  HOH HOH A . 
G 4 HOH 9  108 30  HOH HOH A . 
G 4 HOH 10 109 32  HOH HOH A . 
G 4 HOH 11 110 34  HOH HOH A . 
G 4 HOH 12 111 35  HOH HOH A . 
G 4 HOH 13 112 39  HOH HOH A . 
G 4 HOH 14 113 40  HOH HOH A . 
G 4 HOH 15 114 41  HOH HOH A . 
G 4 HOH 16 115 44  HOH HOH A . 
G 4 HOH 17 116 45  HOH HOH A . 
G 4 HOH 18 117 46  HOH HOH A . 
G 4 HOH 19 118 47  HOH HOH A . 
G 4 HOH 20 119 48  HOH HOH A . 
G 4 HOH 21 120 49  HOH HOH A . 
G 4 HOH 22 121 50  HOH HOH A . 
G 4 HOH 23 122 53  HOH HOH A . 
G 4 HOH 24 123 54  HOH HOH A . 
G 4 HOH 25 124 56  HOH HOH A . 
H 4 HOH 1  504 2   HOH HOH B . 
H 4 HOH 2  505 4   HOH HOH B . 
H 4 HOH 3  506 5   HOH HOH B . 
H 4 HOH 4  507 6   HOH HOH B . 
H 4 HOH 5  508 8   HOH HOH B . 
H 4 HOH 6  509 10  HOH HOH B . 
H 4 HOH 7  510 11  HOH HOH B . 
H 4 HOH 8  511 12  HOH HOH B . 
H 4 HOH 9  512 13  HOH HOH B . 
H 4 HOH 10 513 17  HOH HOH B . 
H 4 HOH 11 514 18  HOH HOH B . 
H 4 HOH 12 515 20  HOH HOH B . 
H 4 HOH 13 516 21  HOH HOH B . 
H 4 HOH 14 517 23  HOH HOH B . 
H 4 HOH 15 518 25  HOH HOH B . 
H 4 HOH 16 519 26  HOH HOH B . 
H 4 HOH 17 520 27  HOH HOH B . 
H 4 HOH 18 521 31  HOH HOH B . 
H 4 HOH 19 522 33  HOH HOH B . 
H 4 HOH 20 523 36  HOH HOH B . 
H 4 HOH 21 524 37  HOH HOH B . 
H 4 HOH 22 525 38  HOH HOH B . 
H 4 HOH 23 526 42  HOH HOH B . 
H 4 HOH 24 527 43  HOH HOH B . 
H 4 HOH 25 528 51  HOH HOH B . 
H 4 HOH 26 529 52  HOH HOH B . 
H 4 HOH 27 530 55  HOH HOH B . 
H 4 HOH 28 531 57  HOH HOH B . 
H 4 HOH 29 532 58  HOH HOH B . 
I 4 HOH 1  509 1   HOH HOH P . 
I 4 HOH 2  510 3   HOH HOH P . 
I 4 HOH 3  511 22  HOH HOH P . 
I 4 HOH 4  512 24  HOH HOH P . 
# 
loop_
_pdbx_unobs_or_zero_occ_atoms.id 
_pdbx_unobs_or_zero_occ_atoms.PDB_model_num 
_pdbx_unobs_or_zero_occ_atoms.polymer_flag 
_pdbx_unobs_or_zero_occ_atoms.occupancy_flag 
_pdbx_unobs_or_zero_occ_atoms.auth_asym_id 
_pdbx_unobs_or_zero_occ_atoms.auth_comp_id 
_pdbx_unobs_or_zero_occ_atoms.auth_seq_id 
_pdbx_unobs_or_zero_occ_atoms.PDB_ins_code 
_pdbx_unobs_or_zero_occ_atoms.auth_atom_id 
_pdbx_unobs_or_zero_occ_atoms.label_alt_id 
_pdbx_unobs_or_zero_occ_atoms.label_asym_id 
_pdbx_unobs_or_zero_occ_atoms.label_comp_id 
_pdbx_unobs_or_zero_occ_atoms.label_seq_id 
_pdbx_unobs_or_zero_occ_atoms.label_atom_id 
1  1 Y 1 A LYS 7  ? CG  ? A LYS 7  CG  
2  1 Y 1 A LYS 7  ? CD  ? A LYS 7  CD  
3  1 Y 1 A LYS 7  ? CE  ? A LYS 7  CE  
4  1 Y 1 A LYS 7  ? NZ  ? A LYS 7  NZ  
5  1 Y 1 A ILE 15 ? CG1 ? A ILE 15 CG1 
6  1 Y 1 A ILE 15 ? CG2 ? A ILE 15 CG2 
7  1 Y 1 A ILE 15 ? CD1 ? A ILE 15 CD1 
8  1 Y 1 A GLN 18 ? CG  ? A GLN 18 CG  
9  1 Y 1 A GLN 18 ? CD  ? A GLN 18 CD  
10 1 Y 1 A GLN 18 ? OE1 ? A GLN 18 OE1 
11 1 Y 1 A GLN 18 ? NE2 ? A GLN 18 NE2 
12 1 Y 1 A LYS 20 ? CG  ? A LYS 20 CG  
13 1 Y 1 A LYS 20 ? CD  ? A LYS 20 CD  
14 1 Y 1 A LYS 20 ? CE  ? A LYS 20 CE  
15 1 Y 1 A LYS 20 ? NZ  ? A LYS 20 NZ  
16 1 Y 1 A LYS 41 ? CG  ? A LYS 41 CG  
17 1 Y 1 A LYS 41 ? CD  ? A LYS 41 CD  
18 1 Y 1 A LYS 41 ? CE  ? A LYS 41 CE  
19 1 Y 1 A LYS 41 ? NZ  ? A LYS 41 NZ  
20 1 Y 1 A LYS 43 ? CG  ? A LYS 43 CG  
21 1 Y 1 A LYS 43 ? CD  ? A LYS 43 CD  
22 1 Y 1 A LYS 43 ? CE  ? A LYS 43 CE  
23 1 Y 1 A LYS 43 ? NZ  ? A LYS 43 NZ  
24 1 Y 1 A LYS 70 ? CG  ? A LYS 70 CG  
25 1 Y 1 A LYS 70 ? CD  ? A LYS 70 CD  
26 1 Y 1 A LYS 70 ? CE  ? A LYS 70 CE  
27 1 Y 1 A LYS 70 ? NZ  ? A LYS 70 NZ  
28 1 Y 1 B ASN 37 ? CG  ? B ASN 37 CG  
29 1 Y 1 B ASN 37 ? OD1 ? B ASN 37 OD1 
30 1 Y 1 B ASN 37 ? ND2 ? B ASN 37 ND2 
31 1 Y 1 B LYS 41 ? CG  ? B LYS 41 CG  
32 1 Y 1 B LYS 41 ? CD  ? B LYS 41 CD  
33 1 Y 1 B LYS 41 ? CE  ? B LYS 41 CE  
34 1 Y 1 B LYS 41 ? NZ  ? B LYS 41 NZ  
35 1 Y 1 B LYS 43 ? CG  ? B LYS 43 CG  
36 1 Y 1 B LYS 43 ? CD  ? B LYS 43 CD  
37 1 Y 1 B LYS 43 ? CE  ? B LYS 43 CE  
38 1 Y 1 B LYS 43 ? NZ  ? B LYS 43 NZ  
39 1 Y 1 B LYS 45 ? CG  ? B LYS 45 CG  
40 1 Y 1 B LYS 45 ? CD  ? B LYS 45 CD  
41 1 Y 1 B LYS 45 ? CE  ? B LYS 45 CE  
42 1 Y 1 B LYS 45 ? NZ  ? B LYS 45 NZ  
43 1 Y 1 B LYS 55 ? CG  ? B LYS 55 CG  
44 1 Y 1 B LYS 55 ? CD  ? B LYS 55 CD  
45 1 Y 1 B LYS 55 ? CE  ? B LYS 55 CE  
46 1 Y 1 B LYS 55 ? NZ  ? B LYS 55 NZ  
47 1 Y 1 B LYS 70 ? CG  ? B LYS 70 CG  
48 1 Y 1 B LYS 70 ? CD  ? B LYS 70 CD  
49 1 Y 1 B LYS 70 ? CE  ? B LYS 70 CE  
50 1 Y 1 B LYS 70 ? NZ  ? B LYS 70 NZ  
# 
loop_
_software.name 
_software.classification 
_software.version 
_software.citation_id 
_software.pdbx_ordinal 
SCALEPACK 'data scaling' . ? 1 
CNS       refinement     . ? 2 
CNS       phasing        . ? 3 
# 
_cell.entry_id           1MT8 
_cell.length_a           51.556 
_cell.length_b           59.378 
_cell.length_c           61.868 
_cell.angle_alpha        90.00 
_cell.angle_beta         90.00 
_cell.angle_gamma        90.00 
_cell.Z_PDB              8 
_cell.pdbx_unique_axis   ? 
_cell.length_a_esd       ? 
_cell.length_b_esd       ? 
_cell.length_c_esd       ? 
_cell.angle_alpha_esd    ? 
_cell.angle_beta_esd     ? 
_cell.angle_gamma_esd    ? 
# 
_symmetry.entry_id                         1MT8 
_symmetry.space_group_name_H-M             'P 21 21 21' 
_symmetry.cell_setting                     orthorhombic 
_symmetry.pdbx_full_space_group_name_H-M   ? 
_symmetry.Int_Tables_number                19 
_symmetry.space_group_name_Hall            ? 
# 
_exptl.entry_id          1MT8 
_exptl.method            'X-RAY DIFFRACTION' 
_exptl.crystals_number   1 
# 
_exptl_crystal.id                    1 
_exptl_crystal.density_meas          ? 
_exptl_crystal.density_percent_sol   41.20 
_exptl_crystal.density_Matthews      2.09 
_exptl_crystal.description           ? 
_exptl_crystal.F_000                 ? 
_exptl_crystal.preparation           ? 
# 
_exptl_crystal_grow.crystal_id      1 
_exptl_crystal_grow.method          'VAPOR DIFFUSION, HANGING DROP' 
_exptl_crystal_grow.temp            298 
_exptl_crystal_grow.temp_details    ? 
_exptl_crystal_grow.pH              6.2 
_exptl_crystal_grow.pdbx_details    
;sodium phosphate, sodium citrate, ammonium sulphate, pH 6.2, 
VAPOR DIFFUSION, HANGING DROP at 298K
;
_exptl_crystal_grow.pdbx_pH_range   . 
# 
_diffrn.id                     1 
_diffrn.ambient_temp           298 
_diffrn.ambient_temp_details   ? 
_diffrn.crystal_id             1 
# 
_diffrn_detector.diffrn_id              1 
_diffrn_detector.detector               'IMAGE PLATE' 
_diffrn_detector.type                   'RIGAKU RAXIS IV' 
_diffrn_detector.pdbx_collection_date   1999-11-03 
_diffrn_detector.details                'Yale mirrors' 
# 
_diffrn_radiation.diffrn_id                        1 
_diffrn_radiation.wavelength_id                    1 
_diffrn_radiation.pdbx_monochromatic_or_laue_m_l   M 
_diffrn_radiation.monochromator                    'Yale Mirrors' 
_diffrn_radiation.pdbx_diffrn_protocol             'SINGLE WAVELENGTH' 
_diffrn_radiation.pdbx_scattering_type             x-ray 
# 
_diffrn_radiation_wavelength.id           1 
_diffrn_radiation_wavelength.wavelength   1.5418 
_diffrn_radiation_wavelength.wt           1.0 
# 
_diffrn_source.diffrn_id                   1 
_diffrn_source.source                      'ROTATING ANODE' 
_diffrn_source.type                        RIGAKU 
_diffrn_source.pdbx_synchrotron_site       ? 
_diffrn_source.pdbx_synchrotron_beamline   ? 
_diffrn_source.pdbx_wavelength             ? 
_diffrn_source.pdbx_wavelength_list        1.5418 
# 
_reflns.entry_id                     1MT8 
_reflns.observed_criterion_sigma_I   0 
_reflns.observed_criterion_sigma_F   0 
_reflns.d_resolution_low             32.95 
_reflns.d_resolution_high            2.15 
_reflns.number_obs                   10094 
_reflns.number_all                   10094 
_reflns.percent_possible_obs         93.2 
_reflns.pdbx_Rmerge_I_obs            0.074 
_reflns.pdbx_Rsym_value              ? 
_reflns.pdbx_netI_over_sigmaI        7.5 
_reflns.B_iso_Wilson_estimate        23.0 
_reflns.pdbx_redundancy              ? 
_reflns.R_free_details               ? 
_reflns.limit_h_max                  ? 
_reflns.limit_h_min                  ? 
_reflns.limit_k_max                  ? 
_reflns.limit_k_min                  ? 
_reflns.limit_l_max                  ? 
_reflns.limit_l_min                  ? 
_reflns.observed_criterion_F_max     ? 
_reflns.observed_criterion_F_min     ? 
_reflns.pdbx_chi_squared             ? 
_reflns.pdbx_scaling_rejects         ? 
_reflns.pdbx_diffrn_id               1 
_reflns.pdbx_ordinal                 1 
# 
_reflns_shell.d_res_high             2.15 
_reflns_shell.d_res_low              2.23 
_reflns_shell.percent_possible_all   76 
_reflns_shell.Rmerge_I_obs           0.31 
_reflns_shell.pdbx_Rsym_value        ? 
_reflns_shell.meanI_over_sigI_obs    ? 
_reflns_shell.pdbx_redundancy        ? 
_reflns_shell.percent_possible_obs   ? 
_reflns_shell.number_unique_all      834 
_reflns_shell.number_measured_all    ? 
_reflns_shell.number_measured_obs    ? 
_reflns_shell.number_unique_obs      ? 
_reflns_shell.pdbx_chi_squared       ? 
_reflns_shell.pdbx_diffrn_id         ? 
_reflns_shell.pdbx_ordinal           1 
# 
_refine.entry_id                                 1MT8 
_refine.ls_number_reflns_obs                     10094 
_refine.ls_number_reflns_all                     10094 
_refine.pdbx_ls_sigma_I                          0 
_refine.pdbx_ls_sigma_F                          0 
_refine.pdbx_data_cutoff_high_absF               ? 
_refine.pdbx_data_cutoff_low_absF                ? 
_refine.ls_d_res_low                             32.95 
_refine.ls_d_res_high                            2.15 
_refine.ls_percent_reflns_obs                    93.2 
_refine.ls_R_factor_obs                          0.208 
_refine.ls_R_factor_all                          ? 
_refine.ls_R_factor_R_work                       0.208 
_refine.ls_R_factor_R_free                       0.243 
_refine.ls_R_factor_R_free_error                 0.012 
_refine.ls_R_factor_R_free_error_details         ? 
_refine.ls_percent_reflns_R_free                 8.0 
_refine.ls_number_reflns_R_free                  807 
_refine.ls_number_parameters                     ? 
_refine.ls_number_restraints                     ? 
_refine.occupancy_min                            ? 
_refine.occupancy_max                            ? 
_refine.correlation_coeff_Fo_to_Fc               ? 
_refine.correlation_coeff_Fo_to_Fc_free          ? 
_refine.B_iso_mean                               34.8 
_refine.aniso_B[1][1]                            -4.47 
_refine.aniso_B[2][2]                            -1.70 
_refine.aniso_B[3][3]                            6.17 
_refine.aniso_B[1][2]                            0.00 
_refine.aniso_B[1][3]                            0.00 
_refine.aniso_B[2][3]                            0.00 
_refine.solvent_model_details                    'FLAT MODEL' 
_refine.solvent_model_param_ksol                 0.348046 
_refine.solvent_model_param_bsol                 75.9354 
_refine.pdbx_solvent_vdw_probe_radii             ? 
_refine.pdbx_solvent_ion_probe_radii             ? 
_refine.pdbx_solvent_shrinkage_radii             ? 
_refine.pdbx_ls_cross_valid_method               THROUGHOUT 
_refine.details                                  ? 
_refine.pdbx_starting_model                      1MTR 
_refine.pdbx_method_to_determine_struct          'FOURIER SYNTHESIS' 
_refine.pdbx_isotropic_thermal_model             RESTRAINED 
_refine.pdbx_stereochemistry_target_values       'Engh & Huber' 
_refine.pdbx_stereochem_target_val_spec_case     ? 
_refine.pdbx_R_Free_selection_details            RANDOM 
_refine.pdbx_overall_ESU_R_Free                  ? 
_refine.overall_SU_B                             ? 
_refine.ls_redundancy_reflns_obs                 ? 
_refine.B_iso_min                                ? 
_refine.B_iso_max                                ? 
_refine.overall_SU_R_Cruickshank_DPI             ? 
_refine.overall_SU_R_free                        ? 
_refine.overall_SU_ML                            ? 
_refine.pdbx_data_cutoff_high_rms_absF           ? 
_refine.pdbx_refine_id                           'X-RAY DIFFRACTION' 
_refine.pdbx_overall_ESU_R                       ? 
_refine.pdbx_overall_phase_error                 ? 
_refine.ls_wR_factor_R_free                      ? 
_refine.ls_wR_factor_R_work                      ? 
_refine.overall_FOM_free_R_set                   ? 
_refine.overall_FOM_work_R_set                   ? 
_refine.pdbx_diffrn_id                           1 
_refine.pdbx_TLS_residual_ADP_flag               ? 
_refine.pdbx_overall_SU_R_free_Cruickshank_DPI   ? 
_refine.pdbx_overall_SU_R_Blow_DPI               ? 
_refine.pdbx_overall_SU_R_free_Blow_DPI          ? 
# 
_refine_analyze.entry_id                        1MT8 
_refine_analyze.Luzzati_coordinate_error_obs    ? 
_refine_analyze.Luzzati_sigma_a_obs             ? 
_refine_analyze.Luzzati_d_res_low_obs           ? 
_refine_analyze.Luzzati_coordinate_error_free   0.14 
_refine_analyze.Luzzati_sigma_a_free            0.43 
_refine_analyze.Luzzati_d_res_low_free          ? 
_refine_analyze.number_disordered_residues      ? 
_refine_analyze.occupancy_sum_hydrogen          ? 
_refine_analyze.occupancy_sum_non_hydrogen      ? 
_refine_analyze.pdbx_Luzzati_d_res_high_obs     ? 
_refine_analyze.pdbx_refine_id                  'X-RAY DIFFRACTION' 
# 
_refine_hist.pdbx_refine_id                   'X-RAY DIFFRACTION' 
_refine_hist.cycle_id                         LAST 
_refine_hist.pdbx_number_atoms_protein        1520 
_refine_hist.pdbx_number_atoms_nucleic_acid   0 
_refine_hist.pdbx_number_atoms_ligand         12 
_refine_hist.number_atoms_solvent             58 
_refine_hist.number_atoms_total               1590 
_refine_hist.d_res_high                       2.15 
_refine_hist.d_res_low                        32.95 
# 
loop_
_refine_ls_restr.type 
_refine_ls_restr.dev_ideal 
_refine_ls_restr.dev_ideal_target 
_refine_ls_restr.weight 
_refine_ls_restr.number 
_refine_ls_restr.pdbx_refine_id 
_refine_ls_restr.pdbx_restraint_function 
c_bond_d           0.006 ? ? ? 'X-RAY DIFFRACTION' ? 
c_angle_deg        1.4   ? ? ? 'X-RAY DIFFRACTION' ? 
c_dihedral_angle_d 26.4  ? ? ? 'X-RAY DIFFRACTION' ? 
c_improper_angle_d 0.91  ? ? ? 'X-RAY DIFFRACTION' ? 
# 
_refine_ls_shell.pdbx_total_number_of_bins_used   10 
_refine_ls_shell.d_res_high                       2.15 
_refine_ls_shell.d_res_low                        2.23 
_refine_ls_shell.number_reflns_R_work             834 
_refine_ls_shell.R_factor_R_work                  0.322 
_refine_ls_shell.percent_reflns_obs               76.0 
_refine_ls_shell.R_factor_R_free                  0.34 
_refine_ls_shell.R_factor_R_free_error            ? 
_refine_ls_shell.percent_reflns_R_free            ? 
_refine_ls_shell.number_reflns_R_free             ? 
_refine_ls_shell.number_reflns_obs                834 
_refine_ls_shell.redundancy_reflns_obs            ? 
_refine_ls_shell.number_reflns_all                ? 
_refine_ls_shell.pdbx_refine_id                   'X-RAY DIFFRACTION' 
_refine_ls_shell.R_factor_all                     ? 
# 
loop_
_pdbx_xplor_file.serial_no 
_pdbx_xplor_file.param_file 
_pdbx_xplor_file.topol_file 
_pdbx_xplor_file.pdbx_refine_id 
1 PROTEIN_REP.PARAM PROTEIN.TOP 'X-RAY DIFFRACTION' 
2 WATER_REP.PARAM   WATER.TOP   'X-RAY DIFFRACTION' 
3 ION.PARAM         ION.TOP     'X-RAY DIFFRACTION' 
4 ACE.PARAM         ACE.TOP     'X-RAY DIFFRACTION' 
# 
_struct.entry_id                  1MT8 
_struct.title                     
'Viability of a drug-resistant HIV-1 protease mutant: structural insights for better antiviral therapy' 
_struct.pdbx_model_details        ? 
_struct.pdbx_CASP_flag            ? 
_struct.pdbx_model_type_details   ? 
# 
_struct_keywords.entry_id        1MT8 
_struct_keywords.pdbx_keywords   'HYDROLASE/HYDROLASE SUBSTRATE' 
_struct_keywords.text            
'Matrix, Capsid, Gag cleavage, drug resistance, substrate recognition, HYDROLASE-HYDROLASE SUBSTRATE complex' 
# 
loop_
_struct_asym.id 
_struct_asym.pdbx_blank_PDB_chainid_flag 
_struct_asym.pdbx_modified 
_struct_asym.entity_id 
_struct_asym.details 
A N N 1 ? 
B N N 1 ? 
C N N 2 ? 
D N N 3 ? 
E N N 3 ? 
F N N 3 ? 
G N N 4 ? 
H N N 4 ? 
I N N 4 ? 
# 
loop_
_struct_ref.id 
_struct_ref.entity_id 
_struct_ref.db_name 
_struct_ref.db_code 
_struct_ref.pdbx_db_accession 
_struct_ref.pdbx_align_begin 
_struct_ref.pdbx_seq_one_letter_code 
_struct_ref.pdbx_db_isoform 
1 1 UNP POL_HV1A2    P03369 57  
;PQITLWQRPLVTIRIGGQLKEALLDTGADDTVLEEMNLPGKWKPKMIGGIGGFIKVRQYDQIPVEICGHKAIGTVLVGPT
PVNIIGRNLLTQIGCTLNF
;
? 
2 2 UNP Q9YX54_9HIV1 Q9YX54 359 KARVLAEAMS ? 
# 
loop_
_struct_ref_seq.align_id 
_struct_ref_seq.ref_id 
_struct_ref_seq.pdbx_PDB_id_code 
_struct_ref_seq.pdbx_strand_id 
_struct_ref_seq.seq_align_beg 
_struct_ref_seq.pdbx_seq_align_beg_ins_code 
_struct_ref_seq.seq_align_end 
_struct_ref_seq.pdbx_seq_align_end_ins_code 
_struct_ref_seq.pdbx_db_accession 
_struct_ref_seq.db_align_beg 
_struct_ref_seq.pdbx_db_align_beg_ins_code 
_struct_ref_seq.db_align_end 
_struct_ref_seq.pdbx_db_align_end_ins_code 
_struct_ref_seq.pdbx_auth_seq_align_beg 
_struct_ref_seq.pdbx_auth_seq_align_end 
1 1 1MT8 A 1 ? 99 ? P03369 57  ? 155 ? 1 99 
2 1 1MT8 B 1 ? 99 ? P03369 57  ? 155 ? 1 99 
3 2 1MT8 P 1 ? 10 ? Q9YX54 359 ? 368 ? 1 10 
# 
loop_
_struct_ref_seq_dif.align_id 
_struct_ref_seq_dif.pdbx_pdb_id_code 
_struct_ref_seq_dif.mon_id 
_struct_ref_seq_dif.pdbx_pdb_strand_id 
_struct_ref_seq_dif.seq_num 
_struct_ref_seq_dif.pdbx_pdb_ins_code 
_struct_ref_seq_dif.pdbx_seq_db_name 
_struct_ref_seq_dif.pdbx_seq_db_accession_code 
_struct_ref_seq_dif.db_mon_id 
_struct_ref_seq_dif.pdbx_seq_db_seq_num 
_struct_ref_seq_dif.details 
_struct_ref_seq_dif.pdbx_auth_seq_num 
_struct_ref_seq_dif.pdbx_ordinal 
1 1MT8 LYS A 7  ? UNP P03369 GLN 63  'engineered mutation' 7  1 
1 1MT8 ASN A 25 ? UNP P03369 ASP 81  'engineered mutation' 25 2 
1 1MT8 ALA A 82 ? UNP P03369 VAL 138 'engineered mutation' 82 3 
2 1MT8 LYS B 7  ? UNP P03369 GLN 63  'engineered mutation' 7  4 
2 1MT8 ASN B 25 ? UNP P03369 ASP 81  'engineered mutation' 25 5 
2 1MT8 ALA B 82 ? UNP P03369 VAL 138 'engineered mutation' 82 6 
# 
_pdbx_struct_assembly.id                   1 
_pdbx_struct_assembly.details              author_and_software_defined_assembly 
_pdbx_struct_assembly.method_details       PISA 
_pdbx_struct_assembly.oligomeric_details   trimeric 
_pdbx_struct_assembly.oligomeric_count     3 
# 
loop_
_pdbx_struct_assembly_prop.biol_id 
_pdbx_struct_assembly_prop.type 
_pdbx_struct_assembly_prop.value 
_pdbx_struct_assembly_prop.details 
1 'ABSA (A^2)' 5740 ? 
1 MORE         -33  ? 
1 'SSA (A^2)'  9200 ? 
# 
_pdbx_struct_assembly_gen.assembly_id       1 
_pdbx_struct_assembly_gen.oper_expression   1 
_pdbx_struct_assembly_gen.asym_id_list      A,B,C,D,E,F,G,H,I 
# 
_pdbx_struct_oper_list.id                   1 
_pdbx_struct_oper_list.type                 'identity operation' 
_pdbx_struct_oper_list.name                 1_555 
_pdbx_struct_oper_list.symmetry_operation   x,y,z 
_pdbx_struct_oper_list.matrix[1][1]         1.0000000000 
_pdbx_struct_oper_list.matrix[1][2]         0.0000000000 
_pdbx_struct_oper_list.matrix[1][3]         0.0000000000 
_pdbx_struct_oper_list.vector[1]            0.0000000000 
_pdbx_struct_oper_list.matrix[2][1]         0.0000000000 
_pdbx_struct_oper_list.matrix[2][2]         1.0000000000 
_pdbx_struct_oper_list.matrix[2][3]         0.0000000000 
_pdbx_struct_oper_list.vector[2]            0.0000000000 
_pdbx_struct_oper_list.matrix[3][1]         0.0000000000 
_pdbx_struct_oper_list.matrix[3][2]         0.0000000000 
_pdbx_struct_oper_list.matrix[3][3]         1.0000000000 
_pdbx_struct_oper_list.vector[3]            0.0000000000 
# 
_struct_biol.id   1 
# 
loop_
_struct_conf.conf_type_id 
_struct_conf.id 
_struct_conf.pdbx_PDB_helix_id 
_struct_conf.beg_label_comp_id 
_struct_conf.beg_label_asym_id 
_struct_conf.beg_label_seq_id 
_struct_conf.pdbx_beg_PDB_ins_code 
_struct_conf.end_label_comp_id 
_struct_conf.end_label_asym_id 
_struct_conf.end_label_seq_id 
_struct_conf.pdbx_end_PDB_ins_code 
_struct_conf.beg_auth_comp_id 
_struct_conf.beg_auth_asym_id 
_struct_conf.beg_auth_seq_id 
_struct_conf.end_auth_comp_id 
_struct_conf.end_auth_asym_id 
_struct_conf.end_auth_seq_id 
_struct_conf.pdbx_PDB_helix_class 
_struct_conf.details 
_struct_conf.pdbx_PDB_helix_length 
HELX_P HELX_P1 1 GLY A 86 ? THR A 91 ? GLY A 86 THR A 91 1 ? 6 
HELX_P HELX_P2 2 GLY B 86 ? THR B 91 ? GLY B 86 THR B 91 1 ? 6 
HELX_P HELX_P3 3 GLN B 92 ? GLY B 94 ? GLN B 92 GLY B 94 5 ? 3 
# 
_struct_conf_type.id          HELX_P 
_struct_conf_type.criteria    ? 
_struct_conf_type.reference   ? 
# 
loop_
_struct_sheet.id 
_struct_sheet.type 
_struct_sheet.number_strands 
_struct_sheet.details 
A ? 9 ? 
B ? 8 ? 
# 
loop_
_struct_sheet_order.sheet_id 
_struct_sheet_order.range_id_1 
_struct_sheet_order.range_id_2 
_struct_sheet_order.offset 
_struct_sheet_order.sense 
A 1 2 ? anti-parallel 
A 2 3 ? anti-parallel 
A 3 4 ? anti-parallel 
A 4 5 ? parallel      
A 5 6 ? anti-parallel 
A 6 7 ? parallel      
A 7 8 ? anti-parallel 
A 8 9 ? anti-parallel 
B 1 2 ? anti-parallel 
B 2 3 ? parallel      
B 3 4 ? anti-parallel 
B 4 5 ? parallel      
B 5 6 ? anti-parallel 
B 6 7 ? anti-parallel 
B 7 8 ? anti-parallel 
# 
loop_
_struct_sheet_range.sheet_id 
_struct_sheet_range.id 
_struct_sheet_range.beg_label_comp_id 
_struct_sheet_range.beg_label_asym_id 
_struct_sheet_range.beg_label_seq_id 
_struct_sheet_range.pdbx_beg_PDB_ins_code 
_struct_sheet_range.end_label_comp_id 
_struct_sheet_range.end_label_asym_id 
_struct_sheet_range.end_label_seq_id 
_struct_sheet_range.pdbx_end_PDB_ins_code 
_struct_sheet_range.beg_auth_comp_id 
_struct_sheet_range.beg_auth_asym_id 
_struct_sheet_range.beg_auth_seq_id 
_struct_sheet_range.end_auth_comp_id 
_struct_sheet_range.end_auth_asym_id 
_struct_sheet_range.end_auth_seq_id 
A 1 LYS B 43 ? GLY B 49 ? LYS B 43 GLY B 49 
A 2 GLY B 52 ? ILE B 66 ? GLY B 52 ILE B 66 
A 3 LEU B 10 ? ILE B 15 ? LEU B 10 ILE B 15 
A 4 GLN B 18 ? LEU B 24 ? GLN B 18 LEU B 24 
A 5 ILE B 84 ? ILE B 85 ? ILE B 84 ILE B 85 
A 6 VAL B 32 ? LEU B 33 ? VAL B 32 LEU B 33 
A 7 HIS B 69 ? VAL B 77 ? HIS B 69 VAL B 77 
A 8 GLY B 52 ? ILE B 66 ? GLY B 52 ILE B 66 
A 9 LYS B 43 ? GLY B 49 ? LYS B 43 GLY B 49 
B 1 GLY A 52 ? ILE A 66 ? GLY A 52 ILE A 66 
B 2 HIS A 69 ? VAL A 77 ? HIS A 69 VAL A 77 
B 3 VAL A 32 ? LEU A 33 ? VAL A 32 LEU A 33 
B 4 ILE A 84 ? ILE A 85 ? ILE A 84 ILE A 85 
B 5 GLN A 18 ? LEU A 24 ? GLN A 18 LEU A 24 
B 6 LEU A 10 ? ILE A 15 ? LEU A 10 ILE A 15 
B 7 GLY A 52 ? ILE A 66 ? GLY A 52 ILE A 66 
B 8 LYS A 43 ? GLY A 49 ? LYS A 43 GLY A 49 
# 
loop_
_pdbx_struct_sheet_hbond.sheet_id 
_pdbx_struct_sheet_hbond.range_id_1 
_pdbx_struct_sheet_hbond.range_id_2 
_pdbx_struct_sheet_hbond.range_1_label_atom_id 
_pdbx_struct_sheet_hbond.range_1_label_comp_id 
_pdbx_struct_sheet_hbond.range_1_label_asym_id 
_pdbx_struct_sheet_hbond.range_1_label_seq_id 
_pdbx_struct_sheet_hbond.range_1_PDB_ins_code 
_pdbx_struct_sheet_hbond.range_1_auth_atom_id 
_pdbx_struct_sheet_hbond.range_1_auth_comp_id 
_pdbx_struct_sheet_hbond.range_1_auth_asym_id 
_pdbx_struct_sheet_hbond.range_1_auth_seq_id 
_pdbx_struct_sheet_hbond.range_2_label_atom_id 
_pdbx_struct_sheet_hbond.range_2_label_comp_id 
_pdbx_struct_sheet_hbond.range_2_label_asym_id 
_pdbx_struct_sheet_hbond.range_2_label_seq_id 
_pdbx_struct_sheet_hbond.range_2_PDB_ins_code 
_pdbx_struct_sheet_hbond.range_2_auth_atom_id 
_pdbx_struct_sheet_hbond.range_2_auth_comp_id 
_pdbx_struct_sheet_hbond.range_2_auth_asym_id 
_pdbx_struct_sheet_hbond.range_2_auth_seq_id 
A 1 2 N GLY B 49 ? N GLY B 49 O GLY B 52 ? O GLY B 52 
A 2 3 N GLU B 65 ? N GLU B 65 O ARG B 14 ? O ARG B 14 
A 3 4 N ILE B 15 ? N ILE B 15 O GLN B 18 ? O GLN B 18 
A 4 5 O LEU B 23 ? O LEU B 23 N ILE B 85 ? N ILE B 85 
A 5 6 N ILE B 84 ? N ILE B 84 O VAL B 32 ? O VAL B 32 
A 6 7 N LEU B 33 ? N LEU B 33 O LEU B 76 ? O LEU B 76 
A 7 8 O VAL B 77 ? O VAL B 77 N ARG B 57 ? N ARG B 57 
A 8 9 N GLN B 58 ? N GLN B 58 O LYS B 43 ? O LYS B 43 
B 1 2 N ILE A 66 ? N ILE A 66 O HIS A 69 ? O HIS A 69 
B 2 3 O LEU A 76 ? O LEU A 76 N LEU A 33 ? N LEU A 33 
B 3 4 O VAL A 32 ? O VAL A 32 N ILE A 84 ? N ILE A 84 
B 4 5 N ILE A 85 ? N ILE A 85 O LEU A 23 ? O LEU A 23 
B 5 6 N ALA A 22 ? N ALA A 22 O VAL A 11 ? O VAL A 11 
B 6 7 N ARG A 14 ? N ARG A 14 O GLU A 65 ? O GLU A 65 
B 7 8 N GLN A 58 ? N GLN A 58 O LYS A 43 ? O LYS A 43 
# 
loop_
_struct_site.id 
_struct_site.pdbx_evidence_code 
_struct_site.pdbx_auth_asym_id 
_struct_site.pdbx_auth_comp_id 
_struct_site.pdbx_auth_seq_id 
_struct_site.pdbx_auth_ins_code 
_struct_site.pdbx_num_residues 
_struct_site.details 
AC1 Software B ACT 501 ? 3  'BINDING SITE FOR RESIDUE ACT B 501'                                               
AC2 Software B ACT 503 ? 4  'BINDING SITE FOR RESIDUE ACT B 503'                                               
AC3 Software P ACT 508 ? 2  'BINDING SITE FOR RESIDUE ACT P 508'                                               
AC4 Software ? ?   ?   ? 22 'BINDING SITE FOR CHAIN P OF CAPSID-P2 SUBSTRATE PEPTIDE OF HIV-1 GAG POLYPROTEIN' 
# 
loop_
_struct_site_gen.id 
_struct_site_gen.site_id 
_struct_site_gen.pdbx_num_res 
_struct_site_gen.label_comp_id 
_struct_site_gen.label_asym_id 
_struct_site_gen.label_seq_id 
_struct_site_gen.pdbx_auth_ins_code 
_struct_site_gen.auth_comp_id 
_struct_site_gen.auth_asym_id 
_struct_site_gen.auth_seq_id 
_struct_site_gen.label_atom_id 
_struct_site_gen.label_alt_id 
_struct_site_gen.symmetry 
_struct_site_gen.details 
1  AC1 3  PRO A 1  ? PRO A 1   . ? 4_456 ? 
2  AC1 3  HIS B 69 ? HIS B 69  . ? 1_555 ? 
3  AC1 3  LYS B 70 ? LYS B 70  . ? 1_555 ? 
4  AC2 4  ARG A 14 ? ARG A 14  . ? 1_455 ? 
5  AC2 4  GLY A 16 ? GLY A 16  . ? 1_455 ? 
6  AC2 4  ARG B 14 ? ARG B 14  . ? 1_555 ? 
7  AC2 4  GLY B 16 ? GLY B 16  . ? 1_555 ? 
8  AC3 2  ALA C 2  ? ALA P 2   . ? 1_555 ? 
9  AC3 2  ARG C 3  ? ARG P 3   . ? 1_555 ? 
10 AC4 22 ARG A 8  ? ARG A 8   . ? 1_555 ? 
11 AC4 22 ASN A 25 ? ASN A 25  . ? 1_555 ? 
12 AC4 22 GLY A 27 ? GLY A 27  . ? 1_555 ? 
13 AC4 22 ALA A 28 ? ALA A 28  . ? 1_555 ? 
14 AC4 22 ASP A 29 ? ASP A 29  . ? 1_555 ? 
15 AC4 22 ASP A 30 ? ASP A 30  . ? 1_555 ? 
16 AC4 22 GLY A 48 ? GLY A 48  . ? 1_555 ? 
17 AC4 22 GLY A 49 ? GLY A 49  . ? 1_555 ? 
18 AC4 22 ILE A 50 ? ILE A 50  . ? 1_555 ? 
19 AC4 22 ILE A 84 ? ILE A 84  . ? 1_555 ? 
20 AC4 22 ASN B 25 ? ASN B 25  . ? 1_555 ? 
21 AC4 22 GLY B 27 ? GLY B 27  . ? 1_555 ? 
22 AC4 22 ALA B 28 ? ALA B 28  . ? 1_555 ? 
23 AC4 22 ASP B 29 ? ASP B 29  . ? 1_555 ? 
24 AC4 22 ASP B 30 ? ASP B 30  . ? 1_555 ? 
25 AC4 22 ILE B 47 ? ILE B 47  . ? 1_555 ? 
26 AC4 22 GLY B 48 ? GLY B 48  . ? 1_555 ? 
27 AC4 22 GLY B 49 ? GLY B 49  . ? 1_555 ? 
28 AC4 22 PRO B 81 ? PRO B 81  . ? 1_555 ? 
29 AC4 22 ACT F .  ? ACT P 508 . ? 1_555 ? 
30 AC4 22 HOH I .  ? HOH P 510 . ? 1_555 ? 
31 AC4 22 HOH I .  ? HOH P 512 . ? 1_555 ? 
# 
_pdbx_validate_torsion.id              1 
_pdbx_validate_torsion.PDB_model_num   1 
_pdbx_validate_torsion.auth_comp_id    PRO 
_pdbx_validate_torsion.auth_asym_id    B 
_pdbx_validate_torsion.auth_seq_id     79 
_pdbx_validate_torsion.PDB_ins_code    ? 
_pdbx_validate_torsion.label_alt_id    ? 
_pdbx_validate_torsion.phi             -64.81 
_pdbx_validate_torsion.psi             54.82 
# 
loop_
_pdbx_unobs_or_zero_occ_residues.id 
_pdbx_unobs_or_zero_occ_residues.PDB_model_num 
_pdbx_unobs_or_zero_occ_residues.polymer_flag 
_pdbx_unobs_or_zero_occ_residues.occupancy_flag 
_pdbx_unobs_or_zero_occ_residues.auth_asym_id 
_pdbx_unobs_or_zero_occ_residues.auth_comp_id 
_pdbx_unobs_or_zero_occ_residues.auth_seq_id 
_pdbx_unobs_or_zero_occ_residues.PDB_ins_code 
_pdbx_unobs_or_zero_occ_residues.label_asym_id 
_pdbx_unobs_or_zero_occ_residues.label_comp_id 
_pdbx_unobs_or_zero_occ_residues.label_seq_id 
1 1 Y 1 P LYS 1  ? C LYS 1  
2 1 Y 1 P SER 10 ? C SER 10 
# 
loop_
_chem_comp_atom.comp_id 
_chem_comp_atom.atom_id 
_chem_comp_atom.type_symbol 
_chem_comp_atom.pdbx_aromatic_flag 
_chem_comp_atom.pdbx_stereo_config 
_chem_comp_atom.pdbx_ordinal 
ACT C    C N N 1   
ACT O    O N N 2   
ACT OXT  O N N 3   
ACT CH3  C N N 4   
ACT H1   H N N 5   
ACT H2   H N N 6   
ACT H3   H N N 7   
ALA N    N N N 8   
ALA CA   C N S 9   
ALA C    C N N 10  
ALA O    O N N 11  
ALA CB   C N N 12  
ALA OXT  O N N 13  
ALA H    H N N 14  
ALA H2   H N N 15  
ALA HA   H N N 16  
ALA HB1  H N N 17  
ALA HB2  H N N 18  
ALA HB3  H N N 19  
ALA HXT  H N N 20  
ARG N    N N N 21  
ARG CA   C N S 22  
ARG C    C N N 23  
ARG O    O N N 24  
ARG CB   C N N 25  
ARG CG   C N N 26  
ARG CD   C N N 27  
ARG NE   N N N 28  
ARG CZ   C N N 29  
ARG NH1  N N N 30  
ARG NH2  N N N 31  
ARG OXT  O N N 32  
ARG H    H N N 33  
ARG H2   H N N 34  
ARG HA   H N N 35  
ARG HB2  H N N 36  
ARG HB3  H N N 37  
ARG HG2  H N N 38  
ARG HG3  H N N 39  
ARG HD2  H N N 40  
ARG HD3  H N N 41  
ARG HE   H N N 42  
ARG HH11 H N N 43  
ARG HH12 H N N 44  
ARG HH21 H N N 45  
ARG HH22 H N N 46  
ARG HXT  H N N 47  
ASN N    N N N 48  
ASN CA   C N S 49  
ASN C    C N N 50  
ASN O    O N N 51  
ASN CB   C N N 52  
ASN CG   C N N 53  
ASN OD1  O N N 54  
ASN ND2  N N N 55  
ASN OXT  O N N 56  
ASN H    H N N 57  
ASN H2   H N N 58  
ASN HA   H N N 59  
ASN HB2  H N N 60  
ASN HB3  H N N 61  
ASN HD21 H N N 62  
ASN HD22 H N N 63  
ASN HXT  H N N 64  
ASP N    N N N 65  
ASP CA   C N S 66  
ASP C    C N N 67  
ASP O    O N N 68  
ASP CB   C N N 69  
ASP CG   C N N 70  
ASP OD1  O N N 71  
ASP OD2  O N N 72  
ASP OXT  O N N 73  
ASP H    H N N 74  
ASP H2   H N N 75  
ASP HA   H N N 76  
ASP HB2  H N N 77  
ASP HB3  H N N 78  
ASP HD2  H N N 79  
ASP HXT  H N N 80  
CYS N    N N N 81  
CYS CA   C N R 82  
CYS C    C N N 83  
CYS O    O N N 84  
CYS CB   C N N 85  
CYS SG   S N N 86  
CYS OXT  O N N 87  
CYS H    H N N 88  
CYS H2   H N N 89  
CYS HA   H N N 90  
CYS HB2  H N N 91  
CYS HB3  H N N 92  
CYS HG   H N N 93  
CYS HXT  H N N 94  
GLN N    N N N 95  
GLN CA   C N S 96  
GLN C    C N N 97  
GLN O    O N N 98  
GLN CB   C N N 99  
GLN CG   C N N 100 
GLN CD   C N N 101 
GLN OE1  O N N 102 
GLN NE2  N N N 103 
GLN OXT  O N N 104 
GLN H    H N N 105 
GLN H2   H N N 106 
GLN HA   H N N 107 
GLN HB2  H N N 108 
GLN HB3  H N N 109 
GLN HG2  H N N 110 
GLN HG3  H N N 111 
GLN HE21 H N N 112 
GLN HE22 H N N 113 
GLN HXT  H N N 114 
GLU N    N N N 115 
GLU CA   C N S 116 
GLU C    C N N 117 
GLU O    O N N 118 
GLU CB   C N N 119 
GLU CG   C N N 120 
GLU CD   C N N 121 
GLU OE1  O N N 122 
GLU OE2  O N N 123 
GLU OXT  O N N 124 
GLU H    H N N 125 
GLU H2   H N N 126 
GLU HA   H N N 127 
GLU HB2  H N N 128 
GLU HB3  H N N 129 
GLU HG2  H N N 130 
GLU HG3  H N N 131 
GLU HE2  H N N 132 
GLU HXT  H N N 133 
GLY N    N N N 134 
GLY CA   C N N 135 
GLY C    C N N 136 
GLY O    O N N 137 
GLY OXT  O N N 138 
GLY H    H N N 139 
GLY H2   H N N 140 
GLY HA2  H N N 141 
GLY HA3  H N N 142 
GLY HXT  H N N 143 
HIS N    N N N 144 
HIS CA   C N S 145 
HIS C    C N N 146 
HIS O    O N N 147 
HIS CB   C N N 148 
HIS CG   C Y N 149 
HIS ND1  N Y N 150 
HIS CD2  C Y N 151 
HIS CE1  C Y N 152 
HIS NE2  N Y N 153 
HIS OXT  O N N 154 
HIS H    H N N 155 
HIS H2   H N N 156 
HIS HA   H N N 157 
HIS HB2  H N N 158 
HIS HB3  H N N 159 
HIS HD1  H N N 160 
HIS HD2  H N N 161 
HIS HE1  H N N 162 
HIS HE2  H N N 163 
HIS HXT  H N N 164 
HOH O    O N N 165 
HOH H1   H N N 166 
HOH H2   H N N 167 
ILE N    N N N 168 
ILE CA   C N S 169 
ILE C    C N N 170 
ILE O    O N N 171 
ILE CB   C N S 172 
ILE CG1  C N N 173 
ILE CG2  C N N 174 
ILE CD1  C N N 175 
ILE OXT  O N N 176 
ILE H    H N N 177 
ILE H2   H N N 178 
ILE HA   H N N 179 
ILE HB   H N N 180 
ILE HG12 H N N 181 
ILE HG13 H N N 182 
ILE HG21 H N N 183 
ILE HG22 H N N 184 
ILE HG23 H N N 185 
ILE HD11 H N N 186 
ILE HD12 H N N 187 
ILE HD13 H N N 188 
ILE HXT  H N N 189 
LEU N    N N N 190 
LEU CA   C N S 191 
LEU C    C N N 192 
LEU O    O N N 193 
LEU CB   C N N 194 
LEU CG   C N N 195 
LEU CD1  C N N 196 
LEU CD2  C N N 197 
LEU OXT  O N N 198 
LEU H    H N N 199 
LEU H2   H N N 200 
LEU HA   H N N 201 
LEU HB2  H N N 202 
LEU HB3  H N N 203 
LEU HG   H N N 204 
LEU HD11 H N N 205 
LEU HD12 H N N 206 
LEU HD13 H N N 207 
LEU HD21 H N N 208 
LEU HD22 H N N 209 
LEU HD23 H N N 210 
LEU HXT  H N N 211 
LYS N    N N N 212 
LYS CA   C N S 213 
LYS C    C N N 214 
LYS O    O N N 215 
LYS CB   C N N 216 
LYS CG   C N N 217 
LYS CD   C N N 218 
LYS CE   C N N 219 
LYS NZ   N N N 220 
LYS OXT  O N N 221 
LYS H    H N N 222 
LYS H2   H N N 223 
LYS HA   H N N 224 
LYS HB2  H N N 225 
LYS HB3  H N N 226 
LYS HG2  H N N 227 
LYS HG3  H N N 228 
LYS HD2  H N N 229 
LYS HD3  H N N 230 
LYS HE2  H N N 231 
LYS HE3  H N N 232 
LYS HZ1  H N N 233 
LYS HZ2  H N N 234 
LYS HZ3  H N N 235 
LYS HXT  H N N 236 
MET N    N N N 237 
MET CA   C N S 238 
MET C    C N N 239 
MET O    O N N 240 
MET CB   C N N 241 
MET CG   C N N 242 
MET SD   S N N 243 
MET CE   C N N 244 
MET OXT  O N N 245 
MET H    H N N 246 
MET H2   H N N 247 
MET HA   H N N 248 
MET HB2  H N N 249 
MET HB3  H N N 250 
MET HG2  H N N 251 
MET HG3  H N N 252 
MET HE1  H N N 253 
MET HE2  H N N 254 
MET HE3  H N N 255 
MET HXT  H N N 256 
PHE N    N N N 257 
PHE CA   C N S 258 
PHE C    C N N 259 
PHE O    O N N 260 
PHE CB   C N N 261 
PHE CG   C Y N 262 
PHE CD1  C Y N 263 
PHE CD2  C Y N 264 
PHE CE1  C Y N 265 
PHE CE2  C Y N 266 
PHE CZ   C Y N 267 
PHE OXT  O N N 268 
PHE H    H N N 269 
PHE H2   H N N 270 
PHE HA   H N N 271 
PHE HB2  H N N 272 
PHE HB3  H N N 273 
PHE HD1  H N N 274 
PHE HD2  H N N 275 
PHE HE1  H N N 276 
PHE HE2  H N N 277 
PHE HZ   H N N 278 
PHE HXT  H N N 279 
PRO N    N N N 280 
PRO CA   C N S 281 
PRO C    C N N 282 
PRO O    O N N 283 
PRO CB   C N N 284 
PRO CG   C N N 285 
PRO CD   C N N 286 
PRO OXT  O N N 287 
PRO H    H N N 288 
PRO HA   H N N 289 
PRO HB2  H N N 290 
PRO HB3  H N N 291 
PRO HG2  H N N 292 
PRO HG3  H N N 293 
PRO HD2  H N N 294 
PRO HD3  H N N 295 
PRO HXT  H N N 296 
SER N    N N N 297 
SER CA   C N S 298 
SER C    C N N 299 
SER O    O N N 300 
SER CB   C N N 301 
SER OG   O N N 302 
SER OXT  O N N 303 
SER H    H N N 304 
SER H2   H N N 305 
SER HA   H N N 306 
SER HB2  H N N 307 
SER HB3  H N N 308 
SER HG   H N N 309 
SER HXT  H N N 310 
THR N    N N N 311 
THR CA   C N S 312 
THR C    C N N 313 
THR O    O N N 314 
THR CB   C N R 315 
THR OG1  O N N 316 
THR CG2  C N N 317 
THR OXT  O N N 318 
THR H    H N N 319 
THR H2   H N N 320 
THR HA   H N N 321 
THR HB   H N N 322 
THR HG1  H N N 323 
THR HG21 H N N 324 
THR HG22 H N N 325 
THR HG23 H N N 326 
THR HXT  H N N 327 
TRP N    N N N 328 
TRP CA   C N S 329 
TRP C    C N N 330 
TRP O    O N N 331 
TRP CB   C N N 332 
TRP CG   C Y N 333 
TRP CD1  C Y N 334 
TRP CD2  C Y N 335 
TRP NE1  N Y N 336 
TRP CE2  C Y N 337 
TRP CE3  C Y N 338 
TRP CZ2  C Y N 339 
TRP CZ3  C Y N 340 
TRP CH2  C Y N 341 
TRP OXT  O N N 342 
TRP H    H N N 343 
TRP H2   H N N 344 
TRP HA   H N N 345 
TRP HB2  H N N 346 
TRP HB3  H N N 347 
TRP HD1  H N N 348 
TRP HE1  H N N 349 
TRP HE3  H N N 350 
TRP HZ2  H N N 351 
TRP HZ3  H N N 352 
TRP HH2  H N N 353 
TRP HXT  H N N 354 
TYR N    N N N 355 
TYR CA   C N S 356 
TYR C    C N N 357 
TYR O    O N N 358 
TYR CB   C N N 359 
TYR CG   C Y N 360 
TYR CD1  C Y N 361 
TYR CD2  C Y N 362 
TYR CE1  C Y N 363 
TYR CE2  C Y N 364 
TYR CZ   C Y N 365 
TYR OH   O N N 366 
TYR OXT  O N N 367 
TYR H    H N N 368 
TYR H2   H N N 369 
TYR HA   H N N 370 
TYR HB2  H N N 371 
TYR HB3  H N N 372 
TYR HD1  H N N 373 
TYR HD2  H N N 374 
TYR HE1  H N N 375 
TYR HE2  H N N 376 
TYR HH   H N N 377 
TYR HXT  H N N 378 
VAL N    N N N 379 
VAL CA   C N S 380 
VAL C    C N N 381 
VAL O    O N N 382 
VAL CB   C N N 383 
VAL CG1  C N N 384 
VAL CG2  C N N 385 
VAL OXT  O N N 386 
VAL H    H N N 387 
VAL H2   H N N 388 
VAL HA   H N N 389 
VAL HB   H N N 390 
VAL HG11 H N N 391 
VAL HG12 H N N 392 
VAL HG13 H N N 393 
VAL HG21 H N N 394 
VAL HG22 H N N 395 
VAL HG23 H N N 396 
VAL HXT  H N N 397 
# 
loop_
_chem_comp_bond.comp_id 
_chem_comp_bond.atom_id_1 
_chem_comp_bond.atom_id_2 
_chem_comp_bond.value_order 
_chem_comp_bond.pdbx_aromatic_flag 
_chem_comp_bond.pdbx_stereo_config 
_chem_comp_bond.pdbx_ordinal 
ACT C   O    doub N N 1   
ACT C   OXT  sing N N 2   
ACT C   CH3  sing N N 3   
ACT CH3 H1   sing N N 4   
ACT CH3 H2   sing N N 5   
ACT CH3 H3   sing N N 6   
ALA N   CA   sing N N 7   
ALA N   H    sing N N 8   
ALA N   H2   sing N N 9   
ALA CA  C    sing N N 10  
ALA CA  CB   sing N N 11  
ALA CA  HA   sing N N 12  
ALA C   O    doub N N 13  
ALA C   OXT  sing N N 14  
ALA CB  HB1  sing N N 15  
ALA CB  HB2  sing N N 16  
ALA CB  HB3  sing N N 17  
ALA OXT HXT  sing N N 18  
ARG N   CA   sing N N 19  
ARG N   H    sing N N 20  
ARG N   H2   sing N N 21  
ARG CA  C    sing N N 22  
ARG CA  CB   sing N N 23  
ARG CA  HA   sing N N 24  
ARG C   O    doub N N 25  
ARG C   OXT  sing N N 26  
ARG CB  CG   sing N N 27  
ARG CB  HB2  sing N N 28  
ARG CB  HB3  sing N N 29  
ARG CG  CD   sing N N 30  
ARG CG  HG2  sing N N 31  
ARG CG  HG3  sing N N 32  
ARG CD  NE   sing N N 33  
ARG CD  HD2  sing N N 34  
ARG CD  HD3  sing N N 35  
ARG NE  CZ   sing N N 36  
ARG NE  HE   sing N N 37  
ARG CZ  NH1  sing N N 38  
ARG CZ  NH2  doub N N 39  
ARG NH1 HH11 sing N N 40  
ARG NH1 HH12 sing N N 41  
ARG NH2 HH21 sing N N 42  
ARG NH2 HH22 sing N N 43  
ARG OXT HXT  sing N N 44  
ASN N   CA   sing N N 45  
ASN N   H    sing N N 46  
ASN N   H2   sing N N 47  
ASN CA  C    sing N N 48  
ASN CA  CB   sing N N 49  
ASN CA  HA   sing N N 50  
ASN C   O    doub N N 51  
ASN C   OXT  sing N N 52  
ASN CB  CG   sing N N 53  
ASN CB  HB2  sing N N 54  
ASN CB  HB3  sing N N 55  
ASN CG  OD1  doub N N 56  
ASN CG  ND2  sing N N 57  
ASN ND2 HD21 sing N N 58  
ASN ND2 HD22 sing N N 59  
ASN OXT HXT  sing N N 60  
ASP N   CA   sing N N 61  
ASP N   H    sing N N 62  
ASP N   H2   sing N N 63  
ASP CA  C    sing N N 64  
ASP CA  CB   sing N N 65  
ASP CA  HA   sing N N 66  
ASP C   O    doub N N 67  
ASP C   OXT  sing N N 68  
ASP CB  CG   sing N N 69  
ASP CB  HB2  sing N N 70  
ASP CB  HB3  sing N N 71  
ASP CG  OD1  doub N N 72  
ASP CG  OD2  sing N N 73  
ASP OD2 HD2  sing N N 74  
ASP OXT HXT  sing N N 75  
CYS N   CA   sing N N 76  
CYS N   H    sing N N 77  
CYS N   H2   sing N N 78  
CYS CA  C    sing N N 79  
CYS CA  CB   sing N N 80  
CYS CA  HA   sing N N 81  
CYS C   O    doub N N 82  
CYS C   OXT  sing N N 83  
CYS CB  SG   sing N N 84  
CYS CB  HB2  sing N N 85  
CYS CB  HB3  sing N N 86  
CYS SG  HG   sing N N 87  
CYS OXT HXT  sing N N 88  
GLN N   CA   sing N N 89  
GLN N   H    sing N N 90  
GLN N   H2   sing N N 91  
GLN CA  C    sing N N 92  
GLN CA  CB   sing N N 93  
GLN CA  HA   sing N N 94  
GLN C   O    doub N N 95  
GLN C   OXT  sing N N 96  
GLN CB  CG   sing N N 97  
GLN CB  HB2  sing N N 98  
GLN CB  HB3  sing N N 99  
GLN CG  CD   sing N N 100 
GLN CG  HG2  sing N N 101 
GLN CG  HG3  sing N N 102 
GLN CD  OE1  doub N N 103 
GLN CD  NE2  sing N N 104 
GLN NE2 HE21 sing N N 105 
GLN NE2 HE22 sing N N 106 
GLN OXT HXT  sing N N 107 
GLU N   CA   sing N N 108 
GLU N   H    sing N N 109 
GLU N   H2   sing N N 110 
GLU CA  C    sing N N 111 
GLU CA  CB   sing N N 112 
GLU CA  HA   sing N N 113 
GLU C   O    doub N N 114 
GLU C   OXT  sing N N 115 
GLU CB  CG   sing N N 116 
GLU CB  HB2  sing N N 117 
GLU CB  HB3  sing N N 118 
GLU CG  CD   sing N N 119 
GLU CG  HG2  sing N N 120 
GLU CG  HG3  sing N N 121 
GLU CD  OE1  doub N N 122 
GLU CD  OE2  sing N N 123 
GLU OE2 HE2  sing N N 124 
GLU OXT HXT  sing N N 125 
GLY N   CA   sing N N 126 
GLY N   H    sing N N 127 
GLY N   H2   sing N N 128 
GLY CA  C    sing N N 129 
GLY CA  HA2  sing N N 130 
GLY CA  HA3  sing N N 131 
GLY C   O    doub N N 132 
GLY C   OXT  sing N N 133 
GLY OXT HXT  sing N N 134 
HIS N   CA   sing N N 135 
HIS N   H    sing N N 136 
HIS N   H2   sing N N 137 
HIS CA  C    sing N N 138 
HIS CA  CB   sing N N 139 
HIS CA  HA   sing N N 140 
HIS C   O    doub N N 141 
HIS C   OXT  sing N N 142 
HIS CB  CG   sing N N 143 
HIS CB  HB2  sing N N 144 
HIS CB  HB3  sing N N 145 
HIS CG  ND1  sing Y N 146 
HIS CG  CD2  doub Y N 147 
HIS ND1 CE1  doub Y N 148 
HIS ND1 HD1  sing N N 149 
HIS CD2 NE2  sing Y N 150 
HIS CD2 HD2  sing N N 151 
HIS CE1 NE2  sing Y N 152 
HIS CE1 HE1  sing N N 153 
HIS NE2 HE2  sing N N 154 
HIS OXT HXT  sing N N 155 
HOH O   H1   sing N N 156 
HOH O   H2   sing N N 157 
ILE N   CA   sing N N 158 
ILE N   H    sing N N 159 
ILE N   H2   sing N N 160 
ILE CA  C    sing N N 161 
ILE CA  CB   sing N N 162 
ILE CA  HA   sing N N 163 
ILE C   O    doub N N 164 
ILE C   OXT  sing N N 165 
ILE CB  CG1  sing N N 166 
ILE CB  CG2  sing N N 167 
ILE CB  HB   sing N N 168 
ILE CG1 CD1  sing N N 169 
ILE CG1 HG12 sing N N 170 
ILE CG1 HG13 sing N N 171 
ILE CG2 HG21 sing N N 172 
ILE CG2 HG22 sing N N 173 
ILE CG2 HG23 sing N N 174 
ILE CD1 HD11 sing N N 175 
ILE CD1 HD12 sing N N 176 
ILE CD1 HD13 sing N N 177 
ILE OXT HXT  sing N N 178 
LEU N   CA   sing N N 179 
LEU N   H    sing N N 180 
LEU N   H2   sing N N 181 
LEU CA  C    sing N N 182 
LEU CA  CB   sing N N 183 
LEU CA  HA   sing N N 184 
LEU C   O    doub N N 185 
LEU C   OXT  sing N N 186 
LEU CB  CG   sing N N 187 
LEU CB  HB2  sing N N 188 
LEU CB  HB3  sing N N 189 
LEU CG  CD1  sing N N 190 
LEU CG  CD2  sing N N 191 
LEU CG  HG   sing N N 192 
LEU CD1 HD11 sing N N 193 
LEU CD1 HD12 sing N N 194 
LEU CD1 HD13 sing N N 195 
LEU CD2 HD21 sing N N 196 
LEU CD2 HD22 sing N N 197 
LEU CD2 HD23 sing N N 198 
LEU OXT HXT  sing N N 199 
LYS N   CA   sing N N 200 
LYS N   H    sing N N 201 
LYS N   H2   sing N N 202 
LYS CA  C    sing N N 203 
LYS CA  CB   sing N N 204 
LYS CA  HA   sing N N 205 
LYS C   O    doub N N 206 
LYS C   OXT  sing N N 207 
LYS CB  CG   sing N N 208 
LYS CB  HB2  sing N N 209 
LYS CB  HB3  sing N N 210 
LYS CG  CD   sing N N 211 
LYS CG  HG2  sing N N 212 
LYS CG  HG3  sing N N 213 
LYS CD  CE   sing N N 214 
LYS CD  HD2  sing N N 215 
LYS CD  HD3  sing N N 216 
LYS CE  NZ   sing N N 217 
LYS CE  HE2  sing N N 218 
LYS CE  HE3  sing N N 219 
LYS NZ  HZ1  sing N N 220 
LYS NZ  HZ2  sing N N 221 
LYS NZ  HZ3  sing N N 222 
LYS OXT HXT  sing N N 223 
MET N   CA   sing N N 224 
MET N   H    sing N N 225 
MET N   H2   sing N N 226 
MET CA  C    sing N N 227 
MET CA  CB   sing N N 228 
MET CA  HA   sing N N 229 
MET C   O    doub N N 230 
MET C   OXT  sing N N 231 
MET CB  CG   sing N N 232 
MET CB  HB2  sing N N 233 
MET CB  HB3  sing N N 234 
MET CG  SD   sing N N 235 
MET CG  HG2  sing N N 236 
MET CG  HG3  sing N N 237 
MET SD  CE   sing N N 238 
MET CE  HE1  sing N N 239 
MET CE  HE2  sing N N 240 
MET CE  HE3  sing N N 241 
MET OXT HXT  sing N N 242 
PHE N   CA   sing N N 243 
PHE N   H    sing N N 244 
PHE N   H2   sing N N 245 
PHE CA  C    sing N N 246 
PHE CA  CB   sing N N 247 
PHE CA  HA   sing N N 248 
PHE C   O    doub N N 249 
PHE C   OXT  sing N N 250 
PHE CB  CG   sing N N 251 
PHE CB  HB2  sing N N 252 
PHE CB  HB3  sing N N 253 
PHE CG  CD1  doub Y N 254 
PHE CG  CD2  sing Y N 255 
PHE CD1 CE1  sing Y N 256 
PHE CD1 HD1  sing N N 257 
PHE CD2 CE2  doub Y N 258 
PHE CD2 HD2  sing N N 259 
PHE CE1 CZ   doub Y N 260 
PHE CE1 HE1  sing N N 261 
PHE CE2 CZ   sing Y N 262 
PHE CE2 HE2  sing N N 263 
PHE CZ  HZ   sing N N 264 
PHE OXT HXT  sing N N 265 
PRO N   CA   sing N N 266 
PRO N   CD   sing N N 267 
PRO N   H    sing N N 268 
PRO CA  C    sing N N 269 
PRO CA  CB   sing N N 270 
PRO CA  HA   sing N N 271 
PRO C   O    doub N N 272 
PRO C   OXT  sing N N 273 
PRO CB  CG   sing N N 274 
PRO CB  HB2  sing N N 275 
PRO CB  HB3  sing N N 276 
PRO CG  CD   sing N N 277 
PRO CG  HG2  sing N N 278 
PRO CG  HG3  sing N N 279 
PRO CD  HD2  sing N N 280 
PRO CD  HD3  sing N N 281 
PRO OXT HXT  sing N N 282 
SER N   CA   sing N N 283 
SER N   H    sing N N 284 
SER N   H2   sing N N 285 
SER CA  C    sing N N 286 
SER CA  CB   sing N N 287 
SER CA  HA   sing N N 288 
SER C   O    doub N N 289 
SER C   OXT  sing N N 290 
SER CB  OG   sing N N 291 
SER CB  HB2  sing N N 292 
SER CB  HB3  sing N N 293 
SER OG  HG   sing N N 294 
SER OXT HXT  sing N N 295 
THR N   CA   sing N N 296 
THR N   H    sing N N 297 
THR N   H2   sing N N 298 
THR CA  C    sing N N 299 
THR CA  CB   sing N N 300 
THR CA  HA   sing N N 301 
THR C   O    doub N N 302 
THR C   OXT  sing N N 303 
THR CB  OG1  sing N N 304 
THR CB  CG2  sing N N 305 
THR CB  HB   sing N N 306 
THR OG1 HG1  sing N N 307 
THR CG2 HG21 sing N N 308 
THR CG2 HG22 sing N N 309 
THR CG2 HG23 sing N N 310 
THR OXT HXT  sing N N 311 
TRP N   CA   sing N N 312 
TRP N   H    sing N N 313 
TRP N   H2   sing N N 314 
TRP CA  C    sing N N 315 
TRP CA  CB   sing N N 316 
TRP CA  HA   sing N N 317 
TRP C   O    doub N N 318 
TRP C   OXT  sing N N 319 
TRP CB  CG   sing N N 320 
TRP CB  HB2  sing N N 321 
TRP CB  HB3  sing N N 322 
TRP CG  CD1  doub Y N 323 
TRP CG  CD2  sing Y N 324 
TRP CD1 NE1  sing Y N 325 
TRP CD1 HD1  sing N N 326 
TRP CD2 CE2  doub Y N 327 
TRP CD2 CE3  sing Y N 328 
TRP NE1 CE2  sing Y N 329 
TRP NE1 HE1  sing N N 330 
TRP CE2 CZ2  sing Y N 331 
TRP CE3 CZ3  doub Y N 332 
TRP CE3 HE3  sing N N 333 
TRP CZ2 CH2  doub Y N 334 
TRP CZ2 HZ2  sing N N 335 
TRP CZ3 CH2  sing Y N 336 
TRP CZ3 HZ3  sing N N 337 
TRP CH2 HH2  sing N N 338 
TRP OXT HXT  sing N N 339 
TYR N   CA   sing N N 340 
TYR N   H    sing N N 341 
TYR N   H2   sing N N 342 
TYR CA  C    sing N N 343 
TYR CA  CB   sing N N 344 
TYR CA  HA   sing N N 345 
TYR C   O    doub N N 346 
TYR C   OXT  sing N N 347 
TYR CB  CG   sing N N 348 
TYR CB  HB2  sing N N 349 
TYR CB  HB3  sing N N 350 
TYR CG  CD1  doub Y N 351 
TYR CG  CD2  sing Y N 352 
TYR CD1 CE1  sing Y N 353 
TYR CD1 HD1  sing N N 354 
TYR CD2 CE2  doub Y N 355 
TYR CD2 HD2  sing N N 356 
TYR CE1 CZ   doub Y N 357 
TYR CE1 HE1  sing N N 358 
TYR CE2 CZ   sing Y N 359 
TYR CE2 HE2  sing N N 360 
TYR CZ  OH   sing N N 361 
TYR OH  HH   sing N N 362 
TYR OXT HXT  sing N N 363 
VAL N   CA   sing N N 364 
VAL N   H    sing N N 365 
VAL N   H2   sing N N 366 
VAL CA  C    sing N N 367 
VAL CA  CB   sing N N 368 
VAL CA  HA   sing N N 369 
VAL C   O    doub N N 370 
VAL C   OXT  sing N N 371 
VAL CB  CG1  sing N N 372 
VAL CB  CG2  sing N N 373 
VAL CB  HB   sing N N 374 
VAL CG1 HG11 sing N N 375 
VAL CG1 HG12 sing N N 376 
VAL CG1 HG13 sing N N 377 
VAL CG2 HG21 sing N N 378 
VAL CG2 HG22 sing N N 379 
VAL CG2 HG23 sing N N 380 
VAL OXT HXT  sing N N 381 
# 
_pdbx_initial_refinement_model.id               1 
_pdbx_initial_refinement_model.entity_id_list   ? 
_pdbx_initial_refinement_model.type             'experimental model' 
_pdbx_initial_refinement_model.source_name      PDB 
_pdbx_initial_refinement_model.accession_code   1MTR 
_pdbx_initial_refinement_model.details          ? 
# 
_atom_sites.entry_id                    1MT8 
_atom_sites.fract_transf_matrix[1][1]   0.01764703 
_atom_sites.fract_transf_matrix[1][2]   -0.00799048 
_atom_sites.fract_transf_matrix[1][3]   0.00096927 
_atom_sites.fract_transf_matrix[2][1]   -0.00310264 
_atom_sites.fract_transf_matrix[2][2]   -0.00857005 
_atom_sites.fract_transf_matrix[2][3]   -0.01416147 
_atom_sites.fract_transf_matrix[3][1]   0.00601019 
_atom_sites.fract_transf_matrix[3][2]   0.01221698 
_atom_sites.fract_transf_matrix[3][3]   -0.00871008 
_atom_sites.fract_transf_vector[1]      0.098773 
_atom_sites.fract_transf_vector[2]      0.018521 
_atom_sites.fract_transf_vector[3]      0.287967 
# 
loop_
_atom_type.symbol 
C 
N 
O 
S 
# 
loop_
_atom_site.group_PDB 
_atom_site.id 
_atom_site.type_symbol 
_atom_site.label_atom_id 
_atom_site.label_alt_id 
_atom_site.label_comp_id 
_atom_site.label_asym_id 
_atom_site.label_entity_id 
_atom_site.label_seq_id 
_atom_site.pdbx_PDB_ins_code 
_atom_site.Cartn_x 
_atom_site.Cartn_y 
_atom_site.Cartn_z 
_atom_site.occupancy 
_atom_site.B_iso_or_equiv 
_atom_site.pdbx_formal_charge 
_atom_site.auth_seq_id 
_atom_site.auth_comp_id 
_atom_site.auth_asym_id 
_atom_site.auth_atom_id 
_atom_site.pdbx_PDB_model_num 
ATOM   1    N N   . PRO A 1 1  ? 8.723   -1.659  -17.077 1.00 46.73 ? 1   PRO A N   1 
ATOM   2    C CA  . PRO A 1 1  ? 7.501   -2.209  -17.710 1.00 45.68 ? 1   PRO A CA  1 
ATOM   3    C C   . PRO A 1 1  ? 6.246   -1.557  -17.142 1.00 44.01 ? 1   PRO A C   1 
ATOM   4    O O   . PRO A 1 1  ? 6.293   -0.898  -16.105 1.00 46.15 ? 1   PRO A O   1 
ATOM   5    C CB  . PRO A 1 1  ? 7.493   -3.700  -17.413 1.00 44.87 ? 1   PRO A CB  1 
ATOM   6    C CG  . PRO A 1 1  ? 8.204   -3.723  -16.070 1.00 45.33 ? 1   PRO A CG  1 
ATOM   7    C CD  . PRO A 1 1  ? 9.338   -2.685  -16.215 1.00 46.03 ? 1   PRO A CD  1 
ATOM   8    N N   . GLN A 1 2  ? 5.127   -1.734  -17.835 1.00 44.20 ? 2   GLN A N   1 
ATOM   9    C CA  . GLN A 1 2  ? 3.861   -1.187  -17.368 1.00 42.48 ? 2   GLN A CA  1 
ATOM   10   C C   . GLN A 1 2  ? 3.162   -2.308  -16.628 1.00 39.71 ? 2   GLN A C   1 
ATOM   11   O O   . GLN A 1 2  ? 2.944   -3.377  -17.192 1.00 38.38 ? 2   GLN A O   1 
ATOM   12   C CB  . GLN A 1 2  ? 2.971   -0.744  -18.526 1.00 42.10 ? 2   GLN A CB  1 
ATOM   13   C CG  . GLN A 1 2  ? 1.693   -0.106  -18.038 1.00 45.60 ? 2   GLN A CG  1 
ATOM   14   C CD  . GLN A 1 2  ? 0.660   0.043   -19.121 1.00 50.02 ? 2   GLN A CD  1 
ATOM   15   O OE1 . GLN A 1 2  ? 0.012   -0.930  -19.520 1.00 53.53 ? 2   GLN A OE1 1 
ATOM   16   N NE2 . GLN A 1 2  ? 0.497   1.267   -19.614 1.00 51.92 ? 2   GLN A NE2 1 
ATOM   17   N N   . ILE A 1 3  ? 2.808   -2.064  -15.370 1.00 38.06 ? 3   ILE A N   1 
ATOM   18   C CA  . ILE A 1 3  ? 2.141   -3.073  -14.560 1.00 34.19 ? 3   ILE A CA  1 
ATOM   19   C C   . ILE A 1 3  ? 0.705   -2.681  -14.242 1.00 32.38 ? 3   ILE A C   1 
ATOM   20   O O   . ILE A 1 3  ? 0.449   -1.609  -13.698 1.00 32.73 ? 3   ILE A O   1 
ATOM   21   C CB  . ILE A 1 3  ? 2.926   -3.325  -13.248 1.00 33.31 ? 3   ILE A CB  1 
ATOM   22   C CG1 . ILE A 1 3  ? 4.360   -3.753  -13.585 1.00 31.66 ? 3   ILE A CG1 1 
ATOM   23   C CG2 . ILE A 1 3  ? 2.239   -4.387  -12.419 1.00 32.54 ? 3   ILE A CG2 1 
ATOM   24   C CD1 . ILE A 1 3  ? 5.185   -4.193  -12.400 1.00 30.92 ? 3   ILE A CD1 1 
ATOM   25   N N   . THR A 1 4  ? -0.228  -3.555  -14.610 1.00 32.57 ? 4   THR A N   1 
ATOM   26   C CA  . THR A 1 4  ? -1.650  -3.329  -14.363 1.00 31.10 ? 4   THR A CA  1 
ATOM   27   C C   . THR A 1 4  ? -1.971  -3.741  -12.937 1.00 26.83 ? 4   THR A C   1 
ATOM   28   O O   . THR A 1 4  ? -1.171  -4.411  -12.292 1.00 28.43 ? 4   THR A O   1 
ATOM   29   C CB  . THR A 1 4  ? -2.521  -4.144  -15.332 1.00 33.44 ? 4   THR A CB  1 
ATOM   30   O OG1 . THR A 1 4  ? -2.110  -5.520  -15.302 1.00 34.29 ? 4   THR A OG1 1 
ATOM   31   C CG2 . THR A 1 4  ? -2.392  -3.591  -16.754 1.00 32.60 ? 4   THR A CG2 1 
ATOM   32   N N   . LEU A 1 5  ? -3.144  -3.355  -12.449 1.00 25.67 ? 5   LEU A N   1 
ATOM   33   C CA  . LEU A 1 5  ? -3.531  -3.665  -11.076 1.00 23.96 ? 5   LEU A CA  1 
ATOM   34   C C   . LEU A 1 5  ? -4.694  -4.640  -10.919 1.00 23.24 ? 5   LEU A C   1 
ATOM   35   O O   . LEU A 1 5  ? -5.353  -4.660  -9.882  1.00 22.60 ? 5   LEU A O   1 
ATOM   36   C CB  . LEU A 1 5  ? -3.828  -2.357  -10.326 1.00 24.00 ? 5   LEU A CB  1 
ATOM   37   C CG  . LEU A 1 5  ? -2.599  -1.440  -10.225 1.00 26.35 ? 5   LEU A CG  1 
ATOM   38   C CD1 . LEU A 1 5  ? -2.960  -0.085  -9.638  1.00 25.48 ? 5   LEU A CD1 1 
ATOM   39   C CD2 . LEU A 1 5  ? -1.550  -2.129  -9.374  1.00 25.67 ? 5   LEU A CD2 1 
ATOM   40   N N   . TRP A 1 6  ? -4.930  -5.458  -11.941 1.00 23.82 ? 6   TRP A N   1 
ATOM   41   C CA  . TRP A 1 6  ? -6.003  -6.454  -11.903 1.00 25.62 ? 6   TRP A CA  1 
ATOM   42   C C   . TRP A 1 6  ? -5.707  -7.481  -10.822 1.00 26.03 ? 6   TRP A C   1 
ATOM   43   O O   . TRP A 1 6  ? -6.602  -8.105  -10.271 1.00 28.95 ? 6   TRP A O   1 
ATOM   44   C CB  . TRP A 1 6  ? -6.115  -7.194  -13.239 1.00 24.74 ? 6   TRP A CB  1 
ATOM   45   C CG  . TRP A 1 6  ? -6.558  -6.354  -14.389 1.00 22.86 ? 6   TRP A CG  1 
ATOM   46   C CD1 . TRP A 1 6  ? -5.823  -6.028  -15.491 1.00 23.98 ? 6   TRP A CD1 1 
ATOM   47   C CD2 . TRP A 1 6  ? -7.850  -5.760  -14.577 1.00 22.11 ? 6   TRP A CD2 1 
ATOM   48   N NE1 . TRP A 1 6  ? -6.575  -5.273  -16.356 1.00 26.93 ? 6   TRP A NE1 1 
ATOM   49   C CE2 . TRP A 1 6  ? -7.823  -5.092  -15.822 1.00 23.46 ? 6   TRP A CE2 1 
ATOM   50   C CE3 . TRP A 1 6  ? -9.026  -5.730  -13.819 1.00 22.75 ? 6   TRP A CE3 1 
ATOM   51   C CZ2 . TRP A 1 6  ? -8.931  -4.401  -16.327 1.00 22.73 ? 6   TRP A CZ2 1 
ATOM   52   C CZ3 . TRP A 1 6  ? -10.132 -5.042  -14.324 1.00 22.43 ? 6   TRP A CZ3 1 
ATOM   53   C CH2 . TRP A 1 6  ? -10.073 -4.387  -15.566 1.00 22.22 ? 6   TRP A CH2 1 
ATOM   54   N N   . LYS A 1 7  ? -4.427  -7.662  -10.543 1.00 27.98 ? 7   LYS A N   1 
ATOM   55   C CA  . LYS A 1 7  ? -3.981  -8.606  -9.532  1.00 28.08 ? 7   LYS A CA  1 
ATOM   56   C C   . LYS A 1 7  ? -2.929  -7.860  -8.708  1.00 25.90 ? 7   LYS A C   1 
ATOM   57   O O   . LYS A 1 7  ? -2.542  -6.753  -9.071  1.00 26.77 ? 7   LYS A O   1 
ATOM   58   C CB  . LYS A 1 7  ? -3.372  -9.849  -10.217 1.00 24.82 ? 7   LYS A CB  1 
ATOM   59   N N   . ARG A 1 8  ? -2.480  -8.441  -7.603  1.00 26.28 ? 8   ARG A N   1 
ATOM   60   C CA  . ARG A 1 8  ? -1.466  -7.788  -6.785  1.00 24.64 ? 8   ARG A CA  1 
ATOM   61   C C   . ARG A 1 8  ? -0.194  -7.660  -7.593  1.00 24.80 ? 8   ARG A C   1 
ATOM   62   O O   . ARG A 1 8  ? 0.235   -8.614  -8.230  1.00 26.35 ? 8   ARG A O   1 
ATOM   63   C CB  . ARG A 1 8  ? -1.200  -8.592  -5.523  1.00 25.13 ? 8   ARG A CB  1 
ATOM   64   C CG  . ARG A 1 8  ? -2.317  -8.484  -4.529  1.00 24.86 ? 8   ARG A CG  1 
ATOM   65   C CD  . ARG A 1 8  ? -2.127  -9.448  -3.391  1.00 28.59 ? 8   ARG A CD  1 
ATOM   66   N NE  . ARG A 1 8  ? -3.274  -9.410  -2.497  1.00 34.29 ? 8   ARG A NE  1 
ATOM   67   C CZ  . ARG A 1 8  ? -3.541  -10.332 -1.579  1.00 37.11 ? 8   ARG A CZ  1 
ATOM   68   N NH1 . ARG A 1 8  ? -2.738  -11.378 -1.432  1.00 37.35 ? 8   ARG A NH1 1 
ATOM   69   N NH2 . ARG A 1 8  ? -4.617  -10.204 -0.810  1.00 38.49 ? 8   ARG A NH2 1 
ATOM   70   N N   . PRO A 1 9  ? 0.428   -6.468  -7.577  1.00 26.78 ? 9   PRO A N   1 
ATOM   71   C CA  . PRO A 1 9  ? 1.663   -6.203  -8.323  1.00 28.00 ? 9   PRO A CA  1 
ATOM   72   C C   . PRO A 1 9  ? 2.920   -6.847  -7.733  1.00 30.48 ? 9   PRO A C   1 
ATOM   73   O O   . PRO A 1 9  ? 3.790   -6.164  -7.193  1.00 30.51 ? 9   PRO A O   1 
ATOM   74   C CB  . PRO A 1 9  ? 1.721   -4.682  -8.340  1.00 27.44 ? 9   PRO A CB  1 
ATOM   75   C CG  . PRO A 1 9  ? 1.148   -4.328  -7.004  1.00 25.87 ? 9   PRO A CG  1 
ATOM   76   C CD  . PRO A 1 9  ? -0.037  -5.253  -6.884  1.00 23.82 ? 9   PRO A CD  1 
ATOM   77   N N   . LEU A 1 10 ? 3.004   -8.172  -7.857  1.00 32.89 ? 10  LEU A N   1 
ATOM   78   C CA  . LEU A 1 10 ? 4.134   -8.941  -7.355  1.00 31.21 ? 10  LEU A CA  1 
ATOM   79   C C   . LEU A 1 10 ? 5.276   -9.024  -8.363  1.00 31.32 ? 10  LEU A C   1 
ATOM   80   O O   . LEU A 1 10 ? 5.069   -9.320  -9.535  1.00 34.21 ? 10  LEU A O   1 
ATOM   81   C CB  . LEU A 1 10 ? 3.677   -10.345 -6.986  1.00 28.05 ? 10  LEU A CB  1 
ATOM   82   C CG  . LEU A 1 10 ? 2.745   -10.427 -5.779  1.00 33.30 ? 10  LEU A CG  1 
ATOM   83   C CD1 . LEU A 1 10 ? 2.208   -11.837 -5.628  1.00 30.23 ? 10  LEU A CD1 1 
ATOM   84   C CD2 . LEU A 1 10 ? 3.506   -10.018 -4.525  1.00 34.15 ? 10  LEU A CD2 1 
ATOM   85   N N   . VAL A 1 11 ? 6.483   -8.748  -7.895  1.00 30.70 ? 11  VAL A N   1 
ATOM   86   C CA  . VAL A 1 11 ? 7.656   -8.801  -8.744  1.00 31.46 ? 11  VAL A CA  1 
ATOM   87   C C   . VAL A 1 11 ? 8.770   -9.580  -8.045  1.00 34.76 ? 11  VAL A C   1 
ATOM   88   O O   . VAL A 1 11 ? 8.683   -9.889  -6.853  1.00 32.44 ? 11  VAL A O   1 
ATOM   89   C CB  . VAL A 1 11 ? 8.176   -7.390  -9.067  1.00 31.38 ? 11  VAL A CB  1 
ATOM   90   C CG1 . VAL A 1 11 ? 7.101   -6.594  -9.785  1.00 33.99 ? 11  VAL A CG1 1 
ATOM   91   C CG2 . VAL A 1 11 ? 8.605   -6.695  -7.791  1.00 31.32 ? 11  VAL A CG2 1 
ATOM   92   N N   . THR A 1 12 ? 9.815   -9.903  -8.798  1.00 35.88 ? 12  THR A N   1 
ATOM   93   C CA  . THR A 1 12 ? 10.946  -10.630 -8.255  1.00 35.59 ? 12  THR A CA  1 
ATOM   94   C C   . THR A 1 12 ? 12.017  -9.659  -7.807  1.00 36.85 ? 12  THR A C   1 
ATOM   95   O O   . THR A 1 12 ? 12.330  -8.699  -8.513  1.00 37.50 ? 12  THR A O   1 
ATOM   96   C CB  . THR A 1 12 ? 11.566  -11.573 -9.302  1.00 35.31 ? 12  THR A CB  1 
ATOM   97   O OG1 . THR A 1 12 ? 10.720  -12.714 -9.482  1.00 36.24 ? 12  THR A OG1 1 
ATOM   98   C CG2 . THR A 1 12 ? 12.942  -12.027 -8.859  1.00 36.18 ? 12  THR A CG2 1 
ATOM   99   N N   . ILE A 1 13 ? 12.574  -9.898  -6.625  1.00 38.42 ? 13  ILE A N   1 
ATOM   100  C CA  . ILE A 1 13 ? 13.642  -9.042  -6.139  1.00 39.66 ? 13  ILE A CA  1 
ATOM   101  C C   . ILE A 1 13 ? 14.842  -9.876  -5.719  1.00 39.65 ? 13  ILE A C   1 
ATOM   102  O O   . ILE A 1 13 ? 14.712  -11.037 -5.322  1.00 35.88 ? 13  ILE A O   1 
ATOM   103  C CB  . ILE A 1 13 ? 13.192  -8.161  -4.954  1.00 38.41 ? 13  ILE A CB  1 
ATOM   104  C CG1 . ILE A 1 13 ? 12.919  -9.018  -3.720  1.00 36.35 ? 13  ILE A CG1 1 
ATOM   105  C CG2 . ILE A 1 13 ? 11.952  -7.379  -5.350  1.00 39.50 ? 13  ILE A CG2 1 
ATOM   106  C CD1 . ILE A 1 13 ? 12.754  -8.206  -2.462  1.00 33.39 ? 13  ILE A CD1 1 
ATOM   107  N N   . ARG A 1 14 ? 16.017  -9.272  -5.829  1.00 43.23 ? 14  ARG A N   1 
ATOM   108  C CA  . ARG A 1 14 ? 17.255  -9.941  -5.454  1.00 46.48 ? 14  ARG A CA  1 
ATOM   109  C C   . ARG A 1 14 ? 17.860  -9.258  -4.240  1.00 44.53 ? 14  ARG A C   1 
ATOM   110  O O   . ARG A 1 14 ? 18.323  -8.119  -4.317  1.00 40.91 ? 14  ARG A O   1 
ATOM   111  C CB  . ARG A 1 14 ? 18.251  -9.904  -6.614  1.00 51.18 ? 14  ARG A CB  1 
ATOM   112  C CG  . ARG A 1 14 ? 19.644  -10.377 -6.241  1.00 57.33 ? 14  ARG A CG  1 
ATOM   113  C CD  . ARG A 1 14 ? 20.599  -10.258 -7.421  1.00 61.29 ? 14  ARG A CD  1 
ATOM   114  N NE  . ARG A 1 14 ? 21.982  -10.519 -7.030  1.00 65.76 ? 14  ARG A NE  1 
ATOM   115  C CZ  . ARG A 1 14 ? 22.404  -11.647 -6.462  1.00 68.65 ? 14  ARG A CZ  1 
ATOM   116  N NH1 . ARG A 1 14 ? 21.553  -12.641 -6.211  1.00 67.93 ? 14  ARG A NH1 1 
ATOM   117  N NH2 . ARG A 1 14 ? 23.687  -11.784 -6.143  1.00 68.65 ? 14  ARG A NH2 1 
ATOM   118  N N   . ILE A 1 15 ? 17.841  -9.960  -3.116  1.00 44.28 ? 15  ILE A N   1 
ATOM   119  C CA  . ILE A 1 15 ? 18.392  -9.436  -1.883  1.00 46.80 ? 15  ILE A CA  1 
ATOM   120  C C   . ILE A 1 15 ? 19.451  -10.410 -1.403  1.00 49.03 ? 15  ILE A C   1 
ATOM   121  O O   . ILE A 1 15 ? 19.181  -11.599 -1.235  1.00 48.56 ? 15  ILE A O   1 
ATOM   122  C CB  . ILE A 1 15 ? 17.299  -9.285  -0.834  1.00 47.80 ? 15  ILE A CB  1 
ATOM   123  N N   . GLY A 1 16 ? 20.661  -9.896  -1.211  1.00 51.48 ? 16  GLY A N   1 
ATOM   124  C CA  . GLY A 1 16 ? 21.765  -10.712 -0.740  1.00 52.80 ? 16  GLY A CA  1 
ATOM   125  C C   . GLY A 1 16 ? 21.925  -12.089 -1.360  1.00 54.78 ? 16  GLY A C   1 
ATOM   126  O O   . GLY A 1 16 ? 22.329  -13.028 -0.668  1.00 57.97 ? 16  GLY A O   1 
ATOM   127  N N   . GLY A 1 17 ? 21.616  -12.229 -2.647  1.00 53.09 ? 17  GLY A N   1 
ATOM   128  C CA  . GLY A 1 17 ? 21.773  -13.522 -3.289  1.00 52.65 ? 17  GLY A CA  1 
ATOM   129  C C   . GLY A 1 17 ? 20.532  -14.391 -3.352  1.00 54.86 ? 17  GLY A C   1 
ATOM   130  O O   . GLY A 1 17 ? 20.427  -15.260 -4.223  1.00 54.31 ? 17  GLY A O   1 
ATOM   131  N N   . GLN A 1 18 ? 19.597  -14.183 -2.427  1.00 54.48 ? 18  GLN A N   1 
ATOM   132  C CA  . GLN A 1 18 ? 18.355  -14.952 -2.425  1.00 52.60 ? 18  GLN A CA  1 
ATOM   133  C C   . GLN A 1 18 ? 17.325  -14.170 -3.232  1.00 51.37 ? 18  GLN A C   1 
ATOM   134  O O   . GLN A 1 18 ? 17.309  -12.940 -3.191  1.00 51.33 ? 18  GLN A O   1 
ATOM   135  C CB  . GLN A 1 18 ? 17.859  -15.160 -1.000  1.00 53.00 ? 18  GLN A CB  1 
ATOM   136  N N   . LEU A 1 19 ? 16.486  -14.876 -3.983  1.00 51.09 ? 19  LEU A N   1 
ATOM   137  C CA  . LEU A 1 19 ? 15.454  -14.217 -4.785  1.00 51.02 ? 19  LEU A CA  1 
ATOM   138  C C   . LEU A 1 19 ? 14.079  -14.478 -4.183  1.00 49.07 ? 19  LEU A C   1 
ATOM   139  O O   . LEU A 1 19 ? 13.739  -15.616 -3.859  1.00 50.14 ? 19  LEU A O   1 
ATOM   140  C CB  . LEU A 1 19 ? 15.487  -14.712 -6.237  1.00 50.31 ? 19  LEU A CB  1 
ATOM   141  C CG  . LEU A 1 19 ? 16.740  -14.434 -7.075  1.00 51.55 ? 19  LEU A CG  1 
ATOM   142  C CD1 . LEU A 1 19 ? 16.465  -14.811 -8.527  1.00 50.92 ? 19  LEU A CD1 1 
ATOM   143  C CD2 . LEU A 1 19 ? 17.120  -12.961 -6.985  1.00 51.72 ? 19  LEU A CD2 1 
ATOM   144  N N   . LYS A 1 20 ? 13.287  -13.422 -4.035  1.00 46.50 ? 20  LYS A N   1 
ATOM   145  C CA  . LYS A 1 20 ? 11.954  -13.555 -3.458  1.00 44.72 ? 20  LYS A CA  1 
ATOM   146  C C   . LYS A 1 20 ? 10.936  -12.695 -4.204  1.00 43.21 ? 20  LYS A C   1 
ATOM   147  O O   . LYS A 1 20 ? 11.299  -11.869 -5.052  1.00 40.89 ? 20  LYS A O   1 
ATOM   148  C CB  . LYS A 1 20 ? 11.989  -13.164 -1.968  1.00 40.74 ? 20  LYS A CB  1 
ATOM   149  N N   . GLU A 1 21 ? 9.658   -12.906 -3.902  1.00 41.31 ? 21  GLU A N   1 
ATOM   150  C CA  . GLU A 1 21 ? 8.604   -12.118 -4.522  1.00 41.83 ? 21  GLU A CA  1 
ATOM   151  C C   . GLU A 1 21 ? 8.190   -11.021 -3.562  1.00 37.42 ? 21  GLU A C   1 
ATOM   152  O O   . GLU A 1 21 ? 7.987   -11.265 -2.376  1.00 36.66 ? 21  GLU A O   1 
ATOM   153  C CB  . GLU A 1 21 ? 7.388   -12.978 -4.875  1.00 46.72 ? 21  GLU A CB  1 
ATOM   154  C CG  . GLU A 1 21 ? 7.504   -13.708 -6.206  1.00 54.93 ? 21  GLU A CG  1 
ATOM   155  C CD  . GLU A 1 21 ? 6.150   -14.118 -6.759  1.00 59.75 ? 21  GLU A CD  1 
ATOM   156  O OE1 . GLU A 1 21 ? 5.402   -14.830 -6.048  1.00 61.68 ? 21  GLU A OE1 1 
ATOM   157  O OE2 . GLU A 1 21 ? 5.832   -13.725 -7.905  1.00 61.52 ? 21  GLU A OE2 1 
ATOM   158  N N   . ALA A 1 22 ? 8.072   -9.807  -4.082  1.00 34.64 ? 22  ALA A N   1 
ATOM   159  C CA  . ALA A 1 22 ? 7.697   -8.672  -3.265  1.00 31.19 ? 22  ALA A CA  1 
ATOM   160  C C   . ALA A 1 22 ? 6.571   -7.879  -3.900  1.00 30.55 ? 22  ALA A C   1 
ATOM   161  O O   . ALA A 1 22 ? 6.446   -7.815  -5.124  1.00 28.23 ? 22  ALA A O   1 
ATOM   162  C CB  . ALA A 1 22 ? 8.906   -7.774  -3.045  1.00 31.29 ? 22  ALA A CB  1 
ATOM   163  N N   . LEU A 1 23 ? 5.761   -7.268  -3.042  1.00 29.18 ? 23  LEU A N   1 
ATOM   164  C CA  . LEU A 1 23 ? 4.633   -6.454  -3.463  1.00 26.13 ? 23  LEU A CA  1 
ATOM   165  C C   . LEU A 1 23 ? 5.028   -4.993  -3.659  1.00 25.82 ? 23  LEU A C   1 
ATOM   166  O O   . LEU A 1 23 ? 5.593   -4.364  -2.761  1.00 27.37 ? 23  LEU A O   1 
ATOM   167  C CB  . LEU A 1 23 ? 3.533   -6.533  -2.409  1.00 24.36 ? 23  LEU A CB  1 
ATOM   168  C CG  . LEU A 1 23 ? 2.265   -5.728  -2.667  1.00 26.70 ? 23  LEU A CG  1 
ATOM   169  C CD1 . LEU A 1 23 ? 1.542   -6.296  -3.865  1.00 26.30 ? 23  LEU A CD1 1 
ATOM   170  C CD2 . LEU A 1 23 ? 1.375   -5.782  -1.439  1.00 28.01 ? 23  LEU A CD2 1 
ATOM   171  N N   . LEU A 1 24 ? 4.739   -4.465  -4.842  1.00 24.73 ? 24  LEU A N   1 
ATOM   172  C CA  . LEU A 1 24 ? 5.008   -3.070  -5.154  1.00 23.18 ? 24  LEU A CA  1 
ATOM   173  C C   . LEU A 1 24 ? 3.905   -2.297  -4.442  1.00 22.52 ? 24  LEU A C   1 
ATOM   174  O O   . LEU A 1 24 ? 2.753   -2.310  -4.873  1.00 22.54 ? 24  LEU A O   1 
ATOM   175  C CB  . LEU A 1 24 ? 4.931   -2.859  -6.663  1.00 25.62 ? 24  LEU A CB  1 
ATOM   176  C CG  . LEU A 1 24 ? 6.232   -2.958  -7.467  1.00 27.88 ? 24  LEU A CG  1 
ATOM   177  C CD1 . LEU A 1 24 ? 7.302   -3.761  -6.726  1.00 27.83 ? 24  LEU A CD1 1 
ATOM   178  C CD2 . LEU A 1 24 ? 5.905   -3.569  -8.807  1.00 29.25 ? 24  LEU A CD2 1 
ATOM   179  N N   . ASN A 1 25 ? 4.274   -1.613  -3.363  1.00 22.05 ? 25  ASN A N   1 
ATOM   180  C CA  . ASN A 1 25 ? 3.314   -0.905  -2.520  1.00 21.99 ? 25  ASN A CA  1 
ATOM   181  C C   . ASN A 1 25 ? 3.484   0.613   -2.420  1.00 23.28 ? 25  ASN A C   1 
ATOM   182  O O   . ASN A 1 25 ? 4.291   1.103   -1.622  1.00 23.22 ? 25  ASN A O   1 
ATOM   183  C CB  . ASN A 1 25 ? 3.395   -1.532  -1.121  1.00 21.31 ? 25  ASN A CB  1 
ATOM   184  C CG  . ASN A 1 25 ? 2.222   -1.174  -0.226  1.00 24.04 ? 25  ASN A CG  1 
ATOM   185  O OD1 . ASN A 1 25 ? 2.013   -1.818  0.810   1.00 25.51 ? 25  ASN A OD1 1 
ATOM   186  N ND2 . ASN A 1 25 ? 1.461   -0.153  -0.600  1.00 21.27 ? 25  ASN A ND2 1 
ATOM   187  N N   . THR A 1 26 ? 2.713   1.358   -3.209  1.00 21.33 ? 26  THR A N   1 
ATOM   188  C CA  . THR A 1 26 ? 2.786   2.815   -3.158  1.00 22.64 ? 26  THR A CA  1 
ATOM   189  C C   . THR A 1 26 ? 2.243   3.296   -1.813  1.00 23.07 ? 26  THR A C   1 
ATOM   190  O O   . THR A 1 26 ? 2.454   4.439   -1.413  1.00 25.61 ? 26  THR A O   1 
ATOM   191  C CB  . THR A 1 26 ? 1.961   3.481   -4.294  1.00 20.72 ? 26  THR A CB  1 
ATOM   192  O OG1 . THR A 1 26 ? 0.598   3.057   -4.215  1.00 19.31 ? 26  THR A OG1 1 
ATOM   193  C CG2 . THR A 1 26 ? 2.526   3.121   -5.643  1.00 16.88 ? 26  THR A CG2 1 
ATOM   194  N N   . GLY A 1 27 ? 1.545   2.405   -1.120  1.00 24.64 ? 27  GLY A N   1 
ATOM   195  C CA  . GLY A 1 27 ? 0.976   2.741   0.171   1.00 24.09 ? 27  GLY A CA  1 
ATOM   196  C C   . GLY A 1 27 ? 1.898   2.438   1.334   1.00 23.91 ? 27  GLY A C   1 
ATOM   197  O O   . GLY A 1 27 ? 1.469   2.436   2.483   1.00 21.42 ? 27  GLY A O   1 
ATOM   198  N N   . ALA A 1 28 ? 3.169   2.178   1.039   1.00 23.98 ? 28  ALA A N   1 
ATOM   199  C CA  . ALA A 1 28 ? 4.144   1.906   2.083   1.00 23.91 ? 28  ALA A CA  1 
ATOM   200  C C   . ALA A 1 28 ? 5.263   2.949   2.009   1.00 24.78 ? 28  ALA A C   1 
ATOM   201  O O   . ALA A 1 28 ? 5.766   3.249   0.930   1.00 25.60 ? 28  ALA A O   1 
ATOM   202  C CB  . ALA A 1 28 ? 4.720   0.508   1.916   1.00 21.70 ? 28  ALA A CB  1 
ATOM   203  N N   . ASP A 1 29 ? 5.635   3.515   3.152   1.00 25.17 ? 29  ASP A N   1 
ATOM   204  C CA  . ASP A 1 29 ? 6.704   4.501   3.178   1.00 28.99 ? 29  ASP A CA  1 
ATOM   205  C C   . ASP A 1 29 ? 8.035   3.775   3.092   1.00 30.83 ? 29  ASP A C   1 
ATOM   206  O O   . ASP A 1 29 ? 8.977   4.235   2.441   1.00 33.41 ? 29  ASP A O   1 
ATOM   207  C CB  . ASP A 1 29 ? 6.695   5.317   4.478   1.00 29.38 ? 29  ASP A CB  1 
ATOM   208  C CG  . ASP A 1 29 ? 5.548   6.300   4.557   1.00 30.84 ? 29  ASP A CG  1 
ATOM   209  O OD1 . ASP A 1 29 ? 5.268   6.988   3.556   1.00 32.56 ? 29  ASP A OD1 1 
ATOM   210  O OD2 . ASP A 1 29 ? 4.932   6.396   5.635   1.00 34.55 ? 29  ASP A OD2 1 
ATOM   211  N N   . ASP A 1 30 ? 8.095   2.626   3.752   1.00 29.80 ? 30  ASP A N   1 
ATOM   212  C CA  . ASP A 1 30 ? 9.310   1.840   3.807   1.00 28.70 ? 30  ASP A CA  1 
ATOM   213  C C   . ASP A 1 30 ? 9.152   0.502   3.142   1.00 26.83 ? 30  ASP A C   1 
ATOM   214  O O   . ASP A 1 30 ? 8.059   0.113   2.749   1.00 30.13 ? 30  ASP A O   1 
ATOM   215  C CB  . ASP A 1 30 ? 9.713   1.627   5.264   1.00 30.48 ? 30  ASP A CB  1 
ATOM   216  C CG  . ASP A 1 30 ? 9.677   2.909   6.060   1.00 31.00 ? 30  ASP A CG  1 
ATOM   217  O OD1 . ASP A 1 30 ? 10.438  3.842   5.728   1.00 33.78 ? 30  ASP A OD1 1 
ATOM   218  O OD2 . ASP A 1 30 ? 8.877   2.987   7.009   1.00 33.14 ? 30  ASP A OD2 1 
ATOM   219  N N   . THR A 1 31 ? 10.273  -0.196  3.035   1.00 27.83 ? 31  THR A N   1 
ATOM   220  C CA  . THR A 1 31 ? 10.334  -1.512  2.435   1.00 25.87 ? 31  THR A CA  1 
ATOM   221  C C   . THR A 1 31 ? 10.464  -2.473  3.597   1.00 25.52 ? 31  THR A C   1 
ATOM   222  O O   . THR A 1 31 ? 11.379  -2.355  4.402   1.00 27.26 ? 31  THR A O   1 
ATOM   223  C CB  . THR A 1 31 ? 11.561  -1.614  1.530   1.00 24.98 ? 31  THR A CB  1 
ATOM   224  O OG1 . THR A 1 31 ? 11.482  -0.593  0.530   1.00 25.48 ? 31  THR A OG1 1 
ATOM   225  C CG2 . THR A 1 31 ? 11.639  -2.970  0.866   1.00 24.88 ? 31  THR A CG2 1 
ATOM   226  N N   . VAL A 1 32 ? 9.532   -3.411  3.688   1.00 25.74 ? 32  VAL A N   1 
ATOM   227  C CA  . VAL A 1 32 ? 9.525   -4.379  4.772   1.00 25.21 ? 32  VAL A CA  1 
ATOM   228  C C   . VAL A 1 32 ? 9.618   -5.783  4.214   1.00 26.28 ? 32  VAL A C   1 
ATOM   229  O O   . VAL A 1 32 ? 8.798   -6.190  3.398   1.00 28.34 ? 32  VAL A O   1 
ATOM   230  C CB  . VAL A 1 32 ? 8.232   -4.268  5.593   1.00 25.22 ? 32  VAL A CB  1 
ATOM   231  C CG1 . VAL A 1 32 ? 8.360   -5.069  6.886   1.00 24.52 ? 32  VAL A CG1 1 
ATOM   232  C CG2 . VAL A 1 32 ? 7.936   -2.808  5.880   1.00 25.82 ? 32  VAL A CG2 1 
ATOM   233  N N   . LEU A 1 33 ? 10.609  -6.537  4.664   1.00 28.10 ? 33  LEU A N   1 
ATOM   234  C CA  . LEU A 1 33 ? 10.770  -7.887  4.162   1.00 29.60 ? 33  LEU A CA  1 
ATOM   235  C C   . LEU A 1 33 ? 10.578  -8.946  5.240   1.00 31.58 ? 33  LEU A C   1 
ATOM   236  O O   . LEU A 1 33 ? 10.778  -8.684  6.425   1.00 30.47 ? 33  LEU A O   1 
ATOM   237  C CB  . LEU A 1 33 ? 12.144  -8.013  3.505   1.00 33.14 ? 33  LEU A CB  1 
ATOM   238  C CG  . LEU A 1 33 ? 12.351  -7.049  2.322   1.00 34.72 ? 33  LEU A CG  1 
ATOM   239  C CD1 . LEU A 1 33 ? 13.795  -7.093  1.845   1.00 36.35 ? 33  LEU A CD1 1 
ATOM   240  C CD2 . LEU A 1 33 ? 11.409  -7.417  1.195   1.00 32.56 ? 33  LEU A CD2 1 
ATOM   241  N N   . GLU A 1 34 ? 10.161  -10.139 4.827   1.00 34.62 ? 34  GLU A N   1 
ATOM   242  C CA  . GLU A 1 34 ? 9.965   -11.226 5.773   1.00 39.29 ? 34  GLU A CA  1 
ATOM   243  C C   . GLU A 1 34 ? 11.279  -11.479 6.498   1.00 40.14 ? 34  GLU A C   1 
ATOM   244  O O   . GLU A 1 34 ? 12.353  -11.149 5.993   1.00 38.75 ? 34  GLU A O   1 
ATOM   245  C CB  . GLU A 1 34 ? 9.494   -12.490 5.058   1.00 40.94 ? 34  GLU A CB  1 
ATOM   246  C CG  . GLU A 1 34 ? 8.085   -12.370 4.488   1.00 50.99 ? 34  GLU A CG  1 
ATOM   247  C CD  . GLU A 1 34 ? 7.528   -13.695 3.980   1.00 55.61 ? 34  GLU A CD  1 
ATOM   248  O OE1 . GLU A 1 34 ? 8.164   -14.317 3.097   1.00 58.32 ? 34  GLU A OE1 1 
ATOM   249  O OE2 . GLU A 1 34 ? 6.452   -14.116 4.464   1.00 58.37 ? 34  GLU A OE2 1 
ATOM   250  N N   . GLU A 1 35 ? 11.179  -12.046 7.694   1.00 42.18 ? 35  GLU A N   1 
ATOM   251  C CA  . GLU A 1 35 ? 12.341  -12.330 8.524   1.00 43.60 ? 35  GLU A CA  1 
ATOM   252  C C   . GLU A 1 35 ? 13.472  -13.037 7.761   1.00 44.68 ? 35  GLU A C   1 
ATOM   253  O O   . GLU A 1 35 ? 13.253  -14.026 7.050   1.00 41.13 ? 35  GLU A O   1 
ATOM   254  C CB  . GLU A 1 35 ? 11.901  -13.152 9.741   1.00 43.11 ? 35  GLU A CB  1 
ATOM   255  C CG  . GLU A 1 35 ? 13.020  -13.626 10.653  1.00 45.81 ? 35  GLU A CG  1 
ATOM   256  C CD  . GLU A 1 35 ? 13.889  -12.501 11.196  1.00 47.63 ? 35  GLU A CD  1 
ATOM   257  O OE1 . GLU A 1 35 ? 13.337  -11.499 11.714  1.00 46.95 ? 35  GLU A OE1 1 
ATOM   258  O OE2 . GLU A 1 35 ? 15.131  -12.633 11.115  1.00 47.70 ? 35  GLU A OE2 1 
ATOM   259  N N   . MET A 1 36 ? 14.680  -12.496 7.906   1.00 44.80 ? 36  MET A N   1 
ATOM   260  C CA  . MET A 1 36 ? 15.865  -13.040 7.259   1.00 44.76 ? 36  MET A CA  1 
ATOM   261  C C   . MET A 1 36 ? 17.100  -12.534 7.992   1.00 44.45 ? 36  MET A C   1 
ATOM   262  O O   . MET A 1 36 ? 17.067  -11.473 8.609   1.00 41.57 ? 36  MET A O   1 
ATOM   263  C CB  . MET A 1 36 ? 15.909  -12.620 5.789   1.00 44.75 ? 36  MET A CB  1 
ATOM   264  C CG  . MET A 1 36 ? 16.216  -11.162 5.551   1.00 46.07 ? 36  MET A CG  1 
ATOM   265  S SD  . MET A 1 36 ? 16.125  -10.780 3.786   1.00 53.21 ? 36  MET A SD  1 
ATOM   266  C CE  . MET A 1 36 ? 17.363  -11.900 3.108   1.00 48.21 ? 36  MET A CE  1 
ATOM   267  N N   . ASN A 1 37 ? 18.189  -13.292 7.926   1.00 47.01 ? 37  ASN A N   1 
ATOM   268  C CA  . ASN A 1 37 ? 19.416  -12.911 8.619   1.00 51.10 ? 37  ASN A CA  1 
ATOM   269  C C   . ASN A 1 37 ? 20.401  -12.161 7.735   1.00 50.72 ? 37  ASN A C   1 
ATOM   270  O O   . ASN A 1 37 ? 21.254  -12.762 7.082   1.00 52.66 ? 37  ASN A O   1 
ATOM   271  C CB  . ASN A 1 37 ? 20.102  -14.147 9.208   1.00 52.73 ? 37  ASN A CB  1 
ATOM   272  C CG  . ASN A 1 37 ? 19.141  -15.034 9.973   1.00 56.20 ? 37  ASN A CG  1 
ATOM   273  O OD1 . ASN A 1 37 ? 18.502  -14.597 10.930  1.00 59.70 ? 37  ASN A OD1 1 
ATOM   274  N ND2 . ASN A 1 37 ? 19.027  -16.286 9.550   1.00 59.06 ? 37  ASN A ND2 1 
ATOM   275  N N   . LEU A 1 38 ? 20.280  -10.842 7.724   1.00 49.56 ? 38  LEU A N   1 
ATOM   276  C CA  . LEU A 1 38 ? 21.170  -10.004 6.943   1.00 48.88 ? 38  LEU A CA  1 
ATOM   277  C C   . LEU A 1 38 ? 22.359  -9.612  7.807   1.00 48.48 ? 38  LEU A C   1 
ATOM   278  O O   . LEU A 1 38 ? 22.252  -9.540  9.033   1.00 49.08 ? 38  LEU A O   1 
ATOM   279  C CB  . LEU A 1 38 ? 20.439  -8.748  6.486   1.00 47.76 ? 38  LEU A CB  1 
ATOM   280  C CG  . LEU A 1 38 ? 19.335  -9.001  5.467   1.00 50.41 ? 38  LEU A CG  1 
ATOM   281  C CD1 . LEU A 1 38 ? 18.477  -7.750  5.309   1.00 52.84 ? 38  LEU A CD1 1 
ATOM   282  C CD2 . LEU A 1 38 ? 19.967  -9.413  4.148   1.00 48.10 ? 38  LEU A CD2 1 
ATOM   283  N N   . PRO A 1 39 ? 23.516  -9.369  7.178   1.00 48.38 ? 39  PRO A N   1 
ATOM   284  C CA  . PRO A 1 39 ? 24.713  -8.982  7.925   1.00 47.39 ? 39  PRO A CA  1 
ATOM   285  C C   . PRO A 1 39 ? 24.703  -7.481  8.173   1.00 46.88 ? 39  PRO A C   1 
ATOM   286  O O   . PRO A 1 39 ? 24.121  -6.714  7.396   1.00 47.05 ? 39  PRO A O   1 
ATOM   287  C CB  . PRO A 1 39 ? 25.838  -9.393  6.991   1.00 46.78 ? 39  PRO A CB  1 
ATOM   288  C CG  . PRO A 1 39 ? 25.264  -9.053  5.651   1.00 48.45 ? 39  PRO A CG  1 
ATOM   289  C CD  . PRO A 1 39 ? 23.833  -9.577  5.753   1.00 48.55 ? 39  PRO A CD  1 
ATOM   290  N N   . GLY A 1 40 ? 25.341  -7.063  9.256   1.00 45.47 ? 40  GLY A N   1 
ATOM   291  C CA  . GLY A 1 40 ? 25.400  -5.647  9.549   1.00 44.29 ? 40  GLY A CA  1 
ATOM   292  C C   . GLY A 1 40 ? 24.636  -5.261  10.789  1.00 44.43 ? 40  GLY A C   1 
ATOM   293  O O   . GLY A 1 40 ? 23.892  -6.063  11.355  1.00 44.74 ? 40  GLY A O   1 
ATOM   294  N N   . LYS A 1 41 ? 24.832  -4.020  11.211  1.00 45.12 ? 41  LYS A N   1 
ATOM   295  C CA  . LYS A 1 41 ? 24.158  -3.498  12.384  1.00 46.86 ? 41  LYS A CA  1 
ATOM   296  C C   . LYS A 1 41 ? 22.726  -3.102  12.020  1.00 46.53 ? 41  LYS A C   1 
ATOM   297  O O   . LYS A 1 41 ? 22.417  -2.842  10.853  1.00 45.12 ? 41  LYS A O   1 
ATOM   298  C CB  . LYS A 1 41 ? 24.922  -2.294  12.923  1.00 49.39 ? 41  LYS A CB  1 
ATOM   299  N N   . TRP A 1 42 ? 21.861  -3.066  13.028  1.00 45.64 ? 42  TRP A N   1 
ATOM   300  C CA  . TRP A 1 42 ? 20.462  -2.709  12.843  1.00 45.40 ? 42  TRP A CA  1 
ATOM   301  C C   . TRP A 1 42 ? 19.862  -2.088  14.098  1.00 44.96 ? 42  TRP A C   1 
ATOM   302  O O   . TRP A 1 42 ? 20.161  -2.513  15.215  1.00 48.56 ? 42  TRP A O   1 
ATOM   303  C CB  . TRP A 1 42 ? 19.651  -3.944  12.462  1.00 44.99 ? 42  TRP A CB  1 
ATOM   304  C CG  . TRP A 1 42 ? 19.800  -5.089  13.419  1.00 45.75 ? 42  TRP A CG  1 
ATOM   305  C CD1 . TRP A 1 42 ? 20.635  -6.160  13.291  1.00 45.92 ? 42  TRP A CD1 1 
ATOM   306  C CD2 . TRP A 1 42 ? 19.068  -5.293  14.635  1.00 46.00 ? 42  TRP A CD2 1 
ATOM   307  N NE1 . TRP A 1 42 ? 20.465  -7.025  14.347  1.00 46.00 ? 42  TRP A NE1 1 
ATOM   308  C CE2 . TRP A 1 42 ? 19.510  -6.518  15.188  1.00 45.63 ? 42  TRP A CE2 1 
ATOM   309  C CE3 . TRP A 1 42 ? 18.076  -4.564  15.308  1.00 45.30 ? 42  TRP A CE3 1 
ATOM   310  C CZ2 . TRP A 1 42 ? 18.997  -7.029  16.382  1.00 43.95 ? 42  TRP A CZ2 1 
ATOM   311  C CZ3 . TRP A 1 42 ? 17.564  -5.073  16.497  1.00 46.39 ? 42  TRP A CZ3 1 
ATOM   312  C CH2 . TRP A 1 42 ? 18.027  -6.298  17.022  1.00 46.10 ? 42  TRP A CH2 1 
ATOM   313  N N   . LYS A 1 43 ? 19.009  -1.087  13.909  1.00 42.00 ? 43  LYS A N   1 
ATOM   314  C CA  . LYS A 1 43 ? 18.356  -0.416  15.023  1.00 40.40 ? 43  LYS A CA  1 
ATOM   315  C C   . LYS A 1 43 ? 16.888  -0.853  15.081  1.00 40.84 ? 43  LYS A C   1 
ATOM   316  O O   . LYS A 1 43 ? 16.237  -1.002  14.045  1.00 41.77 ? 43  LYS A O   1 
ATOM   317  C CB  . LYS A 1 43 ? 18.459  1.095   14.849  1.00 38.44 ? 43  LYS A CB  1 
ATOM   318  N N   . PRO A 1 44 ? 16.357  -1.086  16.293  1.00 41.05 ? 44  PRO A N   1 
ATOM   319  C CA  . PRO A 1 44 ? 14.965  -1.509  16.479  1.00 40.31 ? 44  PRO A CA  1 
ATOM   320  C C   . PRO A 1 44 ? 13.995  -0.403  16.085  1.00 38.98 ? 44  PRO A C   1 
ATOM   321  O O   . PRO A 1 44 ? 14.184  0.766   16.436  1.00 39.82 ? 44  PRO A O   1 
ATOM   322  C CB  . PRO A 1 44 ? 14.893  -1.828  17.974  1.00 40.48 ? 44  PRO A CB  1 
ATOM   323  C CG  . PRO A 1 44 ? 16.294  -2.223  18.302  1.00 42.09 ? 44  PRO A CG  1 
ATOM   324  C CD  . PRO A 1 44 ? 17.080  -1.156  17.572  1.00 42.53 ? 44  PRO A CD  1 
ATOM   325  N N   . LYS A 1 45 ? 12.945  -0.772  15.369  1.00 35.84 ? 45  LYS A N   1 
ATOM   326  C CA  . LYS A 1 45 ? 11.987  0.221   14.934  1.00 33.20 ? 45  LYS A CA  1 
ATOM   327  C C   . LYS A 1 45 ? 10.557  -0.305  15.002  1.00 31.17 ? 45  LYS A C   1 
ATOM   328  O O   . LYS A 1 45 ? 10.320  -1.514  14.983  1.00 30.66 ? 45  LYS A O   1 
ATOM   329  C CB  . LYS A 1 45 ? 12.335  0.652   13.505  1.00 33.71 ? 45  LYS A CB  1 
ATOM   330  C CG  . LYS A 1 45 ? 11.714  1.962   13.081  1.00 33.66 ? 45  LYS A CG  1 
ATOM   331  C CD  . LYS A 1 45 ? 12.000  2.251   11.621  1.00 34.28 ? 45  LYS A CD  1 
ATOM   332  C CE  . LYS A 1 45 ? 11.254  3.492   11.176  1.00 37.44 ? 45  LYS A CE  1 
ATOM   333  N NZ  . LYS A 1 45 ? 11.284  3.664   9.707   1.00 39.01 ? 45  LYS A NZ  1 
ATOM   334  N N   . MET A 1 46 ? 9.609   0.616   15.105  1.00 30.24 ? 46  MET A N   1 
ATOM   335  C CA  . MET A 1 46 ? 8.197   0.261   15.150  1.00 30.58 ? 46  MET A CA  1 
ATOM   336  C C   . MET A 1 46 ? 7.520   0.869   13.927  1.00 29.02 ? 46  MET A C   1 
ATOM   337  O O   . MET A 1 46 ? 7.670   2.064   13.659  1.00 31.00 ? 46  MET A O   1 
ATOM   338  C CB  . MET A 1 46 ? 7.540   0.812   16.420  1.00 28.34 ? 46  MET A CB  1 
ATOM   339  C CG  . MET A 1 46 ? 8.001   0.167   17.720  1.00 30.03 ? 46  MET A CG  1 
ATOM   340  S SD  . MET A 1 46 ? 7.137   -1.371  18.087  1.00 37.19 ? 46  MET A SD  1 
ATOM   341  C CE  . MET A 1 46 ? 5.537   -0.713  18.730  1.00 32.15 ? 46  MET A CE  1 
ATOM   342  N N   . ILE A 1 47 ? 6.810   0.046   13.164  1.00 27.10 ? 47  ILE A N   1 
ATOM   343  C CA  . ILE A 1 47 ? 6.094   0.551   12.000  1.00 27.51 ? 47  ILE A CA  1 
ATOM   344  C C   . ILE A 1 47 ? 4.636   0.175   12.156  1.00 27.19 ? 47  ILE A C   1 
ATOM   345  O O   . ILE A 1 47 ? 4.299   -0.877  12.707  1.00 24.62 ? 47  ILE A O   1 
ATOM   346  C CB  . ILE A 1 47 ? 6.615   -0.019  10.648  1.00 29.41 ? 47  ILE A CB  1 
ATOM   347  C CG1 . ILE A 1 47 ? 6.413   -1.528  10.589  1.00 27.20 ? 47  ILE A CG1 1 
ATOM   348  C CG2 . ILE A 1 47 ? 8.078   0.347   10.450  1.00 31.81 ? 47  ILE A CG2 1 
ATOM   349  C CD1 . ILE A 1 47 ? 6.759   -2.108  9.253   1.00 28.64 ? 47  ILE A CD1 1 
ATOM   350  N N   . GLY A 1 48 ? 3.768   1.048   11.675  1.00 26.98 ? 48  GLY A N   1 
ATOM   351  C CA  . GLY A 1 48 ? 2.356   0.785   11.797  1.00 25.47 ? 48  GLY A CA  1 
ATOM   352  C C   . GLY A 1 48 ? 1.668   0.594   10.473  1.00 25.32 ? 48  GLY A C   1 
ATOM   353  O O   . GLY A 1 48 ? 2.158   1.004   9.421   1.00 24.79 ? 48  GLY A O   1 
ATOM   354  N N   . GLY A 1 49 ? 0.516   -0.049  10.549  1.00 26.08 ? 49  GLY A N   1 
ATOM   355  C CA  . GLY A 1 49 ? -0.285  -0.303  9.379   1.00 25.71 ? 49  GLY A CA  1 
ATOM   356  C C   . GLY A 1 49 ? -1.697  -0.441  9.886   1.00 24.70 ? 49  GLY A C   1 
ATOM   357  O O   . GLY A 1 49 ? -2.025  0.046   10.967  1.00 23.66 ? 49  GLY A O   1 
ATOM   358  N N   A ILE A 1 50 ? -2.547  -1.100  9.108   0.50 25.96 ? 50  ILE A N   1 
ATOM   359  N N   B ILE A 1 50 ? -2.530  -1.113  9.105   0.50 23.72 ? 50  ILE A N   1 
ATOM   360  C CA  A ILE A 1 50 ? -3.952  -1.262  9.458   0.50 26.82 ? 50  ILE A CA  1 
ATOM   361  C CA  B ILE A 1 50 ? -3.893  -1.360  9.514   0.50 22.65 ? 50  ILE A CA  1 
ATOM   362  C C   A ILE A 1 50 ? -4.306  -1.887  10.808  0.50 26.72 ? 50  ILE A C   1 
ATOM   363  C C   B ILE A 1 50 ? -3.751  -2.453  10.564  0.50 21.71 ? 50  ILE A C   1 
ATOM   364  O O   A ILE A 1 50 ? -5.183  -1.377  11.499  0.50 26.98 ? 50  ILE A O   1 
ATOM   365  O O   B ILE A 1 50 ? -2.985  -3.402  10.385  0.50 18.56 ? 50  ILE A O   1 
ATOM   366  C CB  A ILE A 1 50 ? -4.697  -2.023  8.332   0.50 27.12 ? 50  ILE A CB  1 
ATOM   367  C CB  B ILE A 1 50 ? -4.752  -1.850  8.325   0.50 22.50 ? 50  ILE A CB  1 
ATOM   368  C CG1 A ILE A 1 50 ? -4.983  -1.052  7.185   0.50 29.26 ? 50  ILE A CG1 1 
ATOM   369  C CG1 B ILE A 1 50 ? -5.145  -0.649  7.461   0.50 24.03 ? 50  ILE A CG1 1 
ATOM   370  C CG2 A ILE A 1 50 ? -5.977  -2.644  8.855   0.50 27.59 ? 50  ILE A CG2 1 
ATOM   371  C CG2 B ILE A 1 50 ? -5.969  -2.598  8.827   0.50 23.08 ? 50  ILE A CG2 1 
ATOM   372  C CD1 A ILE A 1 50 ? -5.748  -1.652  6.039   0.50 32.22 ? 50  ILE A CD1 1 
ATOM   373  C CD1 B ILE A 1 50 ? -5.980  -0.993  6.248   0.50 25.12 ? 50  ILE A CD1 1 
ATOM   374  N N   A GLY A 1 51 ? -3.646  -2.974  11.194  0.50 25.63 ? 51  GLY A N   1 
ATOM   375  N N   B GLY A 1 51 ? -4.467  -2.302  11.670  0.50 21.00 ? 51  GLY A N   1 
ATOM   376  C CA  A GLY A 1 51 ? -3.987  -3.607  12.458  0.50 25.49 ? 51  GLY A CA  1 
ATOM   377  C CA  B GLY A 1 51 ? -4.383  -3.284  12.727  0.50 21.22 ? 51  GLY A CA  1 
ATOM   378  C C   A GLY A 1 51 ? -3.153  -3.213  13.661  0.50 25.31 ? 51  GLY A C   1 
ATOM   379  C C   B GLY A 1 51 ? -3.508  -2.789  13.857  0.50 22.91 ? 51  GLY A C   1 
ATOM   380  O O   A GLY A 1 51 ? -3.199  -3.871  14.695  0.50 27.46 ? 51  GLY A O   1 
ATOM   381  O O   B GLY A 1 51 ? -3.833  -2.993  15.025  0.50 23.93 ? 51  GLY A O   1 
ATOM   382  N N   . GLY A 1 52 ? -2.401  -2.127  13.527  1.00 25.47 ? 52  GLY A N   1 
ATOM   383  C CA  . GLY A 1 52 ? -1.540  -1.646  14.591  1.00 25.01 ? 52  GLY A CA  1 
ATOM   384  C C   . GLY A 1 52 ? -0.073  -1.596  14.210  1.00 25.69 ? 52  GLY A C   1 
ATOM   385  O O   . GLY A 1 52 ? 0.262   -1.388  13.045  1.00 25.59 ? 52  GLY A O   1 
ATOM   386  N N   . PHE A 1 53 ? 0.795   -1.799  15.202  1.00 26.77 ? 53  PHE A N   1 
ATOM   387  C CA  . PHE A 1 53 ? 2.246   -1.768  15.013  1.00 26.01 ? 53  PHE A CA  1 
ATOM   388  C C   . PHE A 1 53 ? 2.938   -3.104  15.228  1.00 27.37 ? 53  PHE A C   1 
ATOM   389  O O   . PHE A 1 53 ? 2.419   -3.998  15.897  1.00 29.83 ? 53  PHE A O   1 
ATOM   390  C CB  . PHE A 1 53 ? 2.895   -0.774  15.980  1.00 23.93 ? 53  PHE A CB  1 
ATOM   391  C CG  . PHE A 1 53 ? 2.618   0.663   15.663  1.00 23.91 ? 53  PHE A CG  1 
ATOM   392  C CD1 . PHE A 1 53 ? 1.345   1.198   15.837  1.00 23.34 ? 53  PHE A CD1 1 
ATOM   393  C CD2 . PHE A 1 53 ? 3.638   1.490   15.213  1.00 22.69 ? 53  PHE A CD2 1 
ATOM   394  C CE1 . PHE A 1 53 ? 1.091   2.538   15.570  1.00 23.08 ? 53  PHE A CE1 1 
ATOM   395  C CE2 . PHE A 1 53 ? 3.396   2.830   14.941  1.00 27.08 ? 53  PHE A CE2 1 
ATOM   396  C CZ  . PHE A 1 53 ? 2.120   3.357   15.121  1.00 25.03 ? 53  PHE A CZ  1 
ATOM   397  N N   . ILE A 1 54 ? 4.133   -3.213  14.661  1.00 28.04 ? 54  ILE A N   1 
ATOM   398  C CA  . ILE A 1 54 ? 4.963   -4.402  14.802  1.00 27.60 ? 54  ILE A CA  1 
ATOM   399  C C   . ILE A 1 54 ? 6.396   -3.903  14.892  1.00 28.73 ? 54  ILE A C   1 
ATOM   400  O O   . ILE A 1 54 ? 6.741   -2.881  14.289  1.00 28.74 ? 54  ILE A O   1 
ATOM   401  C CB  . ILE A 1 54 ? 4.857   -5.354  13.591  1.00 27.24 ? 54  ILE A CB  1 
ATOM   402  C CG1 . ILE A 1 54 ? 5.374   -4.651  12.333  1.00 26.20 ? 54  ILE A CG1 1 
ATOM   403  C CG2 . ILE A 1 54 ? 3.412   -5.826  13.424  1.00 26.25 ? 54  ILE A CG2 1 
ATOM   404  C CD1 . ILE A 1 54 ? 5.648   -5.583  11.179  1.00 28.54 ? 54  ILE A CD1 1 
ATOM   405  N N   . LYS A 1 55 ? 7.225   -4.606  15.656  1.00 27.53 ? 55  LYS A N   1 
ATOM   406  C CA  . LYS A 1 55 ? 8.613   -4.213  15.782  1.00 28.73 ? 55  LYS A CA  1 
ATOM   407  C C   . LYS A 1 55 ? 9.388   -4.879  14.650  1.00 29.45 ? 55  LYS A C   1 
ATOM   408  O O   . LYS A 1 55 ? 9.133   -6.034  14.301  1.00 30.54 ? 55  LYS A O   1 
ATOM   409  C CB  . LYS A 1 55 ? 9.188   -4.659  17.126  1.00 30.43 ? 55  LYS A CB  1 
ATOM   410  C CG  . LYS A 1 55 ? 10.565  -4.075  17.389  1.00 37.03 ? 55  LYS A CG  1 
ATOM   411  C CD  . LYS A 1 55 ? 11.398  -4.932  18.321  1.00 41.61 ? 55  LYS A CD  1 
ATOM   412  C CE  . LYS A 1 55 ? 10.791  -5.033  19.703  1.00 42.45 ? 55  LYS A CE  1 
ATOM   413  N NZ  . LYS A 1 55 ? 11.677  -5.830  20.605  1.00 47.75 ? 55  LYS A NZ  1 
ATOM   414  N N   . VAL A 1 56 ? 10.322  -4.145  14.063  1.00 27.53 ? 56  VAL A N   1 
ATOM   415  C CA  . VAL A 1 56 ? 11.130  -4.688  12.984  1.00 29.48 ? 56  VAL A CA  1 
ATOM   416  C C   . VAL A 1 56 ? 12.563  -4.245  13.214  1.00 30.80 ? 56  VAL A C   1 
ATOM   417  O O   . VAL A 1 56 ? 12.840  -3.454  14.123  1.00 32.14 ? 56  VAL A O   1 
ATOM   418  C CB  . VAL A 1 56 ? 10.663  -4.172  11.585  1.00 29.87 ? 56  VAL A CB  1 
ATOM   419  C CG1 . VAL A 1 56 ? 9.215   -4.566  11.336  1.00 30.63 ? 56  VAL A CG1 1 
ATOM   420  C CG2 . VAL A 1 56 ? 10.820  -2.664  11.495  1.00 28.99 ? 56  VAL A CG2 1 
ATOM   421  N N   . ARG A 1 57 ? 13.477  -4.765  12.405  1.00 29.99 ? 57  ARG A N   1 
ATOM   422  C CA  . ARG A 1 57 ? 14.877  -4.383  12.511  1.00 29.44 ? 57  ARG A CA  1 
ATOM   423  C C   . ARG A 1 57 ? 15.224  -3.594  11.260  1.00 28.16 ? 57  ARG A C   1 
ATOM   424  O O   . ARG A 1 57 ? 14.853  -3.967  10.155  1.00 30.91 ? 57  ARG A O   1 
ATOM   425  C CB  . ARG A 1 57 ? 15.751  -5.625  12.648  1.00 29.73 ? 57  ARG A CB  1 
ATOM   426  C CG  . ARG A 1 57 ? 15.522  -6.349  13.953  1.00 30.74 ? 57  ARG A CG  1 
ATOM   427  C CD  . ARG A 1 57 ? 16.430  -7.561  14.120  1.00 34.77 ? 57  ARG A CD  1 
ATOM   428  N NE  . ARG A 1 57 ? 15.966  -8.726  13.374  1.00 36.96 ? 57  ARG A NE  1 
ATOM   429  C CZ  . ARG A 1 57 ? 16.487  -9.143  12.223  1.00 38.35 ? 57  ARG A CZ  1 
ATOM   430  N NH1 . ARG A 1 57 ? 17.497  -8.490  11.673  1.00 39.47 ? 57  ARG A NH1 1 
ATOM   431  N NH2 . ARG A 1 57 ? 15.996  -10.218 11.622  1.00 39.28 ? 57  ARG A NH2 1 
ATOM   432  N N   . GLN A 1 58 ? 15.920  -2.487  11.434  1.00 29.78 ? 58  GLN A N   1 
ATOM   433  C CA  . GLN A 1 58 ? 16.264  -1.640  10.304  1.00 30.95 ? 58  GLN A CA  1 
ATOM   434  C C   . GLN A 1 58 ? 17.705  -1.763  9.860   1.00 32.68 ? 58  GLN A C   1 
ATOM   435  O O   . GLN A 1 58 ? 18.624  -1.606  10.661  1.00 33.44 ? 58  GLN A O   1 
ATOM   436  C CB  . GLN A 1 58 ? 15.982  -0.188  10.661  1.00 31.88 ? 58  GLN A CB  1 
ATOM   437  C CG  . GLN A 1 58 ? 16.446  0.799   9.632   1.00 35.56 ? 58  GLN A CG  1 
ATOM   438  C CD  . GLN A 1 58 ? 16.501  2.204   10.182  1.00 38.18 ? 58  GLN A CD  1 
ATOM   439  O OE1 . GLN A 1 58 ? 15.490  2.763   10.604  1.00 39.19 ? 58  GLN A OE1 1 
ATOM   440  N NE2 . GLN A 1 58 ? 17.692  2.786   10.186  1.00 45.16 ? 58  GLN A NE2 1 
ATOM   441  N N   . TYR A 1 59 ? 17.894  -2.045  8.576   1.00 33.40 ? 59  TYR A N   1 
ATOM   442  C CA  . TYR A 1 59 ? 19.222  -2.154  7.993   1.00 31.38 ? 59  TYR A CA  1 
ATOM   443  C C   . TYR A 1 59 ? 19.323  -1.066  6.931   1.00 34.31 ? 59  TYR A C   1 
ATOM   444  O O   . TYR A 1 59 ? 18.381  -0.836  6.178   1.00 32.80 ? 59  TYR A O   1 
ATOM   445  C CB  . TYR A 1 59 ? 19.425  -3.514  7.332   1.00 32.32 ? 59  TYR A CB  1 
ATOM   446  C CG  . TYR A 1 59 ? 19.460  -4.685  8.278   1.00 34.06 ? 59  TYR A CG  1 
ATOM   447  C CD1 . TYR A 1 59 ? 18.284  -5.288  8.723   1.00 35.85 ? 59  TYR A CD1 1 
ATOM   448  C CD2 . TYR A 1 59 ? 20.678  -5.205  8.717   1.00 35.07 ? 59  TYR A CD2 1 
ATOM   449  C CE1 . TYR A 1 59 ? 18.324  -6.390  9.581   1.00 38.09 ? 59  TYR A CE1 1 
ATOM   450  C CE2 . TYR A 1 59 ? 20.732  -6.296  9.572   1.00 34.33 ? 59  TYR A CE2 1 
ATOM   451  C CZ  . TYR A 1 59 ? 19.559  -6.888  9.999   1.00 38.70 ? 59  TYR A CZ  1 
ATOM   452  O OH  . TYR A 1 59 ? 19.631  -7.980  10.832  1.00 40.30 ? 59  TYR A OH  1 
ATOM   453  N N   . ASP A 1 60 ? 20.461  -0.388  6.872   1.00 37.95 ? 60  ASP A N   1 
ATOM   454  C CA  . ASP A 1 60 ? 20.641  0.664   5.884   1.00 40.99 ? 60  ASP A CA  1 
ATOM   455  C C   . ASP A 1 60 ? 21.569  0.190   4.780   1.00 40.58 ? 60  ASP A C   1 
ATOM   456  O O   . ASP A 1 60 ? 22.150  -0.889  4.871   1.00 40.61 ? 60  ASP A O   1 
ATOM   457  C CB  . ASP A 1 60 ? 21.225  1.919   6.537   1.00 43.45 ? 60  ASP A CB  1 
ATOM   458  C CG  . ASP A 1 60 ? 20.410  2.389   7.723   1.00 46.95 ? 60  ASP A CG  1 
ATOM   459  O OD1 . ASP A 1 60 ? 19.166  2.431   7.619   1.00 47.16 ? 60  ASP A OD1 1 
ATOM   460  O OD2 . ASP A 1 60 ? 21.017  2.726   8.760   1.00 50.15 ? 60  ASP A OD2 1 
ATOM   461  N N   . GLN A 1 61 ? 21.689  1.002   3.735   1.00 40.12 ? 61  GLN A N   1 
ATOM   462  C CA  . GLN A 1 61 ? 22.563  0.707   2.611   1.00 41.71 ? 61  GLN A CA  1 
ATOM   463  C C   . GLN A 1 61 ? 22.518  -0.742  2.156   1.00 41.06 ? 61  GLN A C   1 
ATOM   464  O O   . GLN A 1 61 ? 23.557  -1.340  1.895   1.00 42.47 ? 61  GLN A O   1 
ATOM   465  C CB  . GLN A 1 61 ? 24.007  1.069   2.966   1.00 43.83 ? 61  GLN A CB  1 
ATOM   466  C CG  . GLN A 1 61 ? 24.217  2.514   3.432   1.00 50.51 ? 61  GLN A CG  1 
ATOM   467  C CD  . GLN A 1 61 ? 23.886  3.543   2.362   1.00 53.60 ? 61  GLN A CD  1 
ATOM   468  O OE1 . GLN A 1 61 ? 24.429  3.507   1.261   1.00 56.26 ? 61  GLN A OE1 1 
ATOM   469  N NE2 . GLN A 1 61 ? 22.993  4.470   2.687   1.00 56.17 ? 61  GLN A NE2 1 
ATOM   470  N N   . ILE A 1 62 ? 21.324  -1.314  2.062   1.00 42.46 ? 62  ILE A N   1 
ATOM   471  C CA  . ILE A 1 62 ? 21.201  -2.697  1.617   1.00 40.75 ? 62  ILE A CA  1 
ATOM   472  C C   . ILE A 1 62 ? 20.923  -2.750  0.122   1.00 41.38 ? 62  ILE A C   1 
ATOM   473  O O   . ILE A 1 62 ? 19.990  -2.119  -0.365  1.00 41.20 ? 62  ILE A O   1 
ATOM   474  C CB  . ILE A 1 62 ? 20.075  -3.424  2.350   1.00 40.46 ? 62  ILE A CB  1 
ATOM   475  C CG1 . ILE A 1 62 ? 20.395  -3.498  3.842   1.00 41.42 ? 62  ILE A CG1 1 
ATOM   476  C CG2 . ILE A 1 62 ? 19.901  -4.816  1.771   1.00 40.88 ? 62  ILE A CG2 1 
ATOM   477  C CD1 . ILE A 1 62 ? 21.693  -4.213  4.163   1.00 40.03 ? 62  ILE A CD1 1 
ATOM   478  N N   . PRO A 1 63 ? 21.752  -3.493  -0.629  1.00 42.79 ? 63  PRO A N   1 
ATOM   479  C CA  . PRO A 1 63 ? 21.610  -3.641  -2.081  1.00 42.44 ? 63  PRO A CA  1 
ATOM   480  C C   . PRO A 1 63 ? 20.419  -4.520  -2.423  1.00 42.07 ? 63  PRO A C   1 
ATOM   481  O O   . PRO A 1 63 ? 20.268  -5.615  -1.879  1.00 41.63 ? 63  PRO A O   1 
ATOM   482  C CB  . PRO A 1 63 ? 22.930  -4.292  -2.495  1.00 42.37 ? 63  PRO A CB  1 
ATOM   483  C CG  . PRO A 1 63 ? 23.878  -3.880  -1.414  1.00 41.81 ? 63  PRO A CG  1 
ATOM   484  C CD  . PRO A 1 63 ? 23.040  -4.054  -0.188  1.00 42.92 ? 63  PRO A CD  1 
ATOM   485  N N   . VAL A 1 64 ? 19.576  -4.039  -3.327  1.00 42.26 ? 64  VAL A N   1 
ATOM   486  C CA  . VAL A 1 64 ? 18.397  -4.782  -3.744  1.00 42.90 ? 64  VAL A CA  1 
ATOM   487  C C   . VAL A 1 64 ? 18.148  -4.585  -5.233  1.00 44.21 ? 64  VAL A C   1 
ATOM   488  O O   . VAL A 1 64 ? 18.254  -3.475  -5.752  1.00 44.34 ? 64  VAL A O   1 
ATOM   489  C CB  . VAL A 1 64 ? 17.137  -4.315  -2.971  1.00 42.59 ? 64  VAL A CB  1 
ATOM   490  C CG1 . VAL A 1 64 ? 15.913  -5.061  -3.475  1.00 44.87 ? 64  VAL A CG1 1 
ATOM   491  C CG2 . VAL A 1 64 ? 17.314  -4.551  -1.482  1.00 42.36 ? 64  VAL A CG2 1 
ATOM   492  N N   . GLU A 1 65 ? 17.829  -5.667  -5.928  1.00 47.82 ? 65  GLU A N   1 
ATOM   493  C CA  . GLU A 1 65 ? 17.539  -5.564  -7.351  1.00 49.62 ? 65  GLU A CA  1 
ATOM   494  C C   . GLU A 1 65 ? 16.061  -5.861  -7.575  1.00 46.95 ? 65  GLU A C   1 
ATOM   495  O O   . GLU A 1 65 ? 15.554  -6.922  -7.193  1.00 41.97 ? 65  GLU A O   1 
ATOM   496  C CB  . GLU A 1 65 ? 18.394  -6.535  -8.161  1.00 53.34 ? 65  GLU A CB  1 
ATOM   497  C CG  . GLU A 1 65 ? 18.497  -6.121  -9.610  1.00 59.78 ? 65  GLU A CG  1 
ATOM   498  C CD  . GLU A 1 65 ? 19.220  -7.136  -10.455 1.00 62.41 ? 65  GLU A CD  1 
ATOM   499  O OE1 . GLU A 1 65 ? 18.652  -8.225  -10.691 1.00 64.96 ? 65  GLU A OE1 1 
ATOM   500  O OE2 . GLU A 1 65 ? 20.358  -6.842  -10.878 1.00 65.34 ? 65  GLU A OE2 1 
ATOM   501  N N   . ILE A 1 66 ? 15.375  -4.903  -8.185  1.00 44.93 ? 66  ILE A N   1 
ATOM   502  C CA  . ILE A 1 66 ? 13.953  -5.027  -8.455  1.00 43.78 ? 66  ILE A CA  1 
ATOM   503  C C   . ILE A 1 66 ? 13.737  -5.172  -9.952  1.00 44.97 ? 66  ILE A C   1 
ATOM   504  O O   . ILE A 1 66 ? 13.942  -4.222  -10.710 1.00 45.05 ? 66  ILE A O   1 
ATOM   505  C CB  . ILE A 1 66 ? 13.203  -3.788  -7.947  1.00 41.09 ? 66  ILE A CB  1 
ATOM   506  C CG1 . ILE A 1 66 ? 13.464  -3.607  -6.452  1.00 38.70 ? 66  ILE A CG1 1 
ATOM   507  C CG2 . ILE A 1 66 ? 11.718  -3.935  -8.217  1.00 42.05 ? 66  ILE A CG2 1 
ATOM   508  C CD1 . ILE A 1 66 ? 12.955  -2.293  -5.888  1.00 38.82 ? 66  ILE A CD1 1 
ATOM   509  N N   . CYS A 1 67 ? 13.329  -6.365  -10.372 1.00 46.63 ? 67  CYS A N   1 
ATOM   510  C CA  . CYS A 1 67 ? 13.101  -6.633  -11.786 1.00 50.57 ? 67  CYS A CA  1 
ATOM   511  C C   . CYS A 1 67 ? 14.182  -5.994  -12.663 1.00 49.47 ? 67  CYS A C   1 
ATOM   512  O O   . CYS A 1 67 ? 13.883  -5.217  -13.574 1.00 50.08 ? 67  CYS A O   1 
ATOM   513  C CB  . CYS A 1 67 ? 11.714  -6.127  -12.209 1.00 52.78 ? 67  CYS A CB  1 
ATOM   514  S SG  . CYS A 1 67 ? 10.457  -7.433  -12.374 1.00 58.18 ? 67  CYS A SG  1 
ATOM   515  N N   . GLY A 1 68 ? 15.439  -6.313  -12.365 1.00 48.76 ? 68  GLY A N   1 
ATOM   516  C CA  . GLY A 1 68 ? 16.549  -5.798  -13.146 1.00 48.18 ? 68  GLY A CA  1 
ATOM   517  C C   . GLY A 1 68 ? 17.014  -4.383  -12.870 1.00 48.24 ? 68  GLY A C   1 
ATOM   518  O O   . GLY A 1 68 ? 17.928  -3.895  -13.534 1.00 46.85 ? 68  GLY A O   1 
ATOM   519  N N   . HIS A 1 69 ? 16.398  -3.713  -11.905 1.00 49.72 ? 69  HIS A N   1 
ATOM   520  C CA  . HIS A 1 69 ? 16.794  -2.350  -11.572 1.00 49.03 ? 69  HIS A CA  1 
ATOM   521  C C   . HIS A 1 69 ? 17.466  -2.301  -10.211 1.00 50.03 ? 69  HIS A C   1 
ATOM   522  O O   . HIS A 1 69 ? 16.861  -2.626  -9.186  1.00 52.81 ? 69  HIS A O   1 
ATOM   523  C CB  . HIS A 1 69 ? 15.580  -1.430  -11.596 1.00 49.66 ? 69  HIS A CB  1 
ATOM   524  C CG  . HIS A 1 69 ? 14.969  -1.291  -12.952 1.00 50.34 ? 69  HIS A CG  1 
ATOM   525  N ND1 . HIS A 1 69 ? 14.945  -0.096  -13.639 1.00 50.52 ? 69  HIS A ND1 1 
ATOM   526  C CD2 . HIS A 1 69 ? 14.389  -2.206  -13.766 1.00 50.13 ? 69  HIS A CD2 1 
ATOM   527  C CE1 . HIS A 1 69 ? 14.379  -0.282  -14.819 1.00 51.16 ? 69  HIS A CE1 1 
ATOM   528  N NE2 . HIS A 1 69 ? 14.033  -1.553  -14.920 1.00 51.52 ? 69  HIS A NE2 1 
ATOM   529  N N   . LYS A 1 70 ? 18.730  -1.894  -10.218 1.00 49.70 ? 70  LYS A N   1 
ATOM   530  C CA  . LYS A 1 70 ? 19.530  -1.806  -9.005  1.00 46.55 ? 70  LYS A CA  1 
ATOM   531  C C   . LYS A 1 70 ? 19.164  -0.612  -8.142  1.00 44.90 ? 70  LYS A C   1 
ATOM   532  O O   . LYS A 1 70 ? 19.013  0.509   -8.629  1.00 45.16 ? 70  LYS A O   1 
ATOM   533  C CB  . LYS A 1 70 ? 21.013  -1.749  -9.364  1.00 47.04 ? 70  LYS A CB  1 
ATOM   534  N N   . ALA A 1 71 ? 19.020  -0.874  -6.851  1.00 42.58 ? 71  ALA A N   1 
ATOM   535  C CA  . ALA A 1 71 ? 18.706  0.156   -5.878  1.00 40.74 ? 71  ALA A CA  1 
ATOM   536  C C   . ALA A 1 71 ? 19.362  -0.233  -4.554  1.00 38.88 ? 71  ALA A C   1 
ATOM   537  O O   . ALA A 1 71 ? 19.672  -1.400  -4.306  1.00 36.27 ? 71  ALA A O   1 
ATOM   538  C CB  . ALA A 1 71 ? 17.194  0.288   -5.712  1.00 42.42 ? 71  ALA A CB  1 
ATOM   539  N N   . ILE A 1 72 ? 19.589  0.753   -3.706  1.00 37.46 ? 72  ILE A N   1 
ATOM   540  C CA  . ILE A 1 72 ? 20.206  0.492   -2.419  1.00 37.64 ? 72  ILE A CA  1 
ATOM   541  C C   . ILE A 1 72 ? 19.588  1.451   -1.423  1.00 34.85 ? 72  ILE A C   1 
ATOM   542  O O   . ILE A 1 72 ? 19.435  2.636   -1.701  1.00 37.43 ? 72  ILE A O   1 
ATOM   543  C CB  . ILE A 1 72 ? 21.762  0.682   -2.490  1.00 38.64 ? 72  ILE A CB  1 
ATOM   544  C CG1 . ILE A 1 72 ? 22.383  0.450   -1.116  1.00 38.06 ? 72  ILE A CG1 1 
ATOM   545  C CG2 . ILE A 1 72 ? 22.117  2.068   -3.010  1.00 37.36 ? 72  ILE A CG2 1 
ATOM   546  C CD1 . ILE A 1 72 ? 23.890  0.550   -1.112  1.00 39.52 ? 72  ILE A CD1 1 
ATOM   547  N N   . GLY A 1 73 ? 19.203  0.935   -0.268  1.00 32.77 ? 73  GLY A N   1 
ATOM   548  C CA  . GLY A 1 73 ? 18.606  1.799   0.725   1.00 31.93 ? 73  GLY A CA  1 
ATOM   549  C C   . GLY A 1 73 ? 18.224  1.049   1.974   1.00 30.86 ? 73  GLY A C   1 
ATOM   550  O O   . GLY A 1 73 ? 18.674  -0.073  2.205   1.00 33.13 ? 73  GLY A O   1 
ATOM   551  N N   . THR A 1 74 ? 17.382  1.672   2.781   1.00 30.25 ? 74  THR A N   1 
ATOM   552  C CA  . THR A 1 74 ? 16.940  1.061   4.018   1.00 30.93 ? 74  THR A CA  1 
ATOM   553  C C   . THR A 1 74 ? 15.971  -0.097  3.795   1.00 30.09 ? 74  THR A C   1 
ATOM   554  O O   . THR A 1 74 ? 15.124  -0.074  2.898   1.00 30.28 ? 74  THR A O   1 
ATOM   555  C CB  . THR A 1 74 ? 16.280  2.106   4.911   1.00 30.64 ? 74  THR A CB  1 
ATOM   556  O OG1 . THR A 1 74 ? 17.186  3.198   5.087   1.00 35.85 ? 74  THR A OG1 1 
ATOM   557  C CG2 . THR A 1 74 ? 15.932  1.520   6.267   1.00 29.05 ? 74  THR A CG2 1 
ATOM   558  N N   . VAL A 1 75 ? 16.120  -1.117  4.625   1.00 29.28 ? 75  VAL A N   1 
ATOM   559  C CA  . VAL A 1 75 ? 15.263  -2.283  4.567   1.00 30.05 ? 75  VAL A CA  1 
ATOM   560  C C   . VAL A 1 75 ? 14.889  -2.717  5.981   1.00 29.30 ? 75  VAL A C   1 
ATOM   561  O O   . VAL A 1 75 ? 15.750  -2.969  6.817   1.00 28.72 ? 75  VAL A O   1 
ATOM   562  C CB  . VAL A 1 75 ? 15.958  -3.444  3.838   1.00 31.09 ? 75  VAL A CB  1 
ATOM   563  C CG1 . VAL A 1 75 ? 15.251  -4.742  4.144   1.00 31.23 ? 75  VAL A CG1 1 
ATOM   564  C CG2 . VAL A 1 75 ? 15.950  -3.182  2.336   1.00 31.93 ? 75  VAL A CG2 1 
ATOM   565  N N   . LEU A 1 76 ? 13.591  -2.773  6.248   1.00 28.47 ? 76  LEU A N   1 
ATOM   566  C CA  . LEU A 1 76 ? 13.109  -3.194  7.546   1.00 25.81 ? 76  LEU A CA  1 
ATOM   567  C C   . LEU A 1 76 ? 12.814  -4.685  7.449   1.00 26.82 ? 76  LEU A C   1 
ATOM   568  O O   . LEU A 1 76 ? 12.235  -5.145  6.465   1.00 27.00 ? 76  LEU A O   1 
ATOM   569  C CB  . LEU A 1 76 ? 11.841  -2.422  7.909   1.00 22.93 ? 76  LEU A CB  1 
ATOM   570  C CG  . LEU A 1 76 ? 11.977  -0.899  7.927   1.00 22.89 ? 76  LEU A CG  1 
ATOM   571  C CD1 . LEU A 1 76 ? 10.648  -0.273  8.272   1.00 22.17 ? 76  LEU A CD1 1 
ATOM   572  C CD2 . LEU A 1 76 ? 13.019  -0.476  8.938   1.00 21.86 ? 76  LEU A CD2 1 
ATOM   573  N N   . VAL A 1 77 ? 13.234  -5.440  8.460   1.00 28.41 ? 77  VAL A N   1 
ATOM   574  C CA  . VAL A 1 77 ? 13.004  -6.883  8.495   1.00 26.86 ? 77  VAL A CA  1 
ATOM   575  C C   . VAL A 1 77 ? 12.193  -7.219  9.735   1.00 27.55 ? 77  VAL A C   1 
ATOM   576  O O   . VAL A 1 77 ? 12.594  -6.908  10.856  1.00 32.14 ? 77  VAL A O   1 
ATOM   577  C CB  . VAL A 1 77 ? 14.330  -7.666  8.538   1.00 27.88 ? 77  VAL A CB  1 
ATOM   578  C CG1 . VAL A 1 77 ? 14.060  -9.162  8.633   1.00 25.71 ? 77  VAL A CG1 1 
ATOM   579  C CG2 . VAL A 1 77 ? 15.146  -7.360  7.297   1.00 27.51 ? 77  VAL A CG2 1 
ATOM   580  N N   . GLY A 1 78 ? 11.046  -7.848  9.532   1.00 26.24 ? 78  GLY A N   1 
ATOM   581  C CA  . GLY A 1 78 ? 10.208  -8.191  10.659  1.00 28.72 ? 78  GLY A CA  1 
ATOM   582  C C   . GLY A 1 78 ? 9.183   -9.229  10.278  1.00 31.15 ? 78  GLY A C   1 
ATOM   583  O O   . GLY A 1 78 ? 9.168   -9.685  9.135   1.00 32.31 ? 78  GLY A O   1 
ATOM   584  N N   . PRO A 1 79 ? 8.307   -9.620  11.215  1.00 32.97 ? 79  PRO A N   1 
ATOM   585  C CA  . PRO A 1 79 ? 7.267   -10.620 10.977  1.00 35.03 ? 79  PRO A CA  1 
ATOM   586  C C   . PRO A 1 79 ? 6.109   -10.079 10.149  1.00 37.70 ? 79  PRO A C   1 
ATOM   587  O O   . PRO A 1 79 ? 4.980   -9.972  10.635  1.00 38.43 ? 79  PRO A O   1 
ATOM   588  C CB  . PRO A 1 79 ? 6.840   -10.999 12.383  1.00 34.00 ? 79  PRO A CB  1 
ATOM   589  C CG  . PRO A 1 79 ? 6.919   -9.692  13.086  1.00 34.41 ? 79  PRO A CG  1 
ATOM   590  C CD  . PRO A 1 79 ? 8.239   -9.129  12.602  1.00 33.58 ? 79  PRO A CD  1 
ATOM   591  N N   . THR A 1 80 ? 6.398   -9.723  8.901   1.00 38.64 ? 80  THR A N   1 
ATOM   592  C CA  . THR A 1 80 ? 5.370   -9.219  8.004   1.00 39.27 ? 80  THR A CA  1 
ATOM   593  C C   . THR A 1 80 ? 4.801   -10.391 7.210   1.00 40.49 ? 80  THR A C   1 
ATOM   594  O O   . THR A 1 80 ? 5.526   -11.322 6.846   1.00 38.91 ? 80  THR A O   1 
ATOM   595  C CB  . THR A 1 80 ? 5.936   -8.152  7.030   1.00 39.31 ? 80  THR A CB  1 
ATOM   596  O OG1 . THR A 1 80 ? 4.964   -7.872  6.014   1.00 39.15 ? 80  THR A OG1 1 
ATOM   597  C CG2 . THR A 1 80 ? 7.223   -8.631  6.386   1.00 35.89 ? 80  THR A CG2 1 
ATOM   598  N N   . PRO A 1 81 ? 3.489   -10.371 6.943   1.00 41.62 ? 81  PRO A N   1 
ATOM   599  C CA  . PRO A 1 81 ? 2.894   -11.471 6.186   1.00 42.01 ? 81  PRO A CA  1 
ATOM   600  C C   . PRO A 1 81 ? 3.521   -11.584 4.804   1.00 43.37 ? 81  PRO A C   1 
ATOM   601  O O   . PRO A 1 81 ? 3.774   -12.692 4.317   1.00 46.13 ? 81  PRO A O   1 
ATOM   602  C CB  . PRO A 1 81 ? 1.413   -11.098 6.140   1.00 41.67 ? 81  PRO A CB  1 
ATOM   603  C CG  . PRO A 1 81 ? 1.447   -9.602  6.149   1.00 43.88 ? 81  PRO A CG  1 
ATOM   604  C CD  . PRO A 1 81 ? 2.503   -9.306  7.193   1.00 42.94 ? 81  PRO A CD  1 
ATOM   605  N N   . ALA A 1 82 ? 3.800   -10.438 4.184   1.00 39.88 ? 82  ALA A N   1 
ATOM   606  C CA  . ALA A 1 82 ? 4.395   -10.431 2.852   1.00 36.81 ? 82  ALA A CA  1 
ATOM   607  C C   . ALA A 1 82 ? 5.560   -9.470  2.704   1.00 34.54 ? 82  ALA A C   1 
ATOM   608  O O   . ALA A 1 82 ? 5.736   -8.559  3.509   1.00 34.16 ? 82  ALA A O   1 
ATOM   609  C CB  . ALA A 1 82 ? 3.333   -10.105 1.817   1.00 37.09 ? 82  ALA A CB  1 
ATOM   610  N N   . ASN A 1 83 ? 6.353   -9.686  1.660   1.00 33.48 ? 83  ASN A N   1 
ATOM   611  C CA  . ASN A 1 83 ? 7.493   -8.830  1.374   1.00 33.67 ? 83  ASN A CA  1 
ATOM   612  C C   . ASN A 1 83 ? 6.968   -7.574  0.706   1.00 32.19 ? 83  ASN A C   1 
ATOM   613  O O   . ASN A 1 83 ? 6.256   -7.648  -0.294  1.00 32.55 ? 83  ASN A O   1 
ATOM   614  C CB  . ASN A 1 83 ? 8.474   -9.565  0.473   1.00 35.65 ? 83  ASN A CB  1 
ATOM   615  C CG  . ASN A 1 83 ? 9.091   -10.754 1.167   1.00 40.16 ? 83  ASN A CG  1 
ATOM   616  O OD1 . ASN A 1 83 ? 9.618   -10.621 2.271   1.00 43.29 ? 83  ASN A OD1 1 
ATOM   617  N ND2 . ASN A 1 83 ? 9.023   -11.923 0.539   1.00 38.55 ? 83  ASN A ND2 1 
ATOM   618  N N   . ILE A 1 84 ? 7.326   -6.419  1.257   1.00 28.61 ? 84  ILE A N   1 
ATOM   619  C CA  . ILE A 1 84 ? 6.830   -5.160  0.734   1.00 26.60 ? 84  ILE A CA  1 
ATOM   620  C C   . ILE A 1 84 ? 7.899   -4.162  0.313   1.00 28.84 ? 84  ILE A C   1 
ATOM   621  O O   . ILE A 1 84 ? 8.771   -3.805  1.102   1.00 31.08 ? 84  ILE A O   1 
ATOM   622  C CB  . ILE A 1 84 ? 5.901   -4.510  1.780   1.00 25.17 ? 84  ILE A CB  1 
ATOM   623  C CG1 . ILE A 1 84 ? 4.766   -5.477  2.098   1.00 26.07 ? 84  ILE A CG1 1 
ATOM   624  C CG2 . ILE A 1 84 ? 5.339   -3.198  1.266   1.00 24.13 ? 84  ILE A CG2 1 
ATOM   625  C CD1 . ILE A 1 84 ? 3.904   -5.061  3.266   1.00 31.81 ? 84  ILE A CD1 1 
ATOM   626  N N   . ILE A 1 85 ? 7.817   -3.713  -0.939  1.00 29.15 ? 85  ILE A N   1 
ATOM   627  C CA  . ILE A 1 85 ? 8.756   -2.729  -1.476  1.00 27.39 ? 85  ILE A CA  1 
ATOM   628  C C   . ILE A 1 85 ? 8.085   -1.357  -1.367  1.00 27.07 ? 85  ILE A C   1 
ATOM   629  O O   . ILE A 1 85 ? 7.172   -1.046  -2.131  1.00 29.71 ? 85  ILE A O   1 
ATOM   630  C CB  . ILE A 1 85 ? 9.070   -2.965  -2.983  1.00 27.85 ? 85  ILE A CB  1 
ATOM   631  C CG1 . ILE A 1 85 ? 9.521   -4.411  -3.238  1.00 25.88 ? 85  ILE A CG1 1 
ATOM   632  C CG2 . ILE A 1 85 ? 10.110  -1.956  -3.448  1.00 25.94 ? 85  ILE A CG2 1 
ATOM   633  C CD1 . ILE A 1 85 ? 10.728  -4.863  -2.452  1.00 24.30 ? 85  ILE A CD1 1 
ATOM   634  N N   . GLY A 1 86 ? 8.545   -0.539  -0.428  1.00 25.27 ? 86  GLY A N   1 
ATOM   635  C CA  . GLY A 1 86 ? 7.967   0.779   -0.243  1.00 21.12 ? 86  GLY A CA  1 
ATOM   636  C C   . GLY A 1 86 ? 8.526   1.870   -1.139  1.00 22.26 ? 86  GLY A C   1 
ATOM   637  O O   . GLY A 1 86 ? 9.413   1.640   -1.960  1.00 21.72 ? 86  GLY A O   1 
ATOM   638  N N   . ARG A 1 87 ? 8.008   3.077   -0.963  1.00 22.21 ? 87  ARG A N   1 
ATOM   639  C CA  . ARG A 1 87 ? 8.429   4.208   -1.763  1.00 23.96 ? 87  ARG A CA  1 
ATOM   640  C C   . ARG A 1 87 ? 9.906   4.563   -1.706  1.00 26.58 ? 87  ARG A C   1 
ATOM   641  O O   . ARG A 1 87 ? 10.454  5.081   -2.681  1.00 27.69 ? 87  ARG A O   1 
ATOM   642  C CB  . ARG A 1 87 ? 7.601   5.433   -1.402  1.00 24.27 ? 87  ARG A CB  1 
ATOM   643  C CG  . ARG A 1 87 ? 6.182   5.355   -1.910  1.00 22.46 ? 87  ARG A CG  1 
ATOM   644  C CD  . ARG A 1 87 ? 5.466   6.672   -1.726  1.00 23.33 ? 87  ARG A CD  1 
ATOM   645  N NE  . ARG A 1 87 ? 5.481   7.119   -0.339  1.00 26.85 ? 87  ARG A NE  1 
ATOM   646  C CZ  . ARG A 1 87 ? 6.361   7.977   0.168   1.00 26.61 ? 87  ARG A CZ  1 
ATOM   647  N NH1 . ARG A 1 87 ? 7.309   8.489   -0.596  1.00 28.23 ? 87  ARG A NH1 1 
ATOM   648  N NH2 . ARG A 1 87 ? 6.281   8.338   1.440   1.00 26.72 ? 87  ARG A NH2 1 
ATOM   649  N N   . ASN A 1 88 ? 10.558  4.279   -0.583  1.00 28.04 ? 88  ASN A N   1 
ATOM   650  C CA  . ASN A 1 88 ? 11.968  4.607   -0.448  1.00 28.22 ? 88  ASN A CA  1 
ATOM   651  C C   . ASN A 1 88 ? 12.787  3.971   -1.567  1.00 32.11 ? 88  ASN A C   1 
ATOM   652  O O   . ASN A 1 88 ? 13.772  4.550   -2.031  1.00 33.06 ? 88  ASN A O   1 
ATOM   653  C CB  . ASN A 1 88 ? 12.496  4.183   0.931   1.00 29.22 ? 88  ASN A CB  1 
ATOM   654  C CG  . ASN A 1 88 ? 12.707  2.682   1.061   1.00 31.99 ? 88  ASN A CG  1 
ATOM   655  O OD1 . ASN A 1 88 ? 11.778  1.880   0.910   1.00 30.53 ? 88  ASN A OD1 1 
ATOM   656  N ND2 . ASN A 1 88 ? 13.941  2.295   1.361   1.00 31.23 ? 88  ASN A ND2 1 
ATOM   657  N N   . LEU A 1 89 ? 12.358  2.795   -2.021  1.00 32.88 ? 89  LEU A N   1 
ATOM   658  C CA  . LEU A 1 89 ? 13.050  2.088   -3.092  1.00 31.10 ? 89  LEU A CA  1 
ATOM   659  C C   . LEU A 1 89 ? 12.411  2.296   -4.461  1.00 31.16 ? 89  LEU A C   1 
ATOM   660  O O   . LEU A 1 89 ? 13.091  2.221   -5.474  1.00 31.74 ? 89  LEU A O   1 
ATOM   661  C CB  . LEU A 1 89 ? 13.098  0.590   -2.792  1.00 28.67 ? 89  LEU A CB  1 
ATOM   662  C CG  . LEU A 1 89 ? 13.930  0.142   -1.595  1.00 27.55 ? 89  LEU A CG  1 
ATOM   663  C CD1 . LEU A 1 89 ? 13.849  -1.366  -1.466  1.00 27.25 ? 89  LEU A CD1 1 
ATOM   664  C CD2 . LEU A 1 89 ? 15.365  0.583   -1.780  1.00 27.28 ? 89  LEU A CD2 1 
ATOM   665  N N   . LEU A 1 90 ? 11.108  2.544   -4.493  1.00 33.07 ? 90  LEU A N   1 
ATOM   666  C CA  . LEU A 1 90 ? 10.411  2.746   -5.761  1.00 33.04 ? 90  LEU A CA  1 
ATOM   667  C C   . LEU A 1 90 ? 10.831  4.049   -6.428  1.00 34.26 ? 90  LEU A C   1 
ATOM   668  O O   . LEU A 1 90 ? 10.842  4.148   -7.654  1.00 34.42 ? 90  LEU A O   1 
ATOM   669  C CB  . LEU A 1 90 ? 8.893   2.738   -5.554  1.00 31.01 ? 90  LEU A CB  1 
ATOM   670  C CG  . LEU A 1 90 ? 8.280   1.441   -5.022  1.00 28.07 ? 90  LEU A CG  1 
ATOM   671  C CD1 . LEU A 1 90 ? 6.840   1.689   -4.606  1.00 31.53 ? 90  LEU A CD1 1 
ATOM   672  C CD2 . LEU A 1 90 ? 8.360   0.364   -6.071  1.00 23.68 ? 90  LEU A CD2 1 
ATOM   673  N N   . THR A 1 91 ? 11.176  5.052   -5.629  1.00 34.20 ? 91  THR A N   1 
ATOM   674  C CA  . THR A 1 91 ? 11.604  6.313   -6.211  1.00 35.23 ? 91  THR A CA  1 
ATOM   675  C C   . THR A 1 91 ? 12.968  6.129   -6.867  1.00 37.38 ? 91  THR A C   1 
ATOM   676  O O   . THR A 1 91 ? 13.374  6.934   -7.706  1.00 37.11 ? 91  THR A O   1 
ATOM   677  C CB  . THR A 1 91 ? 11.716  7.423   -5.156  1.00 33.22 ? 91  THR A CB  1 
ATOM   678  O OG1 . THR A 1 91 ? 12.649  7.030   -4.146  1.00 37.79 ? 91  THR A OG1 1 
ATOM   679  C CG2 . THR A 1 91 ? 10.381  7.679   -4.516  1.00 34.91 ? 91  THR A CG2 1 
ATOM   680  N N   . GLN A 1 92 ? 13.666  5.060   -6.487  1.00 39.20 ? 92  GLN A N   1 
ATOM   681  C CA  . GLN A 1 92 ? 14.991  4.771   -7.027  1.00 39.74 ? 92  GLN A CA  1 
ATOM   682  C C   . GLN A 1 92 ? 14.986  4.051   -8.369  1.00 40.33 ? 92  GLN A C   1 
ATOM   683  O O   . GLN A 1 92 ? 15.947  4.156   -9.126  1.00 44.56 ? 92  GLN A O   1 
ATOM   684  C CB  . GLN A 1 92 ? 15.813  3.935   -6.041  1.00 39.67 ? 92  GLN A CB  1 
ATOM   685  C CG  . GLN A 1 92 ? 16.055  4.588   -4.701  1.00 40.85 ? 92  GLN A CG  1 
ATOM   686  C CD  . GLN A 1 92 ? 17.184  3.931   -3.929  1.00 41.45 ? 92  GLN A CD  1 
ATOM   687  O OE1 . GLN A 1 92 ? 17.277  2.702   -3.851  1.00 42.72 ? 92  GLN A OE1 1 
ATOM   688  N NE2 . GLN A 1 92 ? 18.047  4.752   -3.344  1.00 42.80 ? 92  GLN A NE2 1 
ATOM   689  N N   . ILE A 1 93 ? 13.928  3.306   -8.667  1.00 37.65 ? 93  ILE A N   1 
ATOM   690  C CA  . ILE A 1 93 ? 13.877  2.593   -9.936  1.00 36.54 ? 93  ILE A CA  1 
ATOM   691  C C   . ILE A 1 93 ? 12.996  3.310   -10.958 1.00 34.76 ? 93  ILE A C   1 
ATOM   692  O O   . ILE A 1 93 ? 12.567  2.717   -11.947 1.00 36.51 ? 93  ILE A O   1 
ATOM   693  C CB  . ILE A 1 93 ? 13.371  1.145   -9.747  1.00 36.88 ? 93  ILE A CB  1 
ATOM   694  C CG1 . ILE A 1 93 ? 11.927  1.148   -9.237  1.00 36.24 ? 93  ILE A CG1 1 
ATOM   695  C CG2 . ILE A 1 93 ? 14.279  0.416   -8.769  1.00 36.80 ? 93  ILE A CG2 1 
ATOM   696  C CD1 . ILE A 1 93 ? 11.314  -0.228  -9.136  1.00 34.37 ? 93  ILE A CD1 1 
ATOM   697  N N   . GLY A 1 94 ? 12.734  4.588   -10.702 1.00 31.72 ? 94  GLY A N   1 
ATOM   698  C CA  . GLY A 1 94 ? 11.919  5.394   -11.595 1.00 35.10 ? 94  GLY A CA  1 
ATOM   699  C C   . GLY A 1 94 ? 10.441  5.049   -11.639 1.00 37.99 ? 94  GLY A C   1 
ATOM   700  O O   . GLY A 1 94 ? 9.742   5.438   -12.573 1.00 40.36 ? 94  GLY A O   1 
ATOM   701  N N   . CYS A 1 95 ? 9.950   4.342   -10.625 1.00 38.26 ? 95  CYS A N   1 
ATOM   702  C CA  . CYS A 1 95 ? 8.552   3.942   -10.588 1.00 34.89 ? 95  CYS A CA  1 
ATOM   703  C C   . CYS A 1 95 ? 7.569   5.082   -10.360 1.00 32.73 ? 95  CYS A C   1 
ATOM   704  O O   . CYS A 1 95 ? 7.691   5.845   -9.401  1.00 31.65 ? 95  CYS A O   1 
ATOM   705  C CB  . CYS A 1 95 ? 8.341   2.885   -9.513  1.00 37.14 ? 95  CYS A CB  1 
ATOM   706  S SG  . CYS A 1 95 ? 6.746   2.094   -9.655  1.00 39.69 ? 95  CYS A SG  1 
ATOM   707  N N   . THR A 1 96 ? 6.588   5.183   -11.252 1.00 32.10 ? 96  THR A N   1 
ATOM   708  C CA  . THR A 1 96 ? 5.555   6.211   -11.160 1.00 31.00 ? 96  THR A CA  1 
ATOM   709  C C   . THR A 1 96 ? 4.160   5.585   -11.290 1.00 31.16 ? 96  THR A C   1 
ATOM   710  O O   . THR A 1 96 ? 4.015   4.441   -11.719 1.00 30.75 ? 96  THR A O   1 
ATOM   711  C CB  . THR A 1 96 ? 5.692   7.264   -12.287 1.00 29.80 ? 96  THR A CB  1 
ATOM   712  O OG1 . THR A 1 96 ? 5.463   6.633   -13.553 1.00 29.75 ? 96  THR A OG1 1 
ATOM   713  C CG2 . THR A 1 96 ? 7.079   7.890   -12.286 1.00 31.57 ? 96  THR A CG2 1 
ATOM   714  N N   . LEU A 1 97 ? 3.145   6.347   -10.895 1.00 31.81 ? 97  LEU A N   1 
ATOM   715  C CA  . LEU A 1 97 ? 1.754   5.930   -11.008 1.00 31.40 ? 97  LEU A CA  1 
ATOM   716  C C   . LEU A 1 97 ? 1.197   6.741   -12.170 1.00 31.01 ? 97  LEU A C   1 
ATOM   717  O O   . LEU A 1 97 ? 1.490   7.931   -12.294 1.00 30.70 ? 97  LEU A O   1 
ATOM   718  C CB  . LEU A 1 97 ? 0.972   6.259   -9.730  1.00 31.52 ? 97  LEU A CB  1 
ATOM   719  C CG  . LEU A 1 97 ? 1.023   5.222   -8.605  1.00 32.34 ? 97  LEU A CG  1 
ATOM   720  C CD1 . LEU A 1 97 ? 0.221   5.712   -7.411  1.00 30.20 ? 97  LEU A CD1 1 
ATOM   721  C CD2 . LEU A 1 97 ? 0.458   3.900   -9.113  1.00 28.81 ? 97  LEU A CD2 1 
ATOM   722  N N   . ASN A 1 98 ? 0.394   6.116   -13.020 1.00 30.22 ? 98  ASN A N   1 
ATOM   723  C CA  . ASN A 1 98 ? -0.136  6.841   -14.159 1.00 33.40 ? 98  ASN A CA  1 
ATOM   724  C C   . ASN A 1 98 ? -1.580  6.546   -14.498 1.00 33.53 ? 98  ASN A C   1 
ATOM   725  O O   . ASN A 1 98 ? -2.015  5.402   -14.463 1.00 36.00 ? 98  ASN A O   1 
ATOM   726  C CB  . ASN A 1 98 ? 0.719   6.562   -15.400 1.00 35.48 ? 98  ASN A CB  1 
ATOM   727  C CG  . ASN A 1 98 ? 2.207   6.698   -15.130 1.00 36.59 ? 98  ASN A CG  1 
ATOM   728  O OD1 . ASN A 1 98 ? 2.821   5.828   -14.513 1.00 39.13 ? 98  ASN A OD1 1 
ATOM   729  N ND2 . ASN A 1 98 ? 2.790   7.797   -15.580 1.00 35.29 ? 98  ASN A ND2 1 
ATOM   730  N N   . PHE A 1 99 ? -2.319  7.597   -14.824 1.00 33.57 ? 99  PHE A N   1 
ATOM   731  C CA  . PHE A 1 99 ? -3.706  7.460   -15.235 1.00 36.95 ? 99  PHE A CA  1 
ATOM   732  C C   . PHE A 1 99 ? -4.181  8.762   -15.851 1.00 38.47 ? 99  PHE A C   1 
ATOM   733  O O   . PHE A 1 99 ? -5.355  9.124   -15.658 1.00 42.62 ? 99  PHE A O   1 
ATOM   734  C CB  . PHE A 1 99 ? -4.613  7.068   -14.061 1.00 34.59 ? 99  PHE A CB  1 
ATOM   735  C CG  . PHE A 1 99 ? -4.671  8.081   -12.954 1.00 34.24 ? 99  PHE A CG  1 
ATOM   736  C CD1 . PHE A 1 99 ? -3.656  8.163   -12.014 1.00 34.53 ? 99  PHE A CD1 1 
ATOM   737  C CD2 . PHE A 1 99 ? -5.781  8.907   -12.811 1.00 35.54 ? 99  PHE A CD2 1 
ATOM   738  C CE1 . PHE A 1 99 ? -3.746  9.042   -10.943 1.00 35.54 ? 99  PHE A CE1 1 
ATOM   739  C CE2 . PHE A 1 99 ? -5.883  9.792   -11.744 1.00 35.89 ? 99  PHE A CE2 1 
ATOM   740  C CZ  . PHE A 1 99 ? -4.865  9.858   -10.807 1.00 36.75 ? 99  PHE A CZ  1 
ATOM   741  O OXT . PHE A 1 99 ? -3.363  9.400   -16.541 1.00 40.00 ? 99  PHE A OXT 1 
ATOM   742  N N   . PRO B 1 1  ? -2.606  11.645  -15.320 1.00 40.61 ? 1   PRO B N   1 
ATOM   743  C CA  . PRO B 1 1  ? -1.513  12.393  -14.670 1.00 38.96 ? 1   PRO B CA  1 
ATOM   744  C C   . PRO B 1 1  ? -0.392  11.428  -14.341 1.00 38.43 ? 1   PRO B C   1 
ATOM   745  O O   . PRO B 1 1  ? -0.614  10.222  -14.261 1.00 40.36 ? 1   PRO B O   1 
ATOM   746  C CB  . PRO B 1 1  ? -2.072  12.983  -13.383 1.00 41.59 ? 1   PRO B CB  1 
ATOM   747  C CG  . PRO B 1 1  ? -3.579  12.891  -13.605 1.00 42.32 ? 1   PRO B CG  1 
ATOM   748  C CD  . PRO B 1 1  ? -3.779  11.620  -14.430 1.00 42.46 ? 1   PRO B CD  1 
ATOM   749  N N   . GLN B 1 2  ? 0.811   11.954  -14.150 1.00 37.16 ? 2   GLN B N   1 
ATOM   750  C CA  . GLN B 1 2  ? 1.941   11.107  -13.802 1.00 37.38 ? 2   GLN B CA  1 
ATOM   751  C C   . GLN B 1 2  ? 2.334   11.445  -12.367 1.00 37.65 ? 2   GLN B C   1 
ATOM   752  O O   . GLN B 1 2  ? 2.668   12.590  -12.069 1.00 38.31 ? 2   GLN B O   1 
ATOM   753  C CB  . GLN B 1 2  ? 3.122   11.354  -14.743 1.00 35.61 ? 2   GLN B CB  1 
ATOM   754  C CG  . GLN B 1 2  ? 4.062   10.159  -14.820 1.00 38.49 ? 2   GLN B CG  1 
ATOM   755  C CD  . GLN B 1 2  ? 5.308   10.415  -15.637 1.00 38.60 ? 2   GLN B CD  1 
ATOM   756  O OE1 . GLN B 1 2  ? 5.950   9.480   -16.111 1.00 39.90 ? 2   GLN B OE1 1 
ATOM   757  N NE2 . GLN B 1 2  ? 5.669   11.683  -15.794 1.00 43.28 ? 2   GLN B NE2 1 
ATOM   758  N N   . ILE B 1 3  ? 2.289   10.456  -11.479 1.00 36.97 ? 3   ILE B N   1 
ATOM   759  C CA  . ILE B 1 3  ? 2.626   10.697  -10.080 1.00 35.09 ? 3   ILE B CA  1 
ATOM   760  C C   . ILE B 1 3  ? 3.891   10.004  -9.595  1.00 33.07 ? 3   ILE B C   1 
ATOM   761  O O   . ILE B 1 3  ? 4.003   8.780   -9.637  1.00 32.79 ? 3   ILE B O   1 
ATOM   762  C CB  . ILE B 1 3  ? 1.450   10.306  -9.160  1.00 35.00 ? 3   ILE B CB  1 
ATOM   763  C CG1 . ILE B 1 3  ? 0.249   11.208  -9.466  1.00 35.37 ? 3   ILE B CG1 1 
ATOM   764  C CG2 . ILE B 1 3  ? 1.858   10.444  -7.705  1.00 33.77 ? 3   ILE B CG2 1 
ATOM   765  C CD1 . ILE B 1 3  ? -1.001  10.891  -8.680  1.00 35.85 ? 3   ILE B CD1 1 
ATOM   766  N N   . THR B 1 4  ? 4.841   10.818  -9.136  1.00 33.27 ? 4   THR B N   1 
ATOM   767  C CA  . THR B 1 4  ? 6.121   10.341  -8.622  1.00 31.58 ? 4   THR B CA  1 
ATOM   768  C C   . THR B 1 4  ? 5.932   9.973   -7.168  1.00 32.33 ? 4   THR B C   1 
ATOM   769  O O   . THR B 1 4  ? 5.002   10.450  -6.524  1.00 33.10 ? 4   THR B O   1 
ATOM   770  C CB  . THR B 1 4  ? 7.213   11.422  -8.721  1.00 32.15 ? 4   THR B CB  1 
ATOM   771  O OG1 . THR B 1 4  ? 6.769   12.615  -8.063  1.00 31.18 ? 4   THR B OG1 1 
ATOM   772  C CG2 . THR B 1 4  ? 7.520   11.727  -10.174 1.00 29.77 ? 4   THR B CG2 1 
ATOM   773  N N   . LEU B 1 5  ? 6.832   9.154   -6.637  1.00 32.46 ? 5   LEU B N   1 
ATOM   774  C CA  . LEU B 1 5  ? 6.693   8.692   -5.266  1.00 32.45 ? 5   LEU B CA  1 
ATOM   775  C C   . LEU B 1 5  ? 7.653   9.253   -4.211  1.00 33.98 ? 5   LEU B C   1 
ATOM   776  O O   . LEU B 1 5  ? 7.977   8.570   -3.239  1.00 33.71 ? 5   LEU B O   1 
ATOM   777  C CB  . LEU B 1 5  ? 6.731   7.159   -5.288  1.00 31.16 ? 5   LEU B CB  1 
ATOM   778  C CG  . LEU B 1 5  ? 5.641   6.604   -6.223  1.00 29.46 ? 5   LEU B CG  1 
ATOM   779  C CD1 . LEU B 1 5  ? 5.913   5.166   -6.621  1.00 28.44 ? 5   LEU B CD1 1 
ATOM   780  C CD2 . LEU B 1 5  ? 4.307   6.719   -5.528  1.00 27.18 ? 5   LEU B CD2 1 
ATOM   781  N N   . TRP B 1 6  ? 8.093   10.499  -4.389  1.00 38.25 ? 6   TRP B N   1 
ATOM   782  C CA  . TRP B 1 6  ? 8.991   11.140  -3.430  1.00 36.53 ? 6   TRP B CA  1 
ATOM   783  C C   . TRP B 1 6  ? 8.166   11.531  -2.214  1.00 35.16 ? 6   TRP B C   1 
ATOM   784  O O   . TRP B 1 6  ? 8.673   11.595  -1.097  1.00 37.61 ? 6   TRP B O   1 
ATOM   785  C CB  . TRP B 1 6  ? 9.645   12.370  -4.051  1.00 41.65 ? 6   TRP B CB  1 
ATOM   786  C CG  . TRP B 1 6  ? 10.342  12.054  -5.339  1.00 47.61 ? 6   TRP B CG  1 
ATOM   787  C CD1 . TRP B 1 6  ? 9.878   12.285  -6.607  1.00 49.85 ? 6   TRP B CD1 1 
ATOM   788  C CD2 . TRP B 1 6  ? 11.591  11.373  -5.489  1.00 47.87 ? 6   TRP B CD2 1 
ATOM   789  N NE1 . TRP B 1 6  ? 10.764  11.785  -7.536  1.00 50.98 ? 6   TRP B NE1 1 
ATOM   790  C CE2 . TRP B 1 6  ? 11.823  11.218  -6.876  1.00 50.18 ? 6   TRP B CE2 1 
ATOM   791  C CE3 . TRP B 1 6  ? 12.536  10.872  -4.585  1.00 48.13 ? 6   TRP B CE3 1 
ATOM   792  C CZ2 . TRP B 1 6  ? 12.963  10.585  -7.379  1.00 49.27 ? 6   TRP B CZ2 1 
ATOM   793  C CZ3 . TRP B 1 6  ? 13.666  10.244  -5.083  1.00 50.58 ? 6   TRP B CZ3 1 
ATOM   794  C CH2 . TRP B 1 6  ? 13.870  10.104  -6.472  1.00 50.16 ? 6   TRP B CH2 1 
ATOM   795  N N   . LYS B 1 7  ? 6.884   11.793  -2.433  1.00 35.40 ? 7   LYS B N   1 
ATOM   796  C CA  . LYS B 1 7  ? 5.976   12.127  -1.338  1.00 35.86 ? 7   LYS B CA  1 
ATOM   797  C C   . LYS B 1 7  ? 4.874   11.076  -1.383  1.00 33.00 ? 7   LYS B C   1 
ATOM   798  O O   . LYS B 1 7  ? 4.768   10.338  -2.357  1.00 32.03 ? 7   LYS B O   1 
ATOM   799  C CB  . LYS B 1 7  ? 5.349   13.508  -1.542  1.00 38.75 ? 7   LYS B CB  1 
ATOM   800  C CG  . LYS B 1 7  ? 6.319   14.663  -1.631  1.00 40.76 ? 7   LYS B CG  1 
ATOM   801  C CD  . LYS B 1 7  ? 5.579   15.903  -2.106  1.00 47.83 ? 7   LYS B CD  1 
ATOM   802  C CE  . LYS B 1 7  ? 6.505   17.103  -2.251  1.00 51.82 ? 7   LYS B CE  1 
ATOM   803  N NZ  . LYS B 1 7  ? 5.798   18.269  -2.871  1.00 53.88 ? 7   LYS B NZ  1 
ATOM   804  N N   . ARG B 1 8  ? 4.063   11.000  -0.335  1.00 31.53 ? 8   ARG B N   1 
ATOM   805  C CA  . ARG B 1 8  ? 2.964   10.045  -0.319  1.00 29.94 ? 8   ARG B CA  1 
ATOM   806  C C   . ARG B 1 8  ? 2.034   10.413  -1.467  1.00 31.61 ? 8   ARG B C   1 
ATOM   807  O O   . ARG B 1 8  ? 1.719   11.589  -1.666  1.00 33.37 ? 8   ARG B O   1 
ATOM   808  C CB  . ARG B 1 8  ? 2.196   10.123  1.005   1.00 26.38 ? 8   ARG B CB  1 
ATOM   809  C CG  . ARG B 1 8  ? 2.882   9.418   2.141   1.00 25.40 ? 8   ARG B CG  1 
ATOM   810  C CD  . ARG B 1 8  ? 2.039   9.432   3.388   1.00 27.50 ? 8   ARG B CD  1 
ATOM   811  N NE  . ARG B 1 8  ? 2.660   8.651   4.453   1.00 32.61 ? 8   ARG B NE  1 
ATOM   812  C CZ  . ARG B 1 8  ? 2.629   8.981   5.740   1.00 35.76 ? 8   ARG B CZ  1 
ATOM   813  N NH1 . ARG B 1 8  ? 2.003   10.089  6.133   1.00 37.06 ? 8   ARG B NH1 1 
ATOM   814  N NH2 . ARG B 1 8  ? 3.224   8.206   6.639   1.00 34.68 ? 8   ARG B NH2 1 
ATOM   815  N N   . PRO B 1 9  ? 1.594   9.418   -2.251  1.00 29.86 ? 9   PRO B N   1 
ATOM   816  C CA  . PRO B 1 9  ? 0.693   9.709   -3.372  1.00 30.01 ? 9   PRO B CA  1 
ATOM   817  C C   . PRO B 1 9  ? -0.737  10.030  -2.935  1.00 29.57 ? 9   PRO B C   1 
ATOM   818  O O   . PRO B 1 9  ? -1.637  9.199   -3.075  1.00 30.61 ? 9   PRO B O   1 
ATOM   819  C CB  . PRO B 1 9  ? 0.782   8.440   -4.221  1.00 28.22 ? 9   PRO B CB  1 
ATOM   820  C CG  . PRO B 1 9  ? 1.009   7.375   -3.193  1.00 27.73 ? 9   PRO B CG  1 
ATOM   821  C CD  . PRO B 1 9  ? 2.031   8.012   -2.276  1.00 28.54 ? 9   PRO B CD  1 
ATOM   822  N N   . LEU B 1 10 ? -0.930  11.240  -2.412  1.00 31.19 ? 10  LEU B N   1 
ATOM   823  C CA  . LEU B 1 10 ? -2.240  11.709  -1.950  1.00 32.36 ? 10  LEU B CA  1 
ATOM   824  C C   . LEU B 1 10 ? -2.973  12.513  -3.021  1.00 32.48 ? 10  LEU B C   1 
ATOM   825  O O   . LEU B 1 10 ? -2.375  13.323  -3.730  1.00 32.61 ? 10  LEU B O   1 
ATOM   826  C CB  . LEU B 1 10 ? -2.097  12.595  -0.714  1.00 32.31 ? 10  LEU B CB  1 
ATOM   827  C CG  . LEU B 1 10 ? -1.680  11.994  0.625   1.00 36.76 ? 10  LEU B CG  1 
ATOM   828  C CD1 . LEU B 1 10 ? -1.282  13.123  1.560   1.00 36.37 ? 10  LEU B CD1 1 
ATOM   829  C CD2 . LEU B 1 10 ? -2.818  11.179  1.221   1.00 35.23 ? 10  LEU B CD2 1 
ATOM   830  N N   . VAL B 1 11 ? -4.276  12.283  -3.125  1.00 31.35 ? 11  VAL B N   1 
ATOM   831  C CA  . VAL B 1 11 ? -5.105  12.988  -4.090  1.00 30.23 ? 11  VAL B CA  1 
ATOM   832  C C   . VAL B 1 11 ? -6.412  13.325  -3.396  1.00 31.04 ? 11  VAL B C   1 
ATOM   833  O O   . VAL B 1 11 ? -6.675  12.872  -2.281  1.00 30.80 ? 11  VAL B O   1 
ATOM   834  C CB  . VAL B 1 11 ? -5.414  12.126  -5.359  1.00 29.79 ? 11  VAL B CB  1 
ATOM   835  C CG1 . VAL B 1 11 ? -4.126  11.576  -5.940  1.00 28.23 ? 11  VAL B CG1 1 
ATOM   836  C CG2 . VAL B 1 11 ? -6.382  10.998  -5.028  1.00 27.29 ? 11  VAL B CG2 1 
ATOM   837  N N   . THR B 1 12 ? -7.224  14.132  -4.060  1.00 32.01 ? 12  THR B N   1 
ATOM   838  C CA  . THR B 1 12 ? -8.505  14.526  -3.518  1.00 31.18 ? 12  THR B CA  1 
ATOM   839  C C   . THR B 1 12 ? -9.576  13.702  -4.203  1.00 31.09 ? 12  THR B C   1 
ATOM   840  O O   . THR B 1 12 ? -9.557  13.527  -5.422  1.00 29.91 ? 12  THR B O   1 
ATOM   841  C CB  . THR B 1 12 ? -8.774  16.024  -3.762  1.00 32.30 ? 12  THR B CB  1 
ATOM   842  O OG1 . THR B 1 12 ? -7.832  16.802  -3.012  1.00 33.48 ? 12  THR B OG1 1 
ATOM   843  C CG2 . THR B 1 12 ? -10.183 16.397  -3.328  1.00 32.38 ? 12  THR B CG2 1 
ATOM   844  N N   . ILE B 1 13 ? -10.496 13.169  -3.408  1.00 30.57 ? 13  ILE B N   1 
ATOM   845  C CA  . ILE B 1 13 ? -11.582 12.379  -3.957  1.00 31.36 ? 13  ILE B CA  1 
ATOM   846  C C   . ILE B 1 13 ? -12.868 13.033  -3.491  1.00 33.42 ? 13  ILE B C   1 
ATOM   847  O O   . ILE B 1 13 ? -12.892 13.712  -2.464  1.00 29.55 ? 13  ILE B O   1 
ATOM   848  C CB  . ILE B 1 13 ? -11.546 10.916  -3.457  1.00 28.48 ? 13  ILE B CB  1 
ATOM   849  C CG1 . ILE B 1 13 ? -11.885 10.863  -1.968  1.00 29.49 ? 13  ILE B CG1 1 
ATOM   850  C CG2 . ILE B 1 13 ? -10.171 10.317  -3.714  1.00 29.40 ? 13  ILE B CG2 1 
ATOM   851  C CD1 . ILE B 1 13 ? -11.945 9.470   -1.384  1.00 28.06 ? 13  ILE B CD1 1 
ATOM   852  N N   . ARG B 1 14 ? -13.924 12.852  -4.274  1.00 36.15 ? 14  ARG B N   1 
ATOM   853  C CA  . ARG B 1 14 ? -15.223 13.400  -3.942  1.00 38.90 ? 14  ARG B CA  1 
ATOM   854  C C   . ARG B 1 14 ? -16.153 12.225  -3.711  1.00 39.67 ? 14  ARG B C   1 
ATOM   855  O O   . ARG B 1 14 ? -16.593 11.573  -4.650  1.00 40.04 ? 14  ARG B O   1 
ATOM   856  C CB  . ARG B 1 14 ? -15.759 14.273  -5.083  1.00 41.56 ? 14  ARG B CB  1 
ATOM   857  C CG  . ARG B 1 14 ? -16.034 15.715  -4.668  1.00 46.03 ? 14  ARG B CG  1 
ATOM   858  C CD  . ARG B 1 14 ? -16.726 16.546  -5.750  1.00 49.08 ? 14  ARG B CD  1 
ATOM   859  N NE  . ARG B 1 14 ? -18.107 16.124  -5.953  1.00 54.59 ? 14  ARG B NE  1 
ATOM   860  C CZ  . ARG B 1 14 ? -18.482 15.161  -6.790  1.00 57.24 ? 14  ARG B CZ  1 
ATOM   861  N NH1 . ARG B 1 14 ? -17.572 14.523  -7.518  1.00 58.03 ? 14  ARG B NH1 1 
ATOM   862  N NH2 . ARG B 1 14 ? -19.763 14.816  -6.877  1.00 56.89 ? 14  ARG B NH2 1 
ATOM   863  N N   . ILE B 1 15 ? -16.424 11.941  -2.446  1.00 42.55 ? 15  ILE B N   1 
ATOM   864  C CA  . ILE B 1 15 ? -17.313 10.856  -2.081  1.00 43.72 ? 15  ILE B CA  1 
ATOM   865  C C   . ILE B 1 15 ? -18.644 11.545  -1.787  1.00 44.38 ? 15  ILE B C   1 
ATOM   866  O O   . ILE B 1 15 ? -18.844 12.133  -0.723  1.00 42.22 ? 15  ILE B O   1 
ATOM   867  C CB  . ILE B 1 15 ? -16.757 10.086  -0.849  1.00 45.27 ? 15  ILE B CB  1 
ATOM   868  C CG1 . ILE B 1 15 ? -17.696 8.941   -0.474  1.00 47.78 ? 15  ILE B CG1 1 
ATOM   869  C CG2 . ILE B 1 15 ? -16.524 11.032  0.311   1.00 44.45 ? 15  ILE B CG2 1 
ATOM   870  C CD1 . ILE B 1 15 ? -17.644 7.769   -1.437  1.00 50.41 ? 15  ILE B CD1 1 
ATOM   871  N N   . GLY B 1 16 ? -19.542 11.488  -2.768  1.00 47.96 ? 16  GLY B N   1 
ATOM   872  C CA  . GLY B 1 16 ? -20.834 12.137  -2.649  1.00 50.60 ? 16  GLY B CA  1 
ATOM   873  C C   . GLY B 1 16 ? -20.592 13.623  -2.852  1.00 53.97 ? 16  GLY B C   1 
ATOM   874  O O   . GLY B 1 16 ? -20.051 14.044  -3.885  1.00 55.41 ? 16  GLY B O   1 
ATOM   875  N N   . GLY B 1 17 ? -20.998 14.419  -1.869  1.00 52.38 ? 17  GLY B N   1 
ATOM   876  C CA  . GLY B 1 17 ? -20.776 15.852  -1.926  1.00 52.21 ? 17  GLY B CA  1 
ATOM   877  C C   . GLY B 1 17 ? -19.853 16.094  -0.754  1.00 53.15 ? 17  GLY B C   1 
ATOM   878  O O   . GLY B 1 17 ? -20.184 16.814  0.189   1.00 56.95 ? 17  GLY B O   1 
ATOM   879  N N   . GLN B 1 18 ? -18.680 15.474  -0.815  1.00 51.94 ? 18  GLN B N   1 
ATOM   880  C CA  . GLN B 1 18 ? -17.715 15.560  0.269   1.00 49.08 ? 18  GLN B CA  1 
ATOM   881  C C   . GLN B 1 18 ? -16.306 15.334  -0.267  1.00 45.22 ? 18  GLN B C   1 
ATOM   882  O O   . GLN B 1 18 ? -16.044 14.350  -0.952  1.00 45.49 ? 18  GLN B O   1 
ATOM   883  C CB  . GLN B 1 18 ? -18.064 14.480  1.284   1.00 51.31 ? 18  GLN B CB  1 
ATOM   884  C CG  . GLN B 1 18 ? -17.478 14.632  2.658   1.00 57.79 ? 18  GLN B CG  1 
ATOM   885  C CD  . GLN B 1 18 ? -17.879 13.470  3.559   1.00 62.77 ? 18  GLN B CD  1 
ATOM   886  O OE1 . GLN B 1 18 ? -17.586 13.459  4.759   1.00 64.58 ? 18  GLN B OE1 1 
ATOM   887  N NE2 . GLN B 1 18 ? -18.552 12.479  2.976   1.00 63.57 ? 18  GLN B NE2 1 
ATOM   888  N N   . LEU B 1 19 ? -15.402 16.251  0.046   1.00 41.99 ? 19  LEU B N   1 
ATOM   889  C CA  . LEU B 1 19 ? -14.023 16.146  -0.403  1.00 39.93 ? 19  LEU B CA  1 
ATOM   890  C C   . LEU B 1 19 ? -13.176 15.512  0.692   1.00 39.93 ? 19  LEU B C   1 
ATOM   891  O O   . LEU B 1 19 ? -13.331 15.810  1.876   1.00 37.12 ? 19  LEU B O   1 
ATOM   892  C CB  . LEU B 1 19 ? -13.455 17.526  -0.745  1.00 39.08 ? 19  LEU B CB  1 
ATOM   893  C CG  . LEU B 1 19 ? -14.085 18.328  -1.887  1.00 38.04 ? 19  LEU B CG  1 
ATOM   894  C CD1 . LEU B 1 19 ? -13.394 19.673  -2.017  1.00 37.88 ? 19  LEU B CD1 1 
ATOM   895  C CD2 . LEU B 1 19 ? -13.947 17.564  -3.180  1.00 39.39 ? 19  LEU B CD2 1 
ATOM   896  N N   . LYS B 1 20 ? -12.278 14.629  0.277   1.00 40.33 ? 20  LYS B N   1 
ATOM   897  C CA  . LYS B 1 20 ? -11.392 13.945  1.199   1.00 39.35 ? 20  LYS B CA  1 
ATOM   898  C C   . LYS B 1 20 ? -10.042 13.668  0.565   1.00 36.77 ? 20  LYS B C   1 
ATOM   899  O O   . LYS B 1 20 ? -9.916  13.585  -0.656  1.00 33.36 ? 20  LYS B O   1 
ATOM   900  C CB  . LYS B 1 20 ? -12.028 12.638  1.674   1.00 39.65 ? 20  LYS B CB  1 
ATOM   901  C CG  . LYS B 1 20 ? -13.057 12.846  2.766   1.00 42.28 ? 20  LYS B CG  1 
ATOM   902  C CD  . LYS B 1 20 ? -13.648 11.536  3.244   1.00 44.60 ? 20  LYS B CD  1 
ATOM   903  C CE  . LYS B 1 20 ? -14.186 11.672  4.655   1.00 45.13 ? 20  LYS B CE  1 
ATOM   904  N NZ  . LYS B 1 20 ? -15.051 12.872  4.786   1.00 45.42 ? 20  LYS B NZ  1 
ATOM   905  N N   . GLU B 1 21 ? -9.035  13.540  1.418   1.00 37.47 ? 21  GLU B N   1 
ATOM   906  C CA  . GLU B 1 21 ? -7.675  13.266  0.983   1.00 37.75 ? 21  GLU B CA  1 
ATOM   907  C C   . GLU B 1 21 ? -7.453  11.751  1.055   1.00 35.35 ? 21  GLU B C   1 
ATOM   908  O O   . GLU B 1 21 ? -7.717  11.128  2.084   1.00 35.53 ? 21  GLU B O   1 
ATOM   909  C CB  . GLU B 1 21 ? -6.704  13.990  1.908   1.00 40.38 ? 21  GLU B CB  1 
ATOM   910  C CG  . GLU B 1 21 ? -5.263  13.993  1.453   1.00 50.95 ? 21  GLU B CG  1 
ATOM   911  C CD  . GLU B 1 21 ? -4.348  14.631  2.481   1.00 55.53 ? 21  GLU B CD  1 
ATOM   912  O OE1 . GLU B 1 21 ? -4.289  14.117  3.628   1.00 57.02 ? 21  GLU B OE1 1 
ATOM   913  O OE2 . GLU B 1 21 ? -3.688  15.650  2.154   1.00 58.54 ? 21  GLU B OE2 1 
ATOM   914  N N   . ALA B 1 22 ? -6.987  11.157  -0.040  1.00 31.51 ? 22  ALA B N   1 
ATOM   915  C CA  . ALA B 1 22 ? -6.754  9.721   -0.064  1.00 27.94 ? 22  ALA B CA  1 
ATOM   916  C C   . ALA B 1 22 ? -5.439  9.354   -0.715  1.00 25.51 ? 22  ALA B C   1 
ATOM   917  O O   . ALA B 1 22 ? -4.966  10.025  -1.624  1.00 25.98 ? 22  ALA B O   1 
ATOM   918  C CB  . ALA B 1 22 ? -7.901  9.011   -0.780  1.00 31.42 ? 22  ALA B CB  1 
ATOM   919  N N   . LEU B 1 23 ? -4.868  8.257   -0.242  1.00 25.80 ? 23  LEU B N   1 
ATOM   920  C CA  . LEU B 1 23 ? -3.600  7.742   -0.728  1.00 24.84 ? 23  LEU B CA  1 
ATOM   921  C C   . LEU B 1 23 ? -3.804  6.644   -1.775  1.00 25.22 ? 23  LEU B C   1 
ATOM   922  O O   . LEU B 1 23 ? -4.493  5.652   -1.517  1.00 23.65 ? 23  LEU B O   1 
ATOM   923  C CB  . LEU B 1 23 ? -2.814  7.184   0.464   1.00 28.00 ? 23  LEU B CB  1 
ATOM   924  C CG  . LEU B 1 23 ? -1.414  6.596   0.281   1.00 35.08 ? 23  LEU B CG  1 
ATOM   925  C CD1 . LEU B 1 23 ? -0.427  7.719   0.024   1.00 38.13 ? 23  LEU B CD1 1 
ATOM   926  C CD2 . LEU B 1 23 ? -1.007  5.834   1.537   1.00 37.69 ? 23  LEU B CD2 1 
ATOM   927  N N   . LEU B 1 24 ? -3.219  6.826   -2.958  1.00 25.43 ? 24  LEU B N   1 
ATOM   928  C CA  . LEU B 1 24 ? -3.306  5.808   -4.015  1.00 26.29 ? 24  LEU B CA  1 
ATOM   929  C C   . LEU B 1 24 ? -2.409  4.645   -3.558  1.00 25.08 ? 24  LEU B C   1 
ATOM   930  O O   . LEU B 1 24 ? -1.179  4.732   -3.571  1.00 21.67 ? 24  LEU B O   1 
ATOM   931  C CB  . LEU B 1 24 ? -2.820  6.380   -5.356  1.00 25.25 ? 24  LEU B CB  1 
ATOM   932  C CG  . LEU B 1 24 ? -3.677  7.520   -5.923  1.00 24.92 ? 24  LEU B CG  1 
ATOM   933  C CD1 . LEU B 1 24 ? -3.183  7.922   -7.315  1.00 20.21 ? 24  LEU B CD1 1 
ATOM   934  C CD2 . LEU B 1 24 ? -5.142  7.066   -5.972  1.00 21.21 ? 24  LEU B CD2 1 
ATOM   935  N N   . ASN B 1 25 ? -3.040  3.552   -3.163  1.00 23.93 ? 25  ASN B N   1 
ATOM   936  C CA  . ASN B 1 25 ? -2.311  2.416   -2.620  1.00 21.92 ? 25  ASN B CA  1 
ATOM   937  C C   . ASN B 1 25 ? -2.432  1.111   -3.415  1.00 20.71 ? 25  ASN B C   1 
ATOM   938  O O   . ASN B 1 25 ? -3.455  0.429   -3.363  1.00 18.48 ? 25  ASN B O   1 
ATOM   939  C CB  . ASN B 1 25 ? -2.794  2.236   -1.178  1.00 21.57 ? 25  ASN B CB  1 
ATOM   940  C CG  . ASN B 1 25 ? -2.081  1.150   -0.445  1.00 19.55 ? 25  ASN B CG  1 
ATOM   941  O OD1 . ASN B 1 25 ? -1.095  0.592   -0.924  1.00 18.68 ? 25  ASN B OD1 1 
ATOM   942  N ND2 . ASN B 1 25 ? -2.573  0.844   0.749   1.00 19.39 ? 25  ASN B ND2 1 
ATOM   943  N N   . THR B 1 26 ? -1.371  0.774   -4.146  1.00 20.38 ? 26  THR B N   1 
ATOM   944  C CA  . THR B 1 26 ? -1.334  -0.445  -4.944  1.00 20.62 ? 26  THR B CA  1 
ATOM   945  C C   . THR B 1 26 ? -1.088  -1.676  -4.067  1.00 21.16 ? 26  THR B C   1 
ATOM   946  O O   . THR B 1 26 ? -1.169  -2.809  -4.540  1.00 21.31 ? 26  THR B O   1 
ATOM   947  C CB  . THR B 1 26 ? -0.228  -0.379  -5.984  1.00 20.43 ? 26  THR B CB  1 
ATOM   948  O OG1 . THR B 1 26 ? 1.028   -0.254  -5.316  1.00 24.59 ? 26  THR B OG1 1 
ATOM   949  C CG2 . THR B 1 26 ? -0.429  0.812   -6.904  1.00 18.69 ? 26  THR B CG2 1 
ATOM   950  N N   . GLY B 1 27 ? -0.777  -1.443  -2.795  1.00 20.57 ? 27  GLY B N   1 
ATOM   951  C CA  . GLY B 1 27 ? -0.547  -2.530  -1.864  1.00 19.03 ? 27  GLY B CA  1 
ATOM   952  C C   . GLY B 1 27 ? -1.818  -2.921  -1.113  1.00 20.45 ? 27  GLY B C   1 
ATOM   953  O O   . GLY B 1 27 ? -1.779  -3.675  -0.140  1.00 17.14 ? 27  GLY B O   1 
ATOM   954  N N   . ALA B 1 28 ? -2.956  -2.409  -1.564  1.00 20.45 ? 28  ALA B N   1 
ATOM   955  C CA  . ALA B 1 28 ? -4.232  -2.726  -0.928  1.00 23.46 ? 28  ALA B CA  1 
ATOM   956  C C   . ALA B 1 28 ? -5.231  -3.242  -1.965  1.00 21.89 ? 28  ALA B C   1 
ATOM   957  O O   . ALA B 1 28 ? -5.384  -2.646  -3.033  1.00 21.69 ? 28  ALA B O   1 
ATOM   958  C CB  . ALA B 1 28 ? -4.796  -1.481  -0.226  1.00 19.86 ? 28  ALA B CB  1 
ATOM   959  N N   . ASP B 1 29 ? -5.903  -4.349  -1.659  1.00 19.71 ? 29  ASP B N   1 
ATOM   960  C CA  . ASP B 1 29 ? -6.887  -4.901  -2.581  1.00 20.55 ? 29  ASP B CA  1 
ATOM   961  C C   . ASP B 1 29 ? -8.139  -4.021  -2.571  1.00 21.38 ? 29  ASP B C   1 
ATOM   962  O O   . ASP B 1 29 ? -8.775  -3.792  -3.599  1.00 20.78 ? 29  ASP B O   1 
ATOM   963  C CB  . ASP B 1 29 ? -7.327  -6.313  -2.163  1.00 21.17 ? 29  ASP B CB  1 
ATOM   964  C CG  . ASP B 1 29 ? -6.185  -7.310  -2.092  1.00 22.77 ? 29  ASP B CG  1 
ATOM   965  O OD1 . ASP B 1 29 ? -5.228  -7.238  -2.890  1.00 27.44 ? 29  ASP B OD1 1 
ATOM   966  O OD2 . ASP B 1 29 ? -6.267  -8.202  -1.231  1.00 29.34 ? 29  ASP B OD2 1 
ATOM   967  N N   . ASP B 1 30 ? -8.477  -3.532  -1.385  1.00 20.32 ? 30  ASP B N   1 
ATOM   968  C CA  . ASP B 1 30 ? -9.671  -2.740  -1.173  1.00 21.03 ? 30  ASP B CA  1 
ATOM   969  C C   . ASP B 1 30 ? -9.434  -1.271  -0.849  1.00 23.53 ? 30  ASP B C   1 
ATOM   970  O O   . ASP B 1 30 ? -8.313  -0.846  -0.547  1.00 22.28 ? 30  ASP B O   1 
ATOM   971  C CB  . ASP B 1 30 ? -10.484 -3.373  -0.036  1.00 21.27 ? 30  ASP B CB  1 
ATOM   972  C CG  . ASP B 1 30 ? -10.538 -4.891  -0.131  1.00 20.27 ? 30  ASP B CG  1 
ATOM   973  O OD1 . ASP B 1 30 ? -11.087 -5.397  -1.128  1.00 27.64 ? 30  ASP B OD1 1 
ATOM   974  O OD2 . ASP B 1 30 ? -10.023 -5.581  0.779   1.00 22.54 ? 30  ASP B OD2 1 
ATOM   975  N N   . THR B 1 31 ? -10.532 -0.518  -0.915  1.00 22.16 ? 31  THR B N   1 
ATOM   976  C CA  . THR B 1 31 ? -10.569 0.908   -0.630  1.00 20.70 ? 31  THR B CA  1 
ATOM   977  C C   . THR B 1 31 ? -11.154 1.064   0.773   1.00 22.23 ? 31  THR B C   1 
ATOM   978  O O   . THR B 1 31 ? -12.274 0.635   1.038   1.00 24.36 ? 31  THR B O   1 
ATOM   979  C CB  . THR B 1 31 ? -11.476 1.619   -1.646  1.00 19.54 ? 31  THR B CB  1 
ATOM   980  O OG1 . THR B 1 31 ? -10.838 1.607   -2.928  1.00 19.64 ? 31  THR B OG1 1 
ATOM   981  C CG2 . THR B 1 31 ? -11.776 3.050   -1.210  1.00 15.17 ? 31  THR B CG2 1 
ATOM   982  N N   . VAL B 1 32 ? -10.393 1.668   1.674   1.00 23.85 ? 32  VAL B N   1 
ATOM   983  C CA  . VAL B 1 32 ? -10.844 1.848   3.047   1.00 22.91 ? 32  VAL B CA  1 
ATOM   984  C C   . VAL B 1 32 ? -10.818 3.319   3.434   1.00 22.36 ? 32  VAL B C   1 
ATOM   985  O O   . VAL B 1 32 ? -9.799  3.999   3.283   1.00 24.87 ? 32  VAL B O   1 
ATOM   986  C CB  . VAL B 1 32 ? -9.945  1.056   4.026   1.00 21.40 ? 32  VAL B CB  1 
ATOM   987  C CG1 . VAL B 1 32 ? -10.642 0.883   5.364   1.00 15.88 ? 32  VAL B CG1 1 
ATOM   988  C CG2 . VAL B 1 32 ? -9.588  -0.281  3.420   1.00 20.63 ? 32  VAL B CG2 1 
ATOM   989  N N   . LEU B 1 33 ? -11.944 3.812   3.929   1.00 22.89 ? 33  LEU B N   1 
ATOM   990  C CA  . LEU B 1 33 ? -12.035 5.198   4.339   1.00 22.36 ? 33  LEU B CA  1 
ATOM   991  C C   . LEU B 1 33 ? -12.267 5.271   5.824   1.00 24.53 ? 33  LEU B C   1 
ATOM   992  O O   . LEU B 1 33 ? -12.844 4.363   6.412   1.00 27.26 ? 33  LEU B O   1 
ATOM   993  C CB  . LEU B 1 33 ? -13.187 5.896   3.621   1.00 22.83 ? 33  LEU B CB  1 
ATOM   994  C CG  . LEU B 1 33 ? -13.100 5.975   2.095   1.00 22.31 ? 33  LEU B CG  1 
ATOM   995  C CD1 . LEU B 1 33 ? -14.295 6.750   1.580   1.00 26.40 ? 33  LEU B CD1 1 
ATOM   996  C CD2 . LEU B 1 33 ? -11.817 6.651   1.670   1.00 21.50 ? 33  LEU B CD2 1 
ATOM   997  N N   . GLU B 1 34 ? -11.799 6.349   6.434   1.00 28.23 ? 34  GLU B N   1 
ATOM   998  C CA  . GLU B 1 34 ? -11.992 6.553   7.859   1.00 31.14 ? 34  GLU B CA  1 
ATOM   999  C C   . GLU B 1 34 ? -13.486 6.493   8.146   1.00 32.72 ? 34  GLU B C   1 
ATOM   1000 O O   . GLU B 1 34 ? -14.302 6.622   7.234   1.00 34.12 ? 34  GLU B O   1 
ATOM   1001 C CB  . GLU B 1 34 ? -11.411 7.905   8.268   1.00 30.63 ? 34  GLU B CB  1 
ATOM   1002 C CG  . GLU B 1 34 ? -9.909  7.851   8.518   1.00 37.92 ? 34  GLU B CG  1 
ATOM   1003 C CD  . GLU B 1 34 ? -9.215  9.182   8.288   1.00 41.86 ? 34  GLU B CD  1 
ATOM   1004 O OE1 . GLU B 1 34 ? -9.834  10.233  8.560   1.00 42.39 ? 34  GLU B OE1 1 
ATOM   1005 O OE2 . GLU B 1 34 ? -8.043  9.173   7.843   1.00 43.49 ? 34  GLU B OE2 1 
ATOM   1006 N N   A GLU B 1 35 ? -13.844 6.282   9.407   0.50 34.06 ? 35  GLU B N   1 
ATOM   1007 N N   B GLU B 1 35 ? -13.837 6.310   9.415   0.50 34.69 ? 35  GLU B N   1 
ATOM   1008 C CA  A GLU B 1 35 ? -15.250 6.188   9.784   0.50 35.92 ? 35  GLU B CA  1 
ATOM   1009 C CA  B GLU B 1 35 ? -15.238 6.235   9.826   0.50 37.03 ? 35  GLU B CA  1 
ATOM   1010 C C   A GLU B 1 35 ? -16.049 7.411   9.340   0.50 36.12 ? 35  GLU B C   1 
ATOM   1011 C C   B GLU B 1 35 ? -16.040 7.434   9.320   0.50 36.80 ? 35  GLU B C   1 
ATOM   1012 O O   A GLU B 1 35 ? -15.726 8.543   9.698   0.50 36.21 ? 35  GLU B O   1 
ATOM   1013 O O   B GLU B 1 35 ? -15.704 8.581   9.614   0.50 36.75 ? 35  GLU B O   1 
ATOM   1014 C CB  A GLU B 1 35 ? -15.377 5.988   11.297  0.50 35.56 ? 35  GLU B CB  1 
ATOM   1015 C CB  B GLU B 1 35 ? -15.339 6.188   11.357  0.50 37.83 ? 35  GLU B CB  1 
ATOM   1016 C CG  A GLU B 1 35 ? -16.282 4.824   11.675  0.50 34.39 ? 35  GLU B CG  1 
ATOM   1017 C CG  B GLU B 1 35 ? -16.158 5.029   11.917  0.50 38.83 ? 35  GLU B CG  1 
ATOM   1018 C CD  A GLU B 1 35 ? -17.739 5.121   11.419  0.50 32.61 ? 35  GLU B CD  1 
ATOM   1019 C CD  B GLU B 1 35 ? -15.290 3.870   12.386  0.50 38.85 ? 35  GLU B CD  1 
ATOM   1020 O OE1 A GLU B 1 35 ? -18.462 4.221   10.940  0.50 32.60 ? 35  GLU B OE1 1 
ATOM   1021 O OE1 B GLU B 1 35 ? -14.397 4.099   13.230  0.50 37.60 ? 35  GLU B OE1 1 
ATOM   1022 O OE2 A GLU B 1 35 ? -18.162 6.257   11.710  0.50 32.72 ? 35  GLU B OE2 1 
ATOM   1023 O OE2 B GLU B 1 35 ? -15.503 2.732   11.920  0.50 39.10 ? 35  GLU B OE2 1 
ATOM   1024 N N   . MET B 1 36 ? -17.094 7.162   8.553   1.00 36.83 ? 36  MET B N   1 
ATOM   1025 C CA  . MET B 1 36 ? -17.961 8.213   8.026   1.00 36.58 ? 36  MET B CA  1 
ATOM   1026 C C   . MET B 1 36 ? -19.335 7.623   7.721   1.00 38.44 ? 36  MET B C   1 
ATOM   1027 O O   . MET B 1 36 ? -19.488 6.406   7.611   1.00 38.56 ? 36  MET B O   1 
ATOM   1028 C CB  . MET B 1 36 ? -17.372 8.814   6.747   1.00 38.94 ? 36  MET B CB  1 
ATOM   1029 C CG  . MET B 1 36 ? -17.357 7.872   5.565   1.00 39.63 ? 36  MET B CG  1 
ATOM   1030 S SD  . MET B 1 36 ? -16.715 8.651   4.077   1.00 44.25 ? 36  MET B SD  1 
ATOM   1031 C CE  . MET B 1 36 ? -18.181 9.385   3.417   1.00 43.58 ? 36  MET B CE  1 
ATOM   1032 N N   . ASN B 1 37 ? -20.337 8.483   7.578   1.00 40.35 ? 37  ASN B N   1 
ATOM   1033 C CA  . ASN B 1 37 ? -21.685 8.008   7.300   1.00 40.12 ? 37  ASN B CA  1 
ATOM   1034 C C   . ASN B 1 37 ? -21.937 7.930   5.808   1.00 42.34 ? 37  ASN B C   1 
ATOM   1035 O O   . ASN B 1 37 ? -21.670 8.877   5.068   1.00 43.70 ? 37  ASN B O   1 
ATOM   1036 C CB  . ASN B 1 37 ? -22.712 8.922   7.955   1.00 39.66 ? 37  ASN B CB  1 
ATOM   1037 N N   . LEU B 1 38 ? -22.441 6.786   5.365   1.00 41.90 ? 38  LEU B N   1 
ATOM   1038 C CA  . LEU B 1 38 ? -22.752 6.599   3.962   1.00 41.72 ? 38  LEU B CA  1 
ATOM   1039 C C   . LEU B 1 38 ? -24.136 5.980   3.832   1.00 43.02 ? 38  LEU B C   1 
ATOM   1040 O O   . LEU B 1 38 ? -24.588 5.254   4.719   1.00 44.49 ? 38  LEU B O   1 
ATOM   1041 C CB  . LEU B 1 38 ? -21.708 5.702   3.294   1.00 41.64 ? 38  LEU B CB  1 
ATOM   1042 C CG  . LEU B 1 38 ? -20.346 6.331   2.989   1.00 40.25 ? 38  LEU B CG  1 
ATOM   1043 C CD1 . LEU B 1 38 ? -19.400 5.268   2.454   1.00 38.09 ? 38  LEU B CD1 1 
ATOM   1044 C CD2 . LEU B 1 38 ? -20.518 7.456   1.985   1.00 35.73 ? 38  LEU B CD2 1 
ATOM   1045 N N   . PRO B 1 39 ? -24.836 6.280   2.728   1.00 44.16 ? 39  PRO B N   1 
ATOM   1046 C CA  . PRO B 1 39 ? -26.176 5.730   2.517   1.00 45.86 ? 39  PRO B CA  1 
ATOM   1047 C C   . PRO B 1 39 ? -26.126 4.256   2.150   1.00 46.00 ? 39  PRO B C   1 
ATOM   1048 O O   . PRO B 1 39 ? -25.108 3.755   1.669   1.00 45.36 ? 39  PRO B O   1 
ATOM   1049 C CB  . PRO B 1 39 ? -26.726 6.583   1.373   1.00 45.73 ? 39  PRO B CB  1 
ATOM   1050 C CG  . PRO B 1 39 ? -25.943 7.865   1.476   1.00 44.67 ? 39  PRO B CG  1 
ATOM   1051 C CD  . PRO B 1 39 ? -24.559 7.346   1.752   1.00 43.89 ? 39  PRO B CD  1 
ATOM   1052 N N   . GLY B 1 40 ? -27.235 3.567   2.394   1.00 47.75 ? 40  GLY B N   1 
ATOM   1053 C CA  . GLY B 1 40 ? -27.312 2.156   2.066   1.00 48.62 ? 40  GLY B CA  1 
ATOM   1054 C C   . GLY B 1 40 ? -27.080 1.184   3.205   1.00 48.45 ? 40  GLY B C   1 
ATOM   1055 O O   . GLY B 1 40 ? -26.763 1.564   4.335   1.00 48.51 ? 40  GLY B O   1 
ATOM   1056 N N   . LYS B 1 41 ? -27.253 -0.091  2.886   1.00 47.44 ? 41  LYS B N   1 
ATOM   1057 C CA  . LYS B 1 41 ? -27.058 -1.157  3.847   1.00 46.99 ? 41  LYS B CA  1 
ATOM   1058 C C   . LYS B 1 41 ? -25.597 -1.563  3.787   1.00 48.52 ? 41  LYS B C   1 
ATOM   1059 O O   . LYS B 1 41 ? -24.995 -1.605  2.712   1.00 49.43 ? 41  LYS B O   1 
ATOM   1060 C CB  . LYS B 1 41 ? -27.944 -2.346  3.494   1.00 46.16 ? 41  LYS B CB  1 
ATOM   1061 N N   . TRP B 1 42 ? -25.019 -1.853  4.941   1.00 48.32 ? 42  TRP B N   1 
ATOM   1062 C CA  . TRP B 1 42 ? -23.632 -2.272  4.979   1.00 47.89 ? 42  TRP B CA  1 
ATOM   1063 C C   . TRP B 1 42 ? -23.505 -3.617  5.686   1.00 47.20 ? 42  TRP B C   1 
ATOM   1064 O O   . TRP B 1 42 ? -24.276 -3.936  6.599   1.00 45.46 ? 42  TRP B O   1 
ATOM   1065 C CB  . TRP B 1 42 ? -22.771 -1.224  5.686   1.00 46.16 ? 42  TRP B CB  1 
ATOM   1066 C CG  . TRP B 1 42 ? -23.275 -0.853  7.042   1.00 47.55 ? 42  TRP B CG  1 
ATOM   1067 C CD1 . TRP B 1 42 ? -24.090 0.197   7.356   1.00 45.88 ? 42  TRP B CD1 1 
ATOM   1068 C CD2 . TRP B 1 42 ? -23.006 -1.536  8.274   1.00 47.31 ? 42  TRP B CD2 1 
ATOM   1069 N NE1 . TRP B 1 42 ? -24.342 0.212   8.707   1.00 45.99 ? 42  TRP B NE1 1 
ATOM   1070 C CE2 . TRP B 1 42 ? -23.689 -0.841  9.295   1.00 46.76 ? 42  TRP B CE2 1 
ATOM   1071 C CE3 . TRP B 1 42 ? -22.250 -2.670  8.617   1.00 47.23 ? 42  TRP B CE3 1 
ATOM   1072 C CZ2 . TRP B 1 42 ? -23.640 -1.241  10.635  1.00 44.19 ? 42  TRP B CZ2 1 
ATOM   1073 C CZ3 . TRP B 1 42 ? -22.203 -3.068  9.952   1.00 42.59 ? 42  TRP B CZ3 1 
ATOM   1074 C CH2 . TRP B 1 42 ? -22.893 -2.353  10.942  1.00 44.33 ? 42  TRP B CH2 1 
ATOM   1075 N N   . LYS B 1 43 ? -22.539 -4.410  5.235   1.00 44.66 ? 43  LYS B N   1 
ATOM   1076 C CA  . LYS B 1 43 ? -22.278 -5.712  5.820   1.00 42.06 ? 43  LYS B CA  1 
ATOM   1077 C C   . LYS B 1 43 ? -20.960 -5.600  6.575   1.00 41.03 ? 43  LYS B C   1 
ATOM   1078 O O   . LYS B 1 43 ? -20.034 -4.915  6.133   1.00 39.43 ? 43  LYS B O   1 
ATOM   1079 C CB  . LYS B 1 43 ? -22.174 -6.772  4.729   1.00 38.07 ? 43  LYS B CB  1 
ATOM   1080 N N   . PRO B 1 44 ? -20.869 -6.242  7.745   1.00 40.04 ? 44  PRO B N   1 
ATOM   1081 C CA  . PRO B 1 44 ? -19.625 -6.176  8.511   1.00 39.33 ? 44  PRO B CA  1 
ATOM   1082 C C   . PRO B 1 44 ? -18.585 -7.092  7.873   1.00 38.30 ? 44  PRO B C   1 
ATOM   1083 O O   . PRO B 1 44 ? -18.851 -8.273  7.628   1.00 38.44 ? 44  PRO B O   1 
ATOM   1084 C CB  . PRO B 1 44 ? -20.043 -6.672  9.896   1.00 39.21 ? 44  PRO B CB  1 
ATOM   1085 C CG  . PRO B 1 44 ? -21.509 -6.387  9.948   1.00 39.39 ? 44  PRO B CG  1 
ATOM   1086 C CD  . PRO B 1 44 ? -21.954 -6.789  8.573   1.00 40.56 ? 44  PRO B CD  1 
ATOM   1087 N N   . LYS B 1 45 ? -17.410 -6.548  7.592   1.00 35.45 ? 45  LYS B N   1 
ATOM   1088 C CA  . LYS B 1 45 ? -16.351 -7.345  7.001   1.00 32.39 ? 45  LYS B CA  1 
ATOM   1089 C C   . LYS B 1 45 ? -15.114 -7.200  7.863   1.00 31.46 ? 45  LYS B C   1 
ATOM   1090 O O   . LYS B 1 45 ? -15.079 -6.395  8.790   1.00 29.62 ? 45  LYS B O   1 
ATOM   1091 C CB  . LYS B 1 45 ? -16.060 -6.881  5.573   1.00 31.61 ? 45  LYS B CB  1 
ATOM   1092 N N   . MET B 1 46 ? -14.106 -8.002  7.567   1.00 33.16 ? 46  MET B N   1 
ATOM   1093 C CA  . MET B 1 46 ? -12.863 -7.939  8.300   1.00 33.25 ? 46  MET B CA  1 
ATOM   1094 C C   . MET B 1 46 ? -11.722 -7.948  7.329   1.00 31.46 ? 46  MET B C   1 
ATOM   1095 O O   . MET B 1 46 ? -11.629 -8.829  6.484   1.00 32.31 ? 46  MET B O   1 
ATOM   1096 C CB  . MET B 1 46 ? -12.727 -9.113  9.250   1.00 38.83 ? 46  MET B CB  1 
ATOM   1097 C CG  . MET B 1 46 ? -13.486 -8.932  10.528  1.00 43.24 ? 46  MET B CG  1 
ATOM   1098 S SD  . MET B 1 46 ? -12.662 -9.891  11.760  1.00 55.00 ? 46  MET B SD  1 
ATOM   1099 C CE  . MET B 1 46 ? -11.251 -8.835  12.073  1.00 49.61 ? 46  MET B CE  1 
ATOM   1100 N N   . ILE B 1 47 ? -10.860 -6.953  7.457   1.00 30.37 ? 47  ILE B N   1 
ATOM   1101 C CA  . ILE B 1 47 ? -9.705  -6.816  6.591   1.00 30.31 ? 47  ILE B CA  1 
ATOM   1102 C C   . ILE B 1 47 ? -8.457  -6.780  7.463   1.00 29.82 ? 47  ILE B C   1 
ATOM   1103 O O   . ILE B 1 47 ? -8.508  -6.364  8.621   1.00 28.83 ? 47  ILE B O   1 
ATOM   1104 C CB  . ILE B 1 47 ? -9.785  -5.510  5.781   1.00 31.64 ? 47  ILE B CB  1 
ATOM   1105 C CG1 . ILE B 1 47 ? -9.684  -4.306  6.731   1.00 31.32 ? 47  ILE B CG1 1 
ATOM   1106 C CG2 . ILE B 1 47 ? -11.094 -5.462  5.014   1.00 29.58 ? 47  ILE B CG2 1 
ATOM   1107 C CD1 . ILE B 1 47 ? -9.610  -2.967  6.026   1.00 33.30 ? 47  ILE B CD1 1 
ATOM   1108 N N   . GLY B 1 48 ? -7.334  -7.210  6.907   1.00 29.26 ? 48  GLY B N   1 
ATOM   1109 C CA  . GLY B 1 48 ? -6.111  -7.207  7.676   1.00 28.20 ? 48  GLY B CA  1 
ATOM   1110 C C   . GLY B 1 48 ? -4.952  -6.563  6.959   1.00 27.81 ? 48  GLY B C   1 
ATOM   1111 O O   . GLY B 1 48 ? -5.038  -6.227  5.783   1.00 25.78 ? 48  GLY B O   1 
ATOM   1112 N N   . GLY B 1 49 ? -3.863  -6.392  7.698   1.00 28.03 ? 49  GLY B N   1 
ATOM   1113 C CA  . GLY B 1 49 ? -2.657  -5.804  7.161   1.00 31.41 ? 49  GLY B CA  1 
ATOM   1114 C C   . GLY B 1 49 ? -1.549  -6.072  8.155   1.00 32.87 ? 49  GLY B C   1 
ATOM   1115 O O   . GLY B 1 49 ? -1.597  -7.065  8.886   1.00 32.37 ? 49  GLY B O   1 
ATOM   1116 N N   A ILE B 1 50 ? -0.565  -5.183  8.194   0.50 32.68 ? 50  ILE B N   1 
ATOM   1117 N N   B ILE B 1 50 ? -0.538  -5.210  8.181   0.50 33.89 ? 50  ILE B N   1 
ATOM   1118 C CA  A ILE B 1 50 ? 0.507   -5.312  9.162   0.50 32.14 ? 50  ILE B CA  1 
ATOM   1119 C CA  B ILE B 1 50 ? 0.613   -5.384  9.068   0.50 34.35 ? 50  ILE B CA  1 
ATOM   1120 C C   A ILE B 1 50 ? -0.140  -4.866  10.468  0.50 31.29 ? 50  ILE B C   1 
ATOM   1121 C C   B ILE B 1 50 ? 0.361   -5.695  10.549  0.50 33.35 ? 50  ILE B C   1 
ATOM   1122 O O   A ILE B 1 50 ? -0.860  -3.866  10.506  0.50 29.90 ? 50  ILE B O   1 
ATOM   1123 O O   B ILE B 1 50 ? 0.852   -6.707  11.052  0.50 33.34 ? 50  ILE B O   1 
ATOM   1124 C CB  A ILE B 1 50 ? 1.704   -4.399  8.799   0.50 32.89 ? 50  ILE B CB  1 
ATOM   1125 C CB  B ILE B 1 50 ? 1.577   -4.162  8.951   0.50 36.54 ? 50  ILE B CB  1 
ATOM   1126 C CG1 A ILE B 1 50 ? 2.761   -5.219  8.065   0.50 33.32 ? 50  ILE B CG1 1 
ATOM   1127 C CG1 B ILE B 1 50 ? 2.753   -4.524  8.046   0.50 38.19 ? 50  ILE B CG1 1 
ATOM   1128 C CG2 A ILE B 1 50 ? 2.310   -3.776  10.050  0.50 33.57 ? 50  ILE B CG2 1 
ATOM   1129 C CG2 B ILE B 1 50 ? 2.112   -3.746  10.314  0.50 37.54 ? 50  ILE B CG2 1 
ATOM   1130 C CD1 A ILE B 1 50 ? 2.236   -5.931  6.847   0.50 36.55 ? 50  ILE B CD1 1 
ATOM   1131 C CD1 B ILE B 1 50 ? 2.350   -4.951  6.658   0.50 41.91 ? 50  ILE B CD1 1 
ATOM   1132 N N   A GLY B 1 51 ? 0.093   -5.626  11.530  0.50 31.45 ? 51  GLY B N   1 
ATOM   1133 N N   B GLY B 1 51 ? -0.395  -4.847  11.246  0.50 31.93 ? 51  GLY B N   1 
ATOM   1134 C CA  A GLY B 1 51 ? -0.494  -5.290  12.810  0.50 30.13 ? 51  GLY B CA  1 
ATOM   1135 C CA  B GLY B 1 51 ? -0.636  -5.069  12.667  0.50 31.44 ? 51  GLY B CA  1 
ATOM   1136 C C   A GLY B 1 51 ? -1.683  -6.184  13.108  0.50 30.07 ? 51  GLY B C   1 
ATOM   1137 C C   B GLY B 1 51 ? -1.820  -5.943  13.047  0.50 31.12 ? 51  GLY B C   1 
ATOM   1138 O O   A GLY B 1 51 ? -1.971  -6.463  14.269  0.50 31.00 ? 51  GLY B O   1 
ATOM   1139 O O   B GLY B 1 51 ? -2.217  -5.994  14.208  0.50 32.64 ? 51  GLY B O   1 
ATOM   1140 N N   . GLY B 1 52 ? -2.379  -6.636  12.067  1.00 31.09 ? 52  GLY B N   1 
ATOM   1141 C CA  . GLY B 1 52 ? -3.520  -7.498  12.306  1.00 29.63 ? 52  GLY B CA  1 
ATOM   1142 C C   . GLY B 1 52 ? -4.777  -7.160  11.523  1.00 30.25 ? 52  GLY B C   1 
ATOM   1143 O O   . GLY B 1 52 ? -4.723  -6.533  10.466  1.00 28.41 ? 52  GLY B O   1 
ATOM   1144 N N   . PHE B 1 53 ? -5.917  -7.568  12.068  1.00 30.37 ? 53  PHE B N   1 
ATOM   1145 C CA  . PHE B 1 53 ? -7.206  -7.347  11.433  1.00 30.24 ? 53  PHE B CA  1 
ATOM   1146 C C   . PHE B 1 53 ? -8.056  -6.301  12.125  1.00 29.49 ? 53  PHE B C   1 
ATOM   1147 O O   . PHE B 1 53 ? -7.909  -6.053  13.318  1.00 29.90 ? 53  PHE B O   1 
ATOM   1148 C CB  . PHE B 1 53 ? -8.000  -8.653  11.392  1.00 33.72 ? 53  PHE B CB  1 
ATOM   1149 C CG  . PHE B 1 53 ? -7.381  -9.714  10.539  1.00 35.04 ? 53  PHE B CG  1 
ATOM   1150 C CD1 . PHE B 1 53 ? -6.192  -10.326 10.921  1.00 36.89 ? 53  PHE B CD1 1 
ATOM   1151 C CD2 . PHE B 1 53 ? -7.982  -10.097 9.345   1.00 35.41 ? 53  PHE B CD2 1 
ATOM   1152 C CE1 . PHE B 1 53 ? -5.608  -11.307 10.132  1.00 37.14 ? 53  PHE B CE1 1 
ATOM   1153 C CE2 . PHE B 1 53 ? -7.408  -11.077 8.545   1.00 38.83 ? 53  PHE B CE2 1 
ATOM   1154 C CZ  . PHE B 1 53 ? -6.216  -11.683 8.939   1.00 38.55 ? 53  PHE B CZ  1 
ATOM   1155 N N   . ILE B 1 54 ? -8.950  -5.688  11.358  1.00 27.78 ? 54  ILE B N   1 
ATOM   1156 C CA  . ILE B 1 54 ? -9.864  -4.701  11.901  1.00 27.83 ? 54  ILE B CA  1 
ATOM   1157 C C   . ILE B 1 54 ? -11.236 -4.976  11.302  1.00 27.36 ? 54  ILE B C   1 
ATOM   1158 O O   . ILE B 1 54 ? -11.348 -5.590  10.239  1.00 29.77 ? 54  ILE B O   1 
ATOM   1159 C CB  . ILE B 1 54 ? -9.429  -3.250  11.561  1.00 28.52 ? 54  ILE B CB  1 
ATOM   1160 C CG1 . ILE B 1 54 ? -9.469  -3.007  10.055  1.00 27.98 ? 54  ILE B CG1 1 
ATOM   1161 C CG2 . ILE B 1 54 ? -8.029  -2.997  12.083  1.00 30.40 ? 54  ILE B CG2 1 
ATOM   1162 C CD1 . ILE B 1 54 ? -9.331  -1.539  9.684   1.00 26.61 ? 54  ILE B CD1 1 
ATOM   1163 N N   . LYS B 1 55 ? -12.282 -4.542  11.990  1.00 28.03 ? 55  LYS B N   1 
ATOM   1164 C CA  . LYS B 1 55 ? -13.636 -4.742  11.496  1.00 29.16 ? 55  LYS B CA  1 
ATOM   1165 C C   . LYS B 1 55 ? -14.041 -3.483  10.738  1.00 29.34 ? 55  LYS B C   1 
ATOM   1166 O O   . LYS B 1 55 ? -13.745 -2.370  11.173  1.00 31.33 ? 55  LYS B O   1 
ATOM   1167 C CB  . LYS B 1 55 ? -14.589 -4.994  12.666  1.00 29.06 ? 55  LYS B CB  1 
ATOM   1168 N N   . VAL B 1 56 ? -14.706 -3.654  9.601   1.00 30.41 ? 56  VAL B N   1 
ATOM   1169 C CA  . VAL B 1 56 ? -15.138 -2.512  8.800   1.00 29.34 ? 56  VAL B CA  1 
ATOM   1170 C C   . VAL B 1 56 ? -16.551 -2.699  8.252   1.00 33.18 ? 56  VAL B C   1 
ATOM   1171 O O   . VAL B 1 56 ? -17.068 -3.821  8.207   1.00 34.47 ? 56  VAL B O   1 
ATOM   1172 C CB  . VAL B 1 56 ? -14.191 -2.282  7.595   1.00 27.12 ? 56  VAL B CB  1 
ATOM   1173 C CG1 . VAL B 1 56 ? -12.805 -1.858  8.082   1.00 24.72 ? 56  VAL B CG1 1 
ATOM   1174 C CG2 . VAL B 1 56 ? -14.104 -3.548  6.763   1.00 22.71 ? 56  VAL B CG2 1 
ATOM   1175 N N   . ARG B 1 57 ? -17.169 -1.588  7.847   1.00 33.97 ? 57  ARG B N   1 
ATOM   1176 C CA  . ARG B 1 57 ? -18.507 -1.592  7.260   1.00 33.10 ? 57  ARG B CA  1 
ATOM   1177 C C   . ARG B 1 57 ? -18.342 -1.582  5.744   1.00 33.15 ? 57  ARG B C   1 
ATOM   1178 O O   . ARG B 1 57 ? -17.671 -0.705  5.198   1.00 32.55 ? 57  ARG B O   1 
ATOM   1179 C CB  . ARG B 1 57 ? -19.279 -0.337  7.647   1.00 35.14 ? 57  ARG B CB  1 
ATOM   1180 C CG  . ARG B 1 57 ? -19.824 -0.276  9.053   1.00 42.41 ? 57  ARG B CG  1 
ATOM   1181 C CD  . ARG B 1 57 ? -20.468 1.088   9.251   1.00 48.86 ? 57  ARG B CD  1 
ATOM   1182 N NE  . ARG B 1 57 ? -21.260 1.191   10.473  1.00 62.11 ? 57  ARG B NE  1 
ATOM   1183 C CZ  . ARG B 1 57 ? -21.924 2.287   10.836  1.00 68.13 ? 57  ARG B CZ  1 
ATOM   1184 N NH1 . ARG B 1 57 ? -21.883 3.371   10.068  1.00 71.03 ? 57  ARG B NH1 1 
ATOM   1185 N NH2 . ARG B 1 57 ? -22.636 2.302   11.958  1.00 68.21 ? 57  ARG B NH2 1 
ATOM   1186 N N   . GLN B 1 58 ? -18.954 -2.541  5.060   1.00 30.80 ? 58  GLN B N   1 
ATOM   1187 C CA  . GLN B 1 58 ? -18.842 -2.584  3.614   1.00 29.83 ? 58  GLN B CA  1 
ATOM   1188 C C   . GLN B 1 58 ? -20.012 -1.902  2.916   1.00 29.73 ? 58  GLN B C   1 
ATOM   1189 O O   . GLN B 1 58 ? -21.165 -2.104  3.276   1.00 31.28 ? 58  GLN B O   1 
ATOM   1190 C CB  . GLN B 1 58 ? -18.736 -4.030  3.121   1.00 30.00 ? 58  GLN B CB  1 
ATOM   1191 C CG  . GLN B 1 58 ? -18.503 -4.109  1.619   1.00 34.06 ? 58  GLN B CG  1 
ATOM   1192 C CD  . GLN B 1 58 ? -18.346 -5.521  1.099   1.00 32.98 ? 58  GLN B CD  1 
ATOM   1193 O OE1 . GLN B 1 58 ? -17.512 -6.281  1.580   1.00 35.82 ? 58  GLN B OE1 1 
ATOM   1194 N NE2 . GLN B 1 58 ? -19.141 -5.874  0.098   1.00 34.47 ? 58  GLN B NE2 1 
ATOM   1195 N N   . TYR B 1 59 ? -19.705 -1.077  1.924   1.00 30.60 ? 59  TYR B N   1 
ATOM   1196 C CA  . TYR B 1 59 ? -20.735 -0.392  1.150   1.00 30.99 ? 59  TYR B CA  1 
ATOM   1197 C C   . TYR B 1 59 ? -20.484 -0.703  -0.322  1.00 30.97 ? 59  TYR B C   1 
ATOM   1198 O O   . TYR B 1 59 ? -19.376 -0.533  -0.822  1.00 29.05 ? 59  TYR B O   1 
ATOM   1199 C CB  . TYR B 1 59 ? -20.690 1.125   1.373   1.00 31.62 ? 59  TYR B CB  1 
ATOM   1200 C CG  . TYR B 1 59 ? -21.052 1.569   2.771   1.00 30.65 ? 59  TYR B CG  1 
ATOM   1201 C CD1 . TYR B 1 59 ? -20.116 1.539   3.797   1.00 30.38 ? 59  TYR B CD1 1 
ATOM   1202 C CD2 . TYR B 1 59 ? -22.340 2.018   3.068   1.00 33.44 ? 59  TYR B CD2 1 
ATOM   1203 C CE1 . TYR B 1 59 ? -20.449 1.945   5.088   1.00 31.54 ? 59  TYR B CE1 1 
ATOM   1204 C CE2 . TYR B 1 59 ? -22.684 2.426   4.353   1.00 33.09 ? 59  TYR B CE2 1 
ATOM   1205 C CZ  . TYR B 1 59 ? -21.733 2.389   5.359   1.00 33.29 ? 59  TYR B CZ  1 
ATOM   1206 O OH  . TYR B 1 59 ? -22.066 2.805   6.631   1.00 35.63 ? 59  TYR B OH  1 
ATOM   1207 N N   . ASP B 1 60 ? -21.520 -1.159  -1.013  1.00 33.22 ? 60  ASP B N   1 
ATOM   1208 C CA  . ASP B 1 60 ? -21.388 -1.510  -2.417  1.00 35.08 ? 60  ASP B CA  1 
ATOM   1209 C C   . ASP B 1 60 ? -21.923 -0.473  -3.398  1.00 34.92 ? 60  ASP B C   1 
ATOM   1210 O O   . ASP B 1 60 ? -22.789 0.332   -3.065  1.00 34.66 ? 60  ASP B O   1 
ATOM   1211 C CB  . ASP B 1 60 ? -22.065 -2.855  -2.654  1.00 34.47 ? 60  ASP B CB  1 
ATOM   1212 C CG  . ASP B 1 60 ? -21.478 -3.941  -1.797  1.00 36.18 ? 60  ASP B CG  1 
ATOM   1213 O OD1 . ASP B 1 60 ? -20.266 -4.202  -1.936  1.00 38.64 ? 60  ASP B OD1 1 
ATOM   1214 O OD2 . ASP B 1 60 ? -22.215 -4.531  -0.981  1.00 39.72 ? 60  ASP B OD2 1 
ATOM   1215 N N   . GLN B 1 61 ? -21.386 -0.511  -4.614  1.00 35.34 ? 61  GLN B N   1 
ATOM   1216 C CA  . GLN B 1 61 ? -21.773 0.394   -5.689  1.00 38.83 ? 61  GLN B CA  1 
ATOM   1217 C C   . GLN B 1 61 ? -21.810 1.868   -5.306  1.00 37.76 ? 61  GLN B C   1 
ATOM   1218 O O   . GLN B 1 61 ? -22.754 2.587   -5.636  1.00 39.60 ? 61  GLN B O   1 
ATOM   1219 C CB  . GLN B 1 61 ? -23.119 -0.035  -6.281  1.00 42.19 ? 61  GLN B CB  1 
ATOM   1220 C CG  . GLN B 1 61 ? -22.984 -1.086  -7.385  1.00 51.32 ? 61  GLN B CG  1 
ATOM   1221 C CD  . GLN B 1 61 ? -24.326 -1.536  -7.941  1.00 57.31 ? 61  GLN B CD  1 
ATOM   1222 O OE1 . GLN B 1 61 ? -24.415 -2.035  -9.070  1.00 60.64 ? 61  GLN B OE1 1 
ATOM   1223 N NE2 . GLN B 1 61 ? -25.380 -1.376  -7.145  1.00 60.35 ? 61  GLN B NE2 1 
ATOM   1224 N N   . ILE B 1 62 ? -20.764 2.317   -4.623  1.00 35.69 ? 62  ILE B N   1 
ATOM   1225 C CA  . ILE B 1 62 ? -20.664 3.704   -4.210  1.00 32.36 ? 62  ILE B CA  1 
ATOM   1226 C C   . ILE B 1 62 ? -19.892 4.492   -5.258  1.00 32.61 ? 62  ILE B C   1 
ATOM   1227 O O   . ILE B 1 62 ? -18.873 4.032   -5.760  1.00 32.04 ? 62  ILE B O   1 
ATOM   1228 C CB  . ILE B 1 62 ? -19.924 3.826   -2.869  1.00 34.06 ? 62  ILE B CB  1 
ATOM   1229 C CG1 . ILE B 1 62 ? -20.674 3.043   -1.786  1.00 37.78 ? 62  ILE B CG1 1 
ATOM   1230 C CG2 . ILE B 1 62 ? -19.778 5.285   -2.491  1.00 34.11 ? 62  ILE B CG2 1 
ATOM   1231 C CD1 . ILE B 1 62 ? -22.156 3.391   -1.671  1.00 36.73 ? 62  ILE B CD1 1 
ATOM   1232 N N   . PRO B 1 63 ? -20.385 5.688   -5.622  1.00 33.09 ? 63  PRO B N   1 
ATOM   1233 C CA  . PRO B 1 63 ? -19.712 6.525   -6.620  1.00 29.79 ? 63  PRO B CA  1 
ATOM   1234 C C   . PRO B 1 63 ? -18.570 7.301   -5.975  1.00 29.66 ? 63  PRO B C   1 
ATOM   1235 O O   . PRO B 1 63 ? -18.746 7.900   -4.914  1.00 30.43 ? 63  PRO B O   1 
ATOM   1236 C CB  . PRO B 1 63 ? -20.825 7.458   -7.100  1.00 30.01 ? 63  PRO B CB  1 
ATOM   1237 C CG  . PRO B 1 63 ? -22.090 6.695   -6.790  1.00 29.78 ? 63  PRO B CG  1 
ATOM   1238 C CD  . PRO B 1 63 ? -21.776 6.137   -5.437  1.00 31.96 ? 63  PRO B CD  1 
ATOM   1239 N N   . VAL B 1 64 ? -17.406 7.294   -6.613  1.00 27.72 ? 64  VAL B N   1 
ATOM   1240 C CA  . VAL B 1 64 ? -16.255 8.005   -6.084  1.00 28.74 ? 64  VAL B CA  1 
ATOM   1241 C C   . VAL B 1 64 ? -15.506 8.703   -7.206  1.00 31.30 ? 64  VAL B C   1 
ATOM   1242 O O   . VAL B 1 64 ? -15.179 8.096   -8.222  1.00 34.75 ? 64  VAL B O   1 
ATOM   1243 C CB  . VAL B 1 64 ? -15.280 7.044   -5.371  1.00 30.05 ? 64  VAL B CB  1 
ATOM   1244 C CG1 . VAL B 1 64 ? -14.079 7.815   -4.849  1.00 28.86 ? 64  VAL B CG1 1 
ATOM   1245 C CG2 . VAL B 1 64 ? -15.993 6.323   -4.234  1.00 29.21 ? 64  VAL B CG2 1 
ATOM   1246 N N   . GLU B 1 65 ? -15.227 9.984   -7.020  1.00 32.00 ? 65  GLU B N   1 
ATOM   1247 C CA  . GLU B 1 65 ? -14.502 10.738  -8.025  1.00 32.60 ? 65  GLU B CA  1 
ATOM   1248 C C   . GLU B 1 65 ? -13.068 10.923  -7.535  1.00 31.28 ? 65  GLU B C   1 
ATOM   1249 O O   . GLU B 1 65 ? -12.828 11.510  -6.485  1.00 34.34 ? 65  GLU B O   1 
ATOM   1250 C CB  . GLU B 1 65 ? -15.184 12.083  -8.249  1.00 34.35 ? 65  GLU B CB  1 
ATOM   1251 C CG  . GLU B 1 65 ? -14.773 12.783  -9.523  1.00 40.62 ? 65  GLU B CG  1 
ATOM   1252 C CD  . GLU B 1 65 ? -15.481 14.112  -9.689  1.00 43.33 ? 65  GLU B CD  1 
ATOM   1253 O OE1 . GLU B 1 65 ? -16.712 14.103  -9.900  1.00 43.01 ? 65  GLU B OE1 1 
ATOM   1254 O OE2 . GLU B 1 65 ? -14.806 15.162  -9.597  1.00 47.74 ? 65  GLU B OE2 1 
ATOM   1255 N N   . ILE B 1 66 ? -12.120 10.402  -8.303  1.00 31.66 ? 66  ILE B N   1 
ATOM   1256 C CA  . ILE B 1 66 ? -10.708 10.472  -7.959  1.00 30.99 ? 66  ILE B CA  1 
ATOM   1257 C C   . ILE B 1 66 ? -9.993  11.388  -8.933  1.00 34.32 ? 66  ILE B C   1 
ATOM   1258 O O   . ILE B 1 66 ? -9.747  11.008  -10.078 1.00 35.22 ? 66  ILE B O   1 
ATOM   1259 C CB  . ILE B 1 66 ? -10.078 9.065   -8.026  1.00 30.87 ? 66  ILE B CB  1 
ATOM   1260 C CG1 . ILE B 1 66 ? -10.818 8.133   -7.053  1.00 27.24 ? 66  ILE B CG1 1 
ATOM   1261 C CG2 . ILE B 1 66 ? -8.587  9.135   -7.721  1.00 25.91 ? 66  ILE B CG2 1 
ATOM   1262 C CD1 . ILE B 1 66 ? -10.515 6.664   -7.249  1.00 25.41 ? 66  ILE B CD1 1 
ATOM   1263 N N   . CYS B 1 67 ? -9.654  12.591  -8.472  1.00 36.87 ? 67  CYS B N   1 
ATOM   1264 C CA  . CYS B 1 67 ? -8.981  13.568  -9.319  1.00 38.75 ? 67  CYS B CA  1 
ATOM   1265 C C   . CYS B 1 67 ? -9.713  13.696  -10.642 1.00 38.00 ? 67  CYS B C   1 
ATOM   1266 O O   . CYS B 1 67 ? -9.101  13.645  -11.706 1.00 38.58 ? 67  CYS B O   1 
ATOM   1267 C CB  . CYS B 1 67 ? -7.533  13.151  -9.583  1.00 44.13 ? 67  CYS B CB  1 
ATOM   1268 S SG  . CYS B 1 67 ? -6.357  13.636  -8.310  1.00 52.62 ? 67  CYS B SG  1 
ATOM   1269 N N   . GLY B 1 68 ? -11.031 13.835  -10.574 1.00 40.23 ? 68  GLY B N   1 
ATOM   1270 C CA  . GLY B 1 68 ? -11.812 13.982  -11.790 1.00 41.24 ? 68  GLY B CA  1 
ATOM   1271 C C   . GLY B 1 68 ? -12.337 12.721  -12.457 1.00 40.31 ? 68  GLY B C   1 
ATOM   1272 O O   . GLY B 1 68 ? -13.318 12.790  -13.197 1.00 41.83 ? 68  GLY B O   1 
ATOM   1273 N N   . HIS B 1 69 ? -11.704 11.574  -12.217 1.00 38.40 ? 69  HIS B N   1 
ATOM   1274 C CA  . HIS B 1 69 ? -12.160 10.332  -12.839 1.00 35.63 ? 69  HIS B CA  1 
ATOM   1275 C C   . HIS B 1 69 ? -13.191 9.639   -11.969 1.00 31.45 ? 69  HIS B C   1 
ATOM   1276 O O   . HIS B 1 69 ? -12.969 9.433   -10.780 1.00 30.75 ? 69  HIS B O   1 
ATOM   1277 C CB  . HIS B 1 69 ? -10.979 9.394   -13.092 1.00 39.46 ? 69  HIS B CB  1 
ATOM   1278 C CG  . HIS B 1 69 ? -9.901  10.004  -13.929 1.00 41.70 ? 69  HIS B CG  1 
ATOM   1279 N ND1 . HIS B 1 69 ? -9.189  11.114  -13.529 1.00 41.33 ? 69  HIS B ND1 1 
ATOM   1280 C CD2 . HIS B 1 69 ? -9.431  9.677   -15.157 1.00 41.69 ? 69  HIS B CD2 1 
ATOM   1281 C CE1 . HIS B 1 69 ? -8.330  11.446  -14.474 1.00 43.08 ? 69  HIS B CE1 1 
ATOM   1282 N NE2 . HIS B 1 69 ? -8.457  10.590  -15.473 1.00 41.58 ? 69  HIS B NE2 1 
ATOM   1283 N N   . LYS B 1 70 ? -14.318 9.279   -12.570 1.00 28.71 ? 70  LYS B N   1 
ATOM   1284 C CA  . LYS B 1 70 ? -15.395 8.635   -11.838 1.00 27.51 ? 70  LYS B CA  1 
ATOM   1285 C C   . LYS B 1 70 ? -15.257 7.117   -11.782 1.00 28.90 ? 70  LYS B C   1 
ATOM   1286 O O   . LYS B 1 70 ? -14.835 6.469   -12.739 1.00 31.05 ? 70  LYS B O   1 
ATOM   1287 C CB  . LYS B 1 70 ? -16.748 9.023   -12.444 1.00 23.49 ? 70  LYS B CB  1 
ATOM   1288 N N   . ALA B 1 71 ? -15.614 6.563   -10.633 1.00 27.69 ? 71  ALA B N   1 
ATOM   1289 C CA  . ALA B 1 71 ? -15.563 5.136   -10.413 1.00 24.41 ? 71  ALA B CA  1 
ATOM   1290 C C   . ALA B 1 71 ? -16.795 4.774   -9.588  1.00 25.99 ? 71  ALA B C   1 
ATOM   1291 O O   . ALA B 1 71 ? -17.378 5.632   -8.928  1.00 25.67 ? 71  ALA B O   1 
ATOM   1292 C CB  . ALA B 1 71 ? -14.295 4.784   -9.659  1.00 26.55 ? 71  ALA B CB  1 
ATOM   1293 N N   . ILE B 1 72 ? -17.214 3.516   -9.649  1.00 25.99 ? 72  ILE B N   1 
ATOM   1294 C CA  . ILE B 1 72 ? -18.359 3.064   -8.866  1.00 26.36 ? 72  ILE B CA  1 
ATOM   1295 C C   . ILE B 1 72 ? -18.037 1.672   -8.364  1.00 26.60 ? 72  ILE B C   1 
ATOM   1296 O O   . ILE B 1 72 ? -17.871 0.739   -9.154  1.00 29.68 ? 72  ILE B O   1 
ATOM   1297 C CB  . ILE B 1 72 ? -19.661 2.980   -9.693  1.00 26.56 ? 72  ILE B CB  1 
ATOM   1298 C CG1 . ILE B 1 72 ? -19.962 4.325   -10.349 1.00 25.54 ? 72  ILE B CG1 1 
ATOM   1299 C CG2 . ILE B 1 72 ? -20.817 2.590   -8.782  1.00 23.70 ? 72  ILE B CG2 1 
ATOM   1300 C CD1 . ILE B 1 72 ? -20.988 4.233   -11.467 1.00 24.84 ? 72  ILE B CD1 1 
ATOM   1301 N N   . GLY B 1 73 ? -17.940 1.531   -7.049  1.00 25.24 ? 73  GLY B N   1 
ATOM   1302 C CA  . GLY B 1 73 ? -17.630 0.233   -6.493  1.00 25.24 ? 73  GLY B CA  1 
ATOM   1303 C C   . GLY B 1 73 ? -17.679 0.164   -4.985  1.00 25.57 ? 73  GLY B C   1 
ATOM   1304 O O   . GLY B 1 73 ? -18.173 1.073   -4.317  1.00 28.14 ? 73  GLY B O   1 
ATOM   1305 N N   . THR B 1 74 ? -17.138 -0.928  -4.458  1.00 27.38 ? 74  THR B N   1 
ATOM   1306 C CA  . THR B 1 74 ? -17.107 -1.198  -3.030  1.00 27.38 ? 74  THR B CA  1 
ATOM   1307 C C   . THR B 1 74 ? -16.207 -0.271  -2.230  1.00 27.06 ? 74  THR B C   1 
ATOM   1308 O O   . THR B 1 74 ? -15.080 0.028   -2.627  1.00 27.84 ? 74  THR B O   1 
ATOM   1309 C CB  . THR B 1 74 ? -16.660 -2.646  -2.775  1.00 27.62 ? 74  THR B CB  1 
ATOM   1310 O OG1 . THR B 1 74 ? -17.530 -3.535  -3.485  1.00 31.54 ? 74  THR B OG1 1 
ATOM   1311 C CG2 . THR B 1 74 ? -16.709 -2.976  -1.292  1.00 28.22 ? 74  THR B CG2 1 
ATOM   1312 N N   . VAL B 1 75 ? -16.721 0.172   -1.092  1.00 25.46 ? 75  VAL B N   1 
ATOM   1313 C CA  . VAL B 1 75 ? -15.983 1.046   -0.202  1.00 25.20 ? 75  VAL B CA  1 
ATOM   1314 C C   . VAL B 1 75 ? -16.127 0.503   1.211   1.00 24.55 ? 75  VAL B C   1 
ATOM   1315 O O   . VAL B 1 75 ? -17.231 0.217   1.660   1.00 25.67 ? 75  VAL B O   1 
ATOM   1316 C CB  . VAL B 1 75 ? -16.541 2.487   -0.243  1.00 27.02 ? 75  VAL B CB  1 
ATOM   1317 C CG1 . VAL B 1 75 ? -15.857 3.354   0.811   1.00 23.95 ? 75  VAL B CG1 1 
ATOM   1318 C CG2 . VAL B 1 75 ? -16.331 3.078   -1.620  1.00 26.32 ? 75  VAL B CG2 1 
ATOM   1319 N N   . LEU B 1 76 ? -15.008 0.342   1.903   1.00 24.34 ? 76  LEU B N   1 
ATOM   1320 C CA  . LEU B 1 76 ? -15.036 -0.139  3.276   1.00 21.95 ? 76  LEU B CA  1 
ATOM   1321 C C   . LEU B 1 76 ? -14.783 1.064   4.177   1.00 24.12 ? 76  LEU B C   1 
ATOM   1322 O O   . LEU B 1 76 ? -13.958 1.922   3.859   1.00 24.00 ? 76  LEU B O   1 
ATOM   1323 C CB  . LEU B 1 76 ? -13.935 -1.170  3.501   1.00 18.19 ? 76  LEU B CB  1 
ATOM   1324 C CG  . LEU B 1 76 ? -13.752 -2.234  2.424   1.00 20.59 ? 76  LEU B CG  1 
ATOM   1325 C CD1 . LEU B 1 76 ? -12.607 -3.148  2.816   1.00 17.73 ? 76  LEU B CD1 1 
ATOM   1326 C CD2 . LEU B 1 76 ? -15.040 -3.026  2.242   1.00 21.82 ? 76  LEU B CD2 1 
ATOM   1327 N N   . VAL B 1 77 ? -15.497 1.131   5.294   1.00 23.37 ? 77  VAL B N   1 
ATOM   1328 C CA  . VAL B 1 77 ? -15.327 2.218   6.249   1.00 24.29 ? 77  VAL B CA  1 
ATOM   1329 C C   . VAL B 1 77 ? -14.962 1.617   7.607   1.00 23.87 ? 77  VAL B C   1 
ATOM   1330 O O   . VAL B 1 77 ? -15.540 0.620   8.029   1.00 23.99 ? 77  VAL B O   1 
ATOM   1331 C CB  . VAL B 1 77 ? -16.618 3.055   6.363   1.00 24.53 ? 77  VAL B CB  1 
ATOM   1332 C CG1 . VAL B 1 77 ? -16.516 4.032   7.516   1.00 27.76 ? 77  VAL B CG1 1 
ATOM   1333 C CG2 . VAL B 1 77 ? -16.841 3.813   5.063   1.00 25.33 ? 77  VAL B CG2 1 
ATOM   1334 N N   . GLY B 1 78 ? -13.989 2.212   8.283   1.00 25.28 ? 78  GLY B N   1 
ATOM   1335 C CA  . GLY B 1 78 ? -13.582 1.688   9.573   1.00 24.11 ? 78  GLY B CA  1 
ATOM   1336 C C   . GLY B 1 78 ? -12.351 2.369   10.131  1.00 25.53 ? 78  GLY B C   1 
ATOM   1337 O O   . GLY B 1 78 ? -11.826 3.304   9.527   1.00 24.26 ? 78  GLY B O   1 
ATOM   1338 N N   . PRO B 1 79 ? -11.851 1.900   11.286  1.00 27.28 ? 79  PRO B N   1 
ATOM   1339 C CA  . PRO B 1 79 ? -10.667 2.462   11.956  1.00 25.78 ? 79  PRO B CA  1 
ATOM   1340 C C   . PRO B 1 79 ? -9.341  2.335   11.206  1.00 25.98 ? 79  PRO B C   1 
ATOM   1341 O O   . PRO B 1 79 ? -8.373  1.801   11.742  1.00 26.36 ? 79  PRO B O   1 
ATOM   1342 C CB  . PRO B 1 79 ? -10.652 1.723   13.292  1.00 22.14 ? 79  PRO B CB  1 
ATOM   1343 C CG  . PRO B 1 79 ? -11.215 0.383   12.926  1.00 22.33 ? 79  PRO B CG  1 
ATOM   1344 C CD  . PRO B 1 79 ? -12.380 0.748   12.036  1.00 21.85 ? 79  PRO B CD  1 
ATOM   1345 N N   . THR B 1 80 ? -9.290  2.815   9.970   1.00 26.78 ? 80  THR B N   1 
ATOM   1346 C CA  . THR B 1 80 ? -8.046  2.741   9.214   1.00 26.28 ? 80  THR B CA  1 
ATOM   1347 C C   . THR B 1 80 ? -7.161  3.930   9.581   1.00 26.69 ? 80  THR B C   1 
ATOM   1348 O O   . THR B 1 80 ? -7.648  5.030   9.819   1.00 30.67 ? 80  THR B O   1 
ATOM   1349 C CB  . THR B 1 80 ? -8.295  2.756   7.694   1.00 24.79 ? 80  THR B CB  1 
ATOM   1350 O OG1 . THR B 1 80 ? -7.040  2.856   7.012   1.00 23.26 ? 80  THR B OG1 1 
ATOM   1351 C CG2 . THR B 1 80 ? -9.172  3.932   7.301   1.00 23.44 ? 80  THR B CG2 1 
ATOM   1352 N N   . PRO B 1 81 ? -5.841  3.724   9.642   1.00 27.91 ? 81  PRO B N   1 
ATOM   1353 C CA  . PRO B 1 81 ? -5.004  4.873   9.995   1.00 26.36 ? 81  PRO B CA  1 
ATOM   1354 C C   . PRO B 1 81 ? -5.039  5.956   8.937   1.00 25.85 ? 81  PRO B C   1 
ATOM   1355 O O   . PRO B 1 81 ? -4.634  7.090   9.191   1.00 30.22 ? 81  PRO B O   1 
ATOM   1356 C CB  . PRO B 1 81 ? -3.616  4.258   10.155  1.00 24.87 ? 81  PRO B CB  1 
ATOM   1357 C CG  . PRO B 1 81 ? -3.655  3.086   9.219   1.00 27.35 ? 81  PRO B CG  1 
ATOM   1358 C CD  . PRO B 1 81 ? -5.029  2.512   9.424   1.00 25.04 ? 81  PRO B CD  1 
ATOM   1359 N N   . ALA B 1 82 ? -5.530  5.611   7.750   1.00 25.52 ? 82  ALA B N   1 
ATOM   1360 C CA  . ALA B 1 82 ? -5.591  6.570   6.651   1.00 23.65 ? 82  ALA B CA  1 
ATOM   1361 C C   . ALA B 1 82 ? -6.547  6.149   5.550   1.00 23.43 ? 82  ALA B C   1 
ATOM   1362 O O   . ALA B 1 82 ? -6.836  4.961   5.382   1.00 26.27 ? 82  ALA B O   1 
ATOM   1363 C CB  . ALA B 1 82 ? -4.193  6.770   6.061   1.00 20.82 ? 82  ALA B CB  1 
ATOM   1364 N N   . ASN B 1 83 ? -7.037  7.137   4.806   1.00 23.40 ? 83  ASN B N   1 
ATOM   1365 C CA  . ASN B 1 83 ? -7.934  6.894   3.683   1.00 22.84 ? 83  ASN B CA  1 
ATOM   1366 C C   . ASN B 1 83 ? -7.094  6.347   2.534   1.00 23.92 ? 83  ASN B C   1 
ATOM   1367 O O   . ASN B 1 83 ? -6.078  6.934   2.150   1.00 22.63 ? 83  ASN B O   1 
ATOM   1368 C CB  . ASN B 1 83 ? -8.612  8.190   3.232   1.00 22.37 ? 83  ASN B CB  1 
ATOM   1369 C CG  . ASN B 1 83 ? -9.582  8.731   4.256   1.00 23.43 ? 83  ASN B CG  1 
ATOM   1370 O OD1 . ASN B 1 83 ? -10.358 7.978   4.850   1.00 26.18 ? 83  ASN B OD1 1 
ATOM   1371 N ND2 . ASN B 1 83 ? -9.560  10.047  4.460   1.00 23.43 ? 83  ASN B ND2 1 
ATOM   1372 N N   . ILE B 1 84 ? -7.510  5.219   1.982   1.00 21.52 ? 84  ILE B N   1 
ATOM   1373 C CA  . ILE B 1 84 ? -6.753  4.642   0.897   1.00 21.50 ? 84  ILE B CA  1 
ATOM   1374 C C   . ILE B 1 84 ? -7.639  4.138   -0.225  1.00 21.04 ? 84  ILE B C   1 
ATOM   1375 O O   . ILE B 1 84 ? -8.666  3.509   0.007   1.00 21.89 ? 84  ILE B O   1 
ATOM   1376 C CB  . ILE B 1 84 ? -5.875  3.475   1.403   1.00 23.46 ? 84  ILE B CB  1 
ATOM   1377 C CG1 . ILE B 1 84 ? -6.765  2.377   1.978   1.00 23.56 ? 84  ILE B CG1 1 
ATOM   1378 C CG2 . ILE B 1 84 ? -4.888  3.979   2.450   1.00 22.95 ? 84  ILE B CG2 1 
ATOM   1379 C CD1 . ILE B 1 84 ? -6.057  1.426   2.918   1.00 30.65 ? 84  ILE B CD1 1 
ATOM   1380 N N   . ILE B 1 85 ? -7.240  4.446   -1.447  1.00 19.82 ? 85  ILE B N   1 
ATOM   1381 C CA  . ILE B 1 85 ? -7.965  3.973   -2.605  1.00 20.38 ? 85  ILE B CA  1 
ATOM   1382 C C   . ILE B 1 85 ? -7.189  2.710   -3.014  1.00 21.65 ? 85  ILE B C   1 
ATOM   1383 O O   . ILE B 1 85 ? -5.995  2.775   -3.323  1.00 21.15 ? 85  ILE B O   1 
ATOM   1384 C CB  . ILE B 1 85 ? -7.948  5.024   -3.742  1.00 19.42 ? 85  ILE B CB  1 
ATOM   1385 C CG1 . ILE B 1 85 ? -8.428  6.383   -3.213  1.00 17.24 ? 85  ILE B CG1 1 
ATOM   1386 C CG2 . ILE B 1 85 ? -8.842  4.569   -4.892  1.00 21.90 ? 85  ILE B CG2 1 
ATOM   1387 C CD1 . ILE B 1 85 ? -9.820  6.359   -2.608  1.00 15.78 ? 85  ILE B CD1 1 
ATOM   1388 N N   . GLY B 1 86 ? -7.863  1.565   -2.981  1.00 20.16 ? 86  GLY B N   1 
ATOM   1389 C CA  . GLY B 1 86 ? -7.216  0.315   -3.334  1.00 17.34 ? 86  GLY B CA  1 
ATOM   1390 C C   . GLY B 1 86 ? -7.324  -0.036  -4.799  1.00 17.27 ? 86  GLY B C   1 
ATOM   1391 O O   . GLY B 1 86 ? -7.845  0.747   -5.587  1.00 18.33 ? 86  GLY B O   1 
ATOM   1392 N N   . ARG B 1 87 ? -6.842  -1.225  -5.154  1.00 17.77 ? 87  ARG B N   1 
ATOM   1393 C CA  . ARG B 1 87 ? -6.845  -1.695  -6.536  1.00 17.94 ? 87  ARG B CA  1 
ATOM   1394 C C   . ARG B 1 87 ? -8.223  -1.871  -7.151  1.00 19.63 ? 87  ARG B C   1 
ATOM   1395 O O   . ARG B 1 87 ? -8.355  -1.865  -8.373  1.00 23.28 ? 87  ARG B O   1 
ATOM   1396 C CB  . ARG B 1 87 ? -6.067  -3.011  -6.657  1.00 16.28 ? 87  ARG B CB  1 
ATOM   1397 C CG  . ARG B 1 87 ? -4.574  -2.878  -6.376  1.00 17.81 ? 87  ARG B CG  1 
ATOM   1398 C CD  . ARG B 1 87 ? -3.824  -4.172  -6.673  1.00 17.60 ? 87  ARG B CD  1 
ATOM   1399 N NE  . ARG B 1 87 ? -4.370  -5.292  -5.912  1.00 21.96 ? 87  ARG B NE  1 
ATOM   1400 C CZ  . ARG B 1 87 ? -5.214  -6.200  -6.398  1.00 23.86 ? 87  ARG B CZ  1 
ATOM   1401 N NH1 . ARG B 1 87 ? -5.614  -6.138  -7.665  1.00 22.30 ? 87  ARG B NH1 1 
ATOM   1402 N NH2 . ARG B 1 87 ? -5.676  -7.158  -5.604  1.00 19.58 ? 87  ARG B NH2 1 
ATOM   1403 N N   . ASN B 1 88 ? -9.253  -2.015  -6.325  1.00 20.22 ? 88  ASN B N   1 
ATOM   1404 C CA  . ASN B 1 88 ? -10.594 -2.185  -6.861  1.00 18.31 ? 88  ASN B CA  1 
ATOM   1405 C C   . ASN B 1 88 ? -11.057 -0.943  -7.629  1.00 21.43 ? 88  ASN B C   1 
ATOM   1406 O O   . ASN B 1 88 ? -11.796 -1.054  -8.611  1.00 22.49 ? 88  ASN B O   1 
ATOM   1407 C CB  . ASN B 1 88 ? -11.590 -2.548  -5.743  1.00 18.90 ? 88  ASN B CB  1 
ATOM   1408 C CG  . ASN B 1 88 ? -11.925 -1.383  -4.814  1.00 19.46 ? 88  ASN B CG  1 
ATOM   1409 O OD1 . ASN B 1 88 ? -11.055 -0.811  -4.156  1.00 19.89 ? 88  ASN B OD1 1 
ATOM   1410 N ND2 . ASN B 1 88 ? -13.208 -1.047  -4.743  1.00 18.49 ? 88  ASN B ND2 1 
ATOM   1411 N N   . LEU B 1 89 ? -10.600 0.233   -7.209  1.00 20.44 ? 89  LEU B N   1 
ATOM   1412 C CA  . LEU B 1 89 ? -10.996 1.472   -7.873  1.00 19.03 ? 89  LEU B CA  1 
ATOM   1413 C C   . LEU B 1 89 ? -9.896  2.027   -8.762  1.00 21.09 ? 89  LEU B C   1 
ATOM   1414 O O   . LEU B 1 89 ? -10.165 2.774   -9.702  1.00 21.86 ? 89  LEU B O   1 
ATOM   1415 C CB  . LEU B 1 89 ? -11.401 2.522   -6.843  1.00 16.54 ? 89  LEU B CB  1 
ATOM   1416 C CG  . LEU B 1 89 ? -12.587 2.139   -5.950  1.00 22.32 ? 89  LEU B CG  1 
ATOM   1417 C CD1 . LEU B 1 89 ? -12.965 3.331   -5.064  1.00 19.28 ? 89  LEU B CD1 1 
ATOM   1418 C CD2 . LEU B 1 89 ? -13.780 1.692   -6.822  1.00 19.17 ? 89  LEU B CD2 1 
ATOM   1419 N N   . LEU B 1 90 ? -8.653  1.660   -8.472  1.00 23.08 ? 90  LEU B N   1 
ATOM   1420 C CA  . LEU B 1 90 ? -7.542  2.137   -9.276  1.00 21.47 ? 90  LEU B CA  1 
ATOM   1421 C C   . LEU B 1 90 ? -7.643  1.561   -10.675 1.00 22.57 ? 90  LEU B C   1 
ATOM   1422 O O   . LEU B 1 90 ? -7.352  2.249   -11.644 1.00 24.92 ? 90  LEU B O   1 
ATOM   1423 C CB  . LEU B 1 90 ? -6.216  1.742   -8.643  1.00 19.83 ? 90  LEU B CB  1 
ATOM   1424 C CG  . LEU B 1 90 ? -5.945  2.391   -7.289  1.00 22.51 ? 90  LEU B CG  1 
ATOM   1425 C CD1 . LEU B 1 90 ? -4.653  1.826   -6.693  1.00 18.86 ? 90  LEU B CD1 1 
ATOM   1426 C CD2 . LEU B 1 90 ? -5.852  3.904   -7.470  1.00 21.63 ? 90  LEU B CD2 1 
ATOM   1427 N N   . THR B 1 91 ? -8.063  0.303   -10.781 1.00 22.88 ? 91  THR B N   1 
ATOM   1428 C CA  . THR B 1 91 ? -8.208  -0.327  -12.088 1.00 23.04 ? 91  THR B CA  1 
ATOM   1429 C C   . THR B 1 91 ? -9.296  0.364   -12.890 1.00 22.94 ? 91  THR B C   1 
ATOM   1430 O O   . THR B 1 91 ? -9.225  0.434   -14.105 1.00 25.95 ? 91  THR B O   1 
ATOM   1431 C CB  . THR B 1 91 ? -8.600  -1.810  -11.980 1.00 23.58 ? 91  THR B CB  1 
ATOM   1432 O OG1 . THR B 1 91 ? -9.765  -1.941  -11.159 1.00 25.55 ? 91  THR B OG1 1 
ATOM   1433 C CG2 . THR B 1 91 ? -7.475  -2.619  -11.398 1.00 22.37 ? 91  THR B CG2 1 
ATOM   1434 N N   . GLN B 1 92 ? -10.312 0.871   -12.204 1.00 25.64 ? 92  GLN B N   1 
ATOM   1435 C CA  . GLN B 1 92 ? -11.414 1.536   -12.876 1.00 25.36 ? 92  GLN B CA  1 
ATOM   1436 C C   . GLN B 1 92 ? -11.029 2.852   -13.550 1.00 27.72 ? 92  GLN B C   1 
ATOM   1437 O O   . GLN B 1 92 ? -11.629 3.238   -14.557 1.00 27.93 ? 92  GLN B O   1 
ATOM   1438 C CB  . GLN B 1 92 ? -12.560 1.772   -11.896 1.00 24.78 ? 92  GLN B CB  1 
ATOM   1439 C CG  . GLN B 1 92 ? -13.426 0.557   -11.669 1.00 24.63 ? 92  GLN B CG  1 
ATOM   1440 C CD  . GLN B 1 92 ? -14.738 0.919   -11.024 1.00 26.77 ? 92  GLN B CD  1 
ATOM   1441 O OE1 . GLN B 1 92 ? -15.306 1.970   -11.313 1.00 29.81 ? 92  GLN B OE1 1 
ATOM   1442 N NE2 . GLN B 1 92 ? -15.238 0.050   -10.160 1.00 28.01 ? 92  GLN B NE2 1 
ATOM   1443 N N   . ILE B 1 93 ? -10.039 3.546   -13.001 1.00 25.93 ? 93  ILE B N   1 
ATOM   1444 C CA  . ILE B 1 93 ? -9.608  4.798   -13.608 1.00 27.04 ? 93  ILE B CA  1 
ATOM   1445 C C   . ILE B 1 93 ? -8.353  4.560   -14.441 1.00 26.64 ? 93  ILE B C   1 
ATOM   1446 O O   . ILE B 1 93 ? -7.613  5.490   -14.759 1.00 31.51 ? 93  ILE B O   1 
ATOM   1447 C CB  . ILE B 1 93 ? -9.334  5.892   -12.545 1.00 25.69 ? 93  ILE B CB  1 
ATOM   1448 C CG1 . ILE B 1 93 ? -8.111  5.530   -11.703 1.00 24.65 ? 93  ILE B CG1 1 
ATOM   1449 C CG2 . ILE B 1 93 ? -10.556 6.052   -11.643 1.00 26.54 ? 93  ILE B CG2 1 
ATOM   1450 C CD1 . ILE B 1 93 ? -7.713  6.633   -10.751 1.00 21.92 ? 93  ILE B CD1 1 
ATOM   1451 N N   . GLY B 1 94 ? -8.128  3.298   -14.784 1.00 26.38 ? 94  GLY B N   1 
ATOM   1452 C CA  . GLY B 1 94 ? -6.984  2.922   -15.585 1.00 26.99 ? 94  GLY B CA  1 
ATOM   1453 C C   . GLY B 1 94 ? -5.634  3.333   -15.034 1.00 28.94 ? 94  GLY B C   1 
ATOM   1454 O O   . GLY B 1 94 ? -4.808  3.905   -15.748 1.00 29.37 ? 94  GLY B O   1 
ATOM   1455 N N   . CYS B 1 95 ? -5.392  3.032   -13.767 1.00 27.25 ? 95  CYS B N   1 
ATOM   1456 C CA  . CYS B 1 95 ? -4.122  3.390   -13.161 1.00 28.47 ? 95  CYS B CA  1 
ATOM   1457 C C   . CYS B 1 95 ? -3.130  2.236   -13.298 1.00 27.35 ? 95  CYS B C   1 
ATOM   1458 O O   . CYS B 1 95 ? -3.499  1.072   -13.169 1.00 26.10 ? 95  CYS B O   1 
ATOM   1459 C CB  . CYS B 1 95 ? -4.332  3.741   -11.690 1.00 27.79 ? 95  CYS B CB  1 
ATOM   1460 S SG  . CYS B 1 95 ? -2.889  4.442   -10.930 1.00 35.75 ? 95  CYS B SG  1 
ATOM   1461 N N   . THR B 1 96 ? -1.870  2.566   -13.565 1.00 26.40 ? 96  THR B N   1 
ATOM   1462 C CA  . THR B 1 96 ? -0.835  1.552   -13.717 1.00 27.10 ? 96  THR B CA  1 
ATOM   1463 C C   . THR B 1 96 ? 0.475   1.972   -13.061 1.00 26.56 ? 96  THR B C   1 
ATOM   1464 O O   . THR B 1 96 ? 0.664   3.129   -12.709 1.00 27.04 ? 96  THR B O   1 
ATOM   1465 C CB  . THR B 1 96 ? -0.546  1.243   -15.221 1.00 28.11 ? 96  THR B CB  1 
ATOM   1466 O OG1 . THR B 1 96 ? -0.172  2.446   -15.910 1.00 27.66 ? 96  THR B OG1 1 
ATOM   1467 C CG2 . THR B 1 96 ? -1.768  0.644   -15.887 1.00 28.73 ? 96  THR B CG2 1 
ATOM   1468 N N   . LEU B 1 97 ? 1.371   1.014   -12.879 1.00 27.02 ? 97  LEU B N   1 
ATOM   1469 C CA  . LEU B 1 97 ? 2.670   1.303   -12.314 1.00 30.04 ? 97  LEU B CA  1 
ATOM   1470 C C   . LEU B 1 97 ? 3.630   1.249   -13.491 1.00 31.92 ? 97  LEU B C   1 
ATOM   1471 O O   . LEU B 1 97 ? 3.476   0.425   -14.388 1.00 30.92 ? 97  LEU B O   1 
ATOM   1472 C CB  . LEU B 1 97 ? 3.050   0.263   -11.254 1.00 31.65 ? 97  LEU B CB  1 
ATOM   1473 C CG  . LEU B 1 97 ? 2.456   0.531   -9.861  1.00 34.58 ? 97  LEU B CG  1 
ATOM   1474 C CD1 . LEU B 1 97 ? 2.798   -0.605  -8.914  1.00 34.06 ? 97  LEU B CD1 1 
ATOM   1475 C CD2 . LEU B 1 97 ? 3.000   1.851   -9.320  1.00 31.02 ? 97  LEU B CD2 1 
ATOM   1476 N N   . ASN B 1 98 ? 4.608   2.142   -13.502 1.00 34.54 ? 98  ASN B N   1 
ATOM   1477 C CA  . ASN B 1 98 ? 5.562   2.173   -14.598 1.00 37.40 ? 98  ASN B CA  1 
ATOM   1478 C C   . ASN B 1 98 ? 6.966   2.532   -14.147 1.00 37.25 ? 98  ASN B C   1 
ATOM   1479 O O   . ASN B 1 98 ? 7.151   3.374   -13.275 1.00 37.58 ? 98  ASN B O   1 
ATOM   1480 C CB  . ASN B 1 98 ? 5.094   3.177   -15.653 1.00 38.90 ? 98  ASN B CB  1 
ATOM   1481 C CG  . ASN B 1 98 ? 3.752   2.811   -16.242 1.00 40.70 ? 98  ASN B CG  1 
ATOM   1482 O OD1 . ASN B 1 98 ? 3.607   1.761   -16.863 1.00 43.70 ? 98  ASN B OD1 1 
ATOM   1483 N ND2 . ASN B 1 98 ? 2.760   3.669   -16.045 1.00 41.19 ? 98  ASN B ND2 1 
ATOM   1484 N N   . PHE B 1 99 ? 7.951   1.879   -14.750 1.00 40.37 ? 99  PHE B N   1 
ATOM   1485 C CA  . PHE B 1 99 ? 9.353   2.135   -14.454 1.00 43.66 ? 99  PHE B CA  1 
ATOM   1486 C C   . PHE B 1 99 ? 10.244  1.378   -15.442 1.00 46.05 ? 99  PHE B C   1 
ATOM   1487 O O   . PHE B 1 99 ? 9.769   0.389   -16.048 1.00 44.59 ? 99  PHE B O   1 
ATOM   1488 C CB  . PHE B 1 99 ? 9.696   1.705   -13.018 1.00 42.14 ? 99  PHE B CB  1 
ATOM   1489 C CG  . PHE B 1 99 ? 9.548   0.230   -12.773 1.00 39.81 ? 99  PHE B CG  1 
ATOM   1490 C CD1 . PHE B 1 99 ? 8.291   -0.335  -12.585 1.00 41.16 ? 99  PHE B CD1 1 
ATOM   1491 C CD2 . PHE B 1 99 ? 10.662  -0.596  -12.751 1.00 39.18 ? 99  PHE B CD2 1 
ATOM   1492 C CE1 . PHE B 1 99 ? 8.145   -1.703  -12.383 1.00 37.98 ? 99  PHE B CE1 1 
ATOM   1493 C CE2 . PHE B 1 99 ? 10.527  -1.962  -12.549 1.00 39.41 ? 99  PHE B CE2 1 
ATOM   1494 C CZ  . PHE B 1 99 ? 9.265   -2.516  -12.364 1.00 40.06 ? 99  PHE B CZ  1 
ATOM   1495 O OXT . PHE B 1 99 ? 11.422  1.776   -15.583 1.00 49.03 ? 99  PHE B OXT 1 
ATOM   1496 N N   . ALA C 2 2  ? 6.516   5.763   10.498  1.00 46.22 ? 2   ALA P N   1 
ATOM   1497 C CA  . ALA C 2 2  ? 6.229   5.459   9.066   1.00 43.25 ? 2   ALA P CA  1 
ATOM   1498 C C   . ALA C 2 2  ? 5.009   4.549   8.943   1.00 43.18 ? 2   ALA P C   1 
ATOM   1499 O O   . ALA C 2 2  ? 4.641   3.853   9.897   1.00 42.93 ? 2   ALA P O   1 
ATOM   1500 C CB  . ALA C 2 2  ? 7.434   4.801   8.429   1.00 41.85 ? 2   ALA P CB  1 
ATOM   1501 N N   . ARG C 2 3  ? 4.386   4.557   7.768   1.00 39.90 ? 3   ARG P N   1 
ATOM   1502 C CA  . ARG C 2 3  ? 3.203   3.736   7.531   1.00 37.81 ? 3   ARG P CA  1 
ATOM   1503 C C   . ARG C 2 3  ? 3.360   2.820   6.338   1.00 33.09 ? 3   ARG P C   1 
ATOM   1504 O O   . ARG C 2 3  ? 3.814   3.233   5.278   1.00 30.92 ? 3   ARG P O   1 
ATOM   1505 C CB  . ARG C 2 3  ? 1.971   4.613   7.300   1.00 39.64 ? 3   ARG P CB  1 
ATOM   1506 C CG  . ARG C 2 3  ? 1.548   5.421   8.491   1.00 41.27 ? 3   ARG P CG  1 
ATOM   1507 C CD  . ARG C 2 3  ? 0.868   4.584   9.554   1.00 42.41 ? 3   ARG P CD  1 
ATOM   1508 N NE  . ARG C 2 3  ? 0.642   5.417   10.728  1.00 43.23 ? 3   ARG P NE  1 
ATOM   1509 C CZ  . ARG C 2 3  ? 1.561   5.666   11.652  1.00 43.70 ? 3   ARG P CZ  1 
ATOM   1510 N NH1 . ARG C 2 3  ? 2.771   5.124   11.548  1.00 41.55 ? 3   ARG P NH1 1 
ATOM   1511 N NH2 . ARG C 2 3  ? 1.286   6.494   12.652  1.00 41.42 ? 3   ARG P NH2 1 
ATOM   1512 N N   . VAL C 2 4  ? 2.971   1.571   6.537   1.00 30.33 ? 4   VAL P N   1 
ATOM   1513 C CA  . VAL C 2 4  ? 3.005   0.555   5.500   1.00 28.42 ? 4   VAL P CA  1 
ATOM   1514 C C   . VAL C 2 4  ? 1.556   0.082   5.473   1.00 30.01 ? 4   VAL P C   1 
ATOM   1515 O O   . VAL C 2 4  ? 1.151   -0.804  6.235   1.00 30.04 ? 4   VAL P O   1 
ATOM   1516 C CB  . VAL C 2 4  ? 3.954   -0.604  5.875   1.00 24.93 ? 4   VAL P CB  1 
ATOM   1517 C CG1 . VAL C 2 4  ? 3.903   -1.677  4.812   1.00 26.10 ? 4   VAL P CG1 1 
ATOM   1518 C CG2 . VAL C 2 4  ? 5.380   -0.076  6.030   1.00 21.59 ? 4   VAL P CG2 1 
ATOM   1519 N N   . LEU C 2 5  ? 0.768   0.704   4.608   1.00 28.31 ? 5   LEU P N   1 
ATOM   1520 C CA  . LEU C 2 5  ? -0.645  0.387   4.514   1.00 27.47 ? 5   LEU P CA  1 
ATOM   1521 C C   . LEU C 2 5  ? -1.001  -0.737  3.552   1.00 26.33 ? 5   LEU P C   1 
ATOM   1522 O O   . LEU C 2 5  ? -1.849  -0.591  2.680   1.00 27.02 ? 5   LEU P O   1 
ATOM   1523 C CB  . LEU C 2 5  ? -1.425  1.671   4.199   1.00 26.62 ? 5   LEU P CB  1 
ATOM   1524 C CG  . LEU C 2 5  ? -1.131  2.725   5.285   1.00 28.99 ? 5   LEU P CG  1 
ATOM   1525 C CD1 . LEU C 2 5  ? -1.711  4.066   4.933   1.00 27.92 ? 5   LEU P CD1 1 
ATOM   1526 C CD2 . LEU C 2 5  ? -1.686  2.235   6.612   1.00 29.46 ? 5   LEU P CD2 1 
ATOM   1527 N N   . ALA C 2 6  ? -0.333  -1.868  3.717   1.00 25.95 ? 6   ALA P N   1 
ATOM   1528 C CA  . ALA C 2 6  ? -0.634  -3.032  2.911   1.00 27.31 ? 6   ALA P CA  1 
ATOM   1529 C C   . ALA C 2 6  ? -2.021  -3.441  3.412   1.00 27.65 ? 6   ALA P C   1 
ATOM   1530 O O   . ALA C 2 6  ? -2.336  -3.260  4.590   1.00 27.95 ? 6   ALA P O   1 
ATOM   1531 C CB  . ALA C 2 6  ? 0.381   -4.136  3.188   1.00 28.25 ? 6   ALA P CB  1 
ATOM   1532 N N   . GLU C 2 7  ? -2.856  -3.981  2.534   1.00 27.98 ? 7   GLU P N   1 
ATOM   1533 C CA  . GLU C 2 7  ? -4.195  -4.371  2.948   1.00 27.46 ? 7   GLU P CA  1 
ATOM   1534 C C   . GLU C 2 7  ? -4.773  -5.465  2.067   1.00 27.45 ? 7   GLU P C   1 
ATOM   1535 O O   . GLU C 2 7  ? -4.551  -5.484  0.862   1.00 29.95 ? 7   GLU P O   1 
ATOM   1536 C CB  . GLU C 2 7  ? -5.110  -3.138  2.935   1.00 27.65 ? 7   GLU P CB  1 
ATOM   1537 C CG  . GLU C 2 7  ? -6.560  -3.418  3.317   1.00 29.77 ? 7   GLU P CG  1 
ATOM   1538 C CD  . GLU C 2 7  ? -7.379  -3.976  2.170   1.00 28.90 ? 7   GLU P CD  1 
ATOM   1539 O OE1 . GLU C 2 7  ? -8.481  -4.503  2.427   1.00 30.30 ? 7   GLU P OE1 1 
ATOM   1540 O OE2 . GLU C 2 7  ? -6.930  -3.881  1.010   1.00 31.41 ? 7   GLU P OE2 1 
ATOM   1541 N N   . ALA C 2 8  ? -5.509  -6.383  2.680   1.00 29.82 ? 8   ALA P N   1 
ATOM   1542 C CA  . ALA C 2 8  ? -6.146  -7.478  1.956   1.00 31.21 ? 8   ALA P CA  1 
ATOM   1543 C C   . ALA C 2 8  ? -7.376  -7.870  2.752   1.00 34.37 ? 8   ALA P C   1 
ATOM   1544 O O   . ALA C 2 8  ? -7.415  -7.670  3.965   1.00 32.45 ? 8   ALA P O   1 
ATOM   1545 C CB  . ALA C 2 8  ? -5.200  -8.654  1.834   1.00 31.58 ? 8   ALA P CB  1 
ATOM   1546 N N   . MET C 2 9  ? -8.387  -8.416  2.083   1.00 38.99 ? 9   MET P N   1 
ATOM   1547 C CA  . MET C 2 9  ? -9.604  -8.805  2.786   1.00 44.48 ? 9   MET P CA  1 
ATOM   1548 C C   . MET C 2 9  ? -9.517  -10.238 3.280   1.00 45.26 ? 9   MET P C   1 
ATOM   1549 O O   . MET C 2 9  ? -8.491  -10.887 2.990   1.00 48.80 ? 9   MET P O   1 
ATOM   1550 C CB  . MET C 2 9  ? -10.826 -8.630  1.879   1.00 46.44 ? 9   MET P CB  1 
ATOM   1551 C CG  . MET C 2 9  ? -12.145 -8.848  2.590   1.00 49.82 ? 9   MET P CG  1 
ATOM   1552 S SD  . MET C 2 9  ? -13.448 -7.784  1.953   1.00 58.42 ? 9   MET P SD  1 
ATOM   1553 C CE  . MET C 2 9  ? -14.333 -8.934  0.848   1.00 59.06 ? 9   MET P CE  1 
HETATM 1554 C C   . ACT D 3 .  ? -13.322 10.122  -16.780 1.00 67.22 ? 501 ACT B C   1 
HETATM 1555 O O   . ACT D 3 .  ? -13.817 9.566   -18.009 1.00 67.76 ? 501 ACT B O   1 
HETATM 1556 O OXT . ACT D 3 .  ? -14.018 9.834   -15.674 1.00 64.61 ? 501 ACT B OXT 1 
HETATM 1557 C CH3 . ACT D 3 .  ? -12.068 10.998  -16.741 1.00 65.62 ? 501 ACT B CH3 1 
HETATM 1558 C C   . ACT E 3 .  ? -22.491 12.425  -6.621  1.00 56.11 ? 503 ACT B C   1 
HETATM 1559 O O   . ACT E 3 .  ? -21.989 11.550  -7.640  1.00 56.28 ? 503 ACT B O   1 
HETATM 1560 O OXT . ACT E 3 .  ? -22.706 13.692  -6.978  1.00 56.82 ? 503 ACT B OXT 1 
HETATM 1561 C CH3 . ACT E 3 .  ? -22.756 11.937  -5.212  1.00 52.92 ? 503 ACT B CH3 1 
HETATM 1562 C C   . ACT F 3 .  ? 5.795   6.629   13.415  1.00 56.56 ? 508 ACT P C   1 
HETATM 1563 O O   . ACT F 3 .  ? 6.570   5.780   14.271  1.00 58.32 ? 508 ACT P O   1 
HETATM 1564 O OXT . ACT F 3 .  ? 4.494   6.360   13.348  1.00 56.61 ? 508 ACT P OXT 1 
HETATM 1565 C CH3 . ACT F 3 .  ? 6.421   7.785   12.623  1.00 54.74 ? 508 ACT P CH3 1 
HETATM 1566 O O   . HOH G 4 .  ? 3.285   6.003   0.906   1.00 19.66 ? 100 HOH A O   1 
HETATM 1567 O O   . HOH G 4 .  ? 12.620  1.072   4.404   1.00 23.31 ? 101 HOH A O   1 
HETATM 1568 O O   . HOH G 4 .  ? 27.098  -9.466  10.739  1.00 40.37 ? 102 HOH A O   1 
HETATM 1569 O O   . HOH G 4 .  ? 14.343  -15.421 4.160   1.00 49.88 ? 103 HOH A O   1 
HETATM 1570 O O   . HOH G 4 .  ? 16.253  2.280   -12.562 1.00 36.19 ? 104 HOH A O   1 
HETATM 1571 O O   . HOH G 4 .  ? -2.803  -14.032 1.492   1.00 65.36 ? 105 HOH A O   1 
HETATM 1572 O O   . HOH G 4 .  ? -0.063  -1.746  17.848  1.00 39.53 ? 106 HOH A O   1 
HETATM 1573 O O   . HOH G 4 .  ? -6.438  0.329   12.475  1.00 32.13 ? 107 HOH A O   1 
HETATM 1574 O O   . HOH G 4 .  ? 12.713  -3.549  -17.407 1.00 43.74 ? 108 HOH A O   1 
HETATM 1575 O O   . HOH G 4 .  ? 2.619   -8.605  -11.291 1.00 33.12 ? 109 HOH A O   1 
HETATM 1576 O O   . HOH G 4 .  ? -2.743  -7.154  -13.549 1.00 27.93 ? 110 HOH A O   1 
HETATM 1577 O O   . HOH G 4 .  ? 8.190   10.873  2.068   1.00 62.05 ? 111 HOH A O   1 
HETATM 1578 O O   . HOH G 4 .  ? 2.168   -0.139  -23.821 1.00 47.45 ? 112 HOH A O   1 
HETATM 1579 O O   . HOH G 4 .  ? 2.161   2.421   -25.349 1.00 43.28 ? 113 HOH A O   1 
HETATM 1580 O O   . HOH G 4 .  ? 13.484  -6.640  22.924  1.00 60.65 ? 114 HOH A O   1 
HETATM 1581 O O   . HOH G 4 .  ? -4.134  -11.017 -6.936  1.00 37.78 ? 115 HOH A O   1 
HETATM 1582 O O   . HOH G 4 .  ? 7.955   -15.110 6.839   1.00 50.75 ? 116 HOH A O   1 
HETATM 1583 O O   . HOH G 4 .  ? 17.748  -15.804 6.533   1.00 37.84 ? 117 HOH A O   1 
HETATM 1584 O O   . HOH G 4 .  ? 20.220  3.073   3.776   1.00 40.38 ? 118 HOH A O   1 
HETATM 1585 O O   . HOH G 4 .  ? 16.170  3.815   1.903   1.00 32.79 ? 119 HOH A O   1 
HETATM 1586 O O   . HOH G 4 .  ? 23.763  -3.125  6.515   1.00 56.72 ? 120 HOH A O   1 
HETATM 1587 O O   . HOH G 4 .  ? 1.865   2.419   -28.768 1.00 52.85 ? 121 HOH A O   1 
HETATM 1588 O O   . HOH G 4 .  ? -3.265  -5.625  16.738  1.00 58.31 ? 122 HOH A O   1 
HETATM 1589 O O   . HOH G 4 .  ? -2.116  4.374   -17.234 1.00 38.42 ? 123 HOH A O   1 
HETATM 1590 O O   . HOH G 4 .  ? 8.466   8.189   -8.488  1.00 41.34 ? 124 HOH A O   1 
HETATM 1591 O O   . HOH H 4 .  ? 2.500   9.372   9.524   1.00 43.22 ? 504 HOH B O   1 
HETATM 1592 O O   . HOH H 4 .  ? -14.018 -10.860 5.980   1.00 49.27 ? 505 HOH B O   1 
HETATM 1593 O O   . HOH H 4 .  ? -2.512  -5.243  -3.862  1.00 22.87 ? 506 HOH B O   1 
HETATM 1594 O O   . HOH H 4 .  ? -13.177 -1.798  -1.182  1.00 18.38 ? 507 HOH B O   1 
HETATM 1595 O O   . HOH H 4 .  ? -4.311  -1.064  -13.795 1.00 33.56 ? 508 HOH B O   1 
HETATM 1596 O O   . HOH H 4 .  ? -8.966  6.855   11.637  1.00 29.36 ? 509 HOH B O   1 
HETATM 1597 O O   . HOH H 4 .  ? -12.018 5.200   14.973  1.00 35.96 ? 510 HOH B O   1 
HETATM 1598 O O   . HOH H 4 .  ? -19.952 -2.492  -4.879  1.00 35.44 ? 511 HOH B O   1 
HETATM 1599 O O   . HOH H 4 .  ? -9.545  13.364  3.951   1.00 34.09 ? 512 HOH B O   1 
HETATM 1600 O O   . HOH H 4 .  ? -8.582  -8.883  -4.537  1.00 40.16 ? 513 HOH B O   1 
HETATM 1601 O O   . HOH H 4 .  ? -10.516 14.875  8.960   1.00 56.77 ? 514 HOH B O   1 
HETATM 1602 O O   . HOH H 4 .  ? -6.323  -10.499 -4.396  1.00 47.42 ? 515 HOH B O   1 
HETATM 1603 O O   . HOH H 4 .  ? -19.915 -9.950  -0.972  1.00 48.29 ? 516 HOH B O   1 
HETATM 1604 O O   . HOH H 4 .  ? 4.376   13.144  4.255   1.00 57.76 ? 517 HOH B O   1 
HETATM 1605 O O   . HOH H 4 .  ? -11.237 -7.658  -2.343  1.00 39.48 ? 518 HOH B O   1 
HETATM 1606 O O   . HOH H 4 .  ? -15.370 -2.591  -6.429  1.00 26.55 ? 519 HOH B O   1 
HETATM 1607 O O   . HOH H 4 .  ? -20.086 -0.552  -10.004 1.00 41.63 ? 520 HOH B O   1 
HETATM 1608 O O   . HOH H 4 .  ? -7.244  -8.661  -6.921  1.00 39.74 ? 521 HOH B O   1 
HETATM 1609 O O   . HOH H 4 .  ? -11.425 10.897  6.389   1.00 39.90 ? 522 HOH B O   1 
HETATM 1610 O O   . HOH H 4 .  ? 3.338   11.796  -4.595  1.00 33.21 ? 523 HOH B O   1 
HETATM 1611 O O   . HOH H 4 .  ? 6.134   12.637  -5.188  1.00 46.40 ? 524 HOH B O   1 
HETATM 1612 O O   . HOH H 4 .  ? -14.234 -2.603  -8.970  1.00 32.24 ? 525 HOH B O   1 
HETATM 1613 O O   . HOH H 4 .  ? -6.092  14.259  -15.864 1.00 70.43 ? 526 HOH B O   1 
HETATM 1614 O O   . HOH H 4 .  ? -21.392 8.811   -4.087  1.00 53.17 ? 527 HOH B O   1 
HETATM 1615 O O   . HOH H 4 .  ? 5.133   12.103  1.743   1.00 46.35 ? 528 HOH B O   1 
HETATM 1616 O O   . HOH H 4 .  ? -12.162 14.634  -6.946  1.00 41.78 ? 529 HOH B O   1 
HETATM 1617 O O   . HOH H 4 .  ? -8.793  -5.831  -5.221  1.00 48.49 ? 530 HOH B O   1 
HETATM 1618 O O   . HOH H 4 .  ? 0.455   19.417  0.152   1.00 57.78 ? 531 HOH B O   1 
HETATM 1619 O O   . HOH H 4 .  ? 4.010   9.289   -4.656  1.00 60.64 ? 532 HOH B O   1 
HETATM 1620 O O   . HOH I 4 .  ? 10.808  6.078   13.688  1.00 48.58 ? 509 HOH P O   1 
HETATM 1621 O O   . HOH I 4 .  ? -1.044  -2.472  6.673   1.00 21.73 ? 510 HOH P O   1 
HETATM 1622 O O   . HOH I 4 .  ? 2.512   5.323   3.370   1.00 31.24 ? 511 HOH P O   1 
HETATM 1623 O O   . HOH I 4 .  ? -2.806  -6.268  -1.384  1.00 26.55 ? 512 HOH P O   1 
# 
